data_3N96
#
_entry.id   3N96
#
_cell.length_a   54.063
_cell.length_b   211.551
_cell.length_c   107.839
_cell.angle_alpha   90.000
_cell.angle_beta   104.370
_cell.angle_gamma   90.000
#
_symmetry.space_group_name_H-M   'P 1 21 1'
#
loop_
_entity.id
_entity.type
_entity.pdbx_description
1 polymer 'Maltose binding protein-CRFR2 alpha'
2 polymer Urocortin
3 branched alpha-D-glucopyranose-(1-4)-alpha-D-glucopyranose
4 water water
#
loop_
_entity_poly.entity_id
_entity_poly.type
_entity_poly.pdbx_seq_one_letter_code
_entity_poly.pdbx_strand_id
1 'polypeptide(L)'
;MAKIEEGKLVIWINGDKGYNGLAEVGKKFEKDTGIKVTVEHPDKLEEKFPQVAATGDGPDIIFWAHDRFGGYAQSGLLAE
ITPDKAFQDKLYPFTWDAVRYNGKLIAYPIAVEALSLIYNKDLLPNPPKTWEEIPALDKELKAKGKSALMFNLQEPYFTW
PLIAADGGYAFKYENGKYDIKDVGVDNAGAKAGLTFLVDLIKNKHMNADTDYSIAEAAFNKGETAMTINGPWAWSNIDTS
KVNYGVTVLPTFKGQPSKPFVGVLSAGINAASPNKELAKEFLENYLLTDEGLEAVNKDKPLGAVALKSYEEELAKDPRIA
ATMENAQKGEIMPNIPQMSAFWYAVRTAVINAASGRQTVDEALKDAQTNAAAEFAALLHSLLEANCSLALAEELLLDGWG
PPLDPEGPYSYCNTTLDQIGTCWPRSAAGALVERPCPEYFNGVKYNTTRNAYRECLENGTWASKINYSQCEPILDDHHHH
HH
;
A,B,C,D
2 'polypeptide(L)' SQRERAEQNRIIFDSV(NH2) E,F,G,H
#
loop_
_chem_comp.id
_chem_comp.type
_chem_comp.name
_chem_comp.formula
GLC D-saccharide, alpha linking alpha-D-glucopyranose 'C6 H12 O6'
NH2 non-polymer 'AMINO GROUP' 'H2 N'
#
# COMPACT_ATOMS: atom_id res chain seq x y z
N LYS A 3 25.52 -15.09 -13.57
CA LYS A 3 24.36 -14.26 -13.10
C LYS A 3 24.68 -12.75 -13.06
N ILE A 4 23.59 -11.96 -13.10
CA ILE A 4 23.58 -10.48 -13.04
C ILE A 4 24.36 -9.97 -11.79
N GLU A 5 24.97 -8.78 -11.84
CA GLU A 5 25.75 -8.35 -10.67
C GLU A 5 24.87 -7.70 -9.58
N GLU A 6 25.04 -8.15 -8.33
CA GLU A 6 24.26 -7.65 -7.20
C GLU A 6 24.76 -6.25 -6.91
N GLY A 7 23.84 -5.30 -6.73
CA GLY A 7 24.23 -3.92 -6.34
C GLY A 7 24.48 -2.97 -7.48
N LYS A 8 24.11 -3.36 -8.70
CA LYS A 8 24.03 -2.43 -9.82
C LYS A 8 22.73 -2.69 -10.63
N LEU A 9 22.44 -1.87 -11.65
CA LEU A 9 21.34 -2.17 -12.52
C LEU A 9 21.82 -2.07 -13.93
N VAL A 10 21.64 -3.13 -14.70
CA VAL A 10 21.88 -3.05 -16.13
C VAL A 10 20.54 -2.92 -16.82
N ILE A 11 20.45 -2.08 -17.84
CA ILE A 11 19.19 -1.86 -18.50
C ILE A 11 19.38 -1.93 -20.02
N TRP A 12 18.55 -2.74 -20.69
CA TRP A 12 18.52 -2.80 -22.17
C TRP A 12 17.35 -2.01 -22.73
N ILE A 13 17.67 -1.01 -23.53
CA ILE A 13 16.66 -0.36 -24.26
C ILE A 13 17.13 -0.39 -25.71
N ASN A 14 16.21 -0.33 -26.67
CA ASN A 14 16.50 -0.29 -28.10
C ASN A 14 17.19 1.02 -28.56
N GLY A 15 18.09 0.87 -29.52
CA GLY A 15 18.93 1.98 -30.02
C GLY A 15 18.18 3.17 -30.58
N ASP A 16 16.97 2.99 -31.08
CA ASP A 16 16.27 4.12 -31.67
C ASP A 16 15.65 5.01 -30.61
N LYS A 17 15.44 4.47 -29.41
CA LYS A 17 14.78 5.18 -28.29
C LYS A 17 15.70 6.18 -27.59
N GLY A 18 15.22 6.80 -26.52
CA GLY A 18 15.97 7.83 -25.83
C GLY A 18 16.92 7.39 -24.72
N TYR A 19 17.94 6.61 -25.11
CA TYR A 19 18.74 5.90 -24.13
C TYR A 19 19.70 6.75 -23.36
N ASN A 20 20.01 7.93 -23.87
CA ASN A 20 20.86 8.88 -23.17
C ASN A 20 20.08 9.71 -22.16
N GLY A 21 18.83 10.01 -22.45
CA GLY A 21 17.92 10.56 -21.45
C GLY A 21 17.78 9.55 -20.32
N LEU A 22 17.52 8.29 -20.68
CA LEU A 22 17.38 7.28 -19.68
C LEU A 22 18.61 7.19 -18.78
N ALA A 23 19.81 7.26 -19.34
CA ALA A 23 20.99 7.18 -18.48
C ALA A 23 21.16 8.38 -17.52
N GLU A 24 20.61 9.55 -17.89
CA GLU A 24 20.64 10.72 -17.01
C GLU A 24 19.69 10.45 -15.87
N VAL A 25 18.59 9.79 -16.14
CA VAL A 25 17.69 9.40 -15.04
C VAL A 25 18.40 8.40 -14.17
N GLY A 26 19.28 7.64 -14.80
CA GLY A 26 20.07 6.65 -14.11
C GLY A 26 21.17 7.31 -13.33
N LYS A 27 21.62 8.46 -13.80
CA LYS A 27 22.69 9.18 -13.16
C LYS A 27 22.13 9.84 -11.91
N LYS A 28 20.90 10.35 -11.97
CA LYS A 28 20.25 10.87 -10.79
C LYS A 28 19.96 9.82 -9.71
N PHE A 29 19.58 8.60 -10.10
CA PHE A 29 19.38 7.47 -9.19
C PHE A 29 20.69 7.10 -8.50
N GLU A 30 21.79 7.19 -9.22
CA GLU A 30 23.11 6.91 -8.64
C GLU A 30 23.46 7.93 -7.54
N LYS A 31 23.36 9.21 -7.89
CA LYS A 31 23.57 10.30 -6.95
C LYS A 31 22.89 10.02 -5.63
N ASP A 32 21.68 9.48 -5.66
CA ASP A 32 20.93 9.41 -4.42
C ASP A 32 21.24 8.14 -3.63
N THR A 33 21.46 7.05 -4.34
CA THR A 33 21.48 5.72 -3.73
C THR A 33 22.86 5.09 -3.77
N GLY A 34 23.71 5.59 -4.69
CA GLY A 34 25.08 5.10 -4.86
C GLY A 34 25.17 3.90 -5.78
N ILE A 35 24.07 3.58 -6.47
CA ILE A 35 23.98 2.37 -7.23
C ILE A 35 24.14 2.64 -8.72
N LYS A 36 25.30 2.22 -9.23
CA LYS A 36 25.64 2.33 -10.65
C LYS A 36 24.50 1.81 -11.54
N VAL A 37 24.08 2.60 -12.53
CA VAL A 37 23.02 2.23 -13.43
C VAL A 37 23.58 2.23 -14.83
N THR A 38 23.66 1.08 -15.49
CA THR A 38 24.17 1.06 -16.86
C THR A 38 23.08 0.80 -17.91
N VAL A 39 23.00 1.71 -18.87
CA VAL A 39 22.12 1.57 -20.02
C VAL A 39 22.87 1.08 -21.28
N GLU A 40 22.41 -0.01 -21.86
CA GLU A 40 23.00 -0.57 -23.07
C GLU A 40 21.93 -0.77 -24.12
N HIS A 41 22.33 -0.78 -25.39
CA HIS A 41 21.40 -1.03 -26.51
C HIS A 41 21.97 -2.06 -27.47
N PRO A 42 21.99 -3.35 -27.05
CA PRO A 42 22.44 -4.45 -27.91
C PRO A 42 21.53 -4.55 -29.11
N ASP A 43 22.05 -5.03 -30.24
CA ASP A 43 21.19 -5.24 -31.40
C ASP A 43 20.36 -6.52 -31.23
N LYS A 44 19.15 -6.49 -31.78
CA LYS A 44 18.22 -7.63 -31.76
C LYS A 44 17.93 -8.02 -30.32
N LEU A 45 17.55 -6.97 -29.59
CA LEU A 45 17.46 -6.99 -28.17
C LEU A 45 16.44 -8.05 -27.69
N GLU A 46 15.30 -8.04 -28.37
CA GLU A 46 14.11 -8.79 -28.03
C GLU A 46 14.20 -10.26 -28.43
N GLU A 47 15.23 -10.60 -29.19
CA GLU A 47 15.56 -12.00 -29.39
C GLU A 47 16.72 -12.37 -28.48
N LYS A 48 17.57 -11.39 -28.17
CA LYS A 48 18.77 -11.63 -27.34
C LYS A 48 18.36 -11.80 -25.92
N PHE A 49 17.33 -11.08 -25.51
CA PHE A 49 16.92 -11.12 -24.11
C PHE A 49 16.47 -12.51 -23.64
N PRO A 50 15.63 -13.22 -24.41
CA PRO A 50 15.28 -14.58 -23.95
C PRO A 50 16.36 -15.64 -24.10
N GLN A 51 17.29 -15.48 -25.04
CA GLN A 51 18.43 -16.40 -25.09
C GLN A 51 19.19 -16.34 -23.79
N VAL A 52 19.56 -15.11 -23.37
CA VAL A 52 20.44 -14.92 -22.21
C VAL A 52 19.71 -14.99 -20.90
N ALA A 53 18.45 -14.53 -20.88
CA ALA A 53 17.70 -14.52 -19.60
C ALA A 53 17.40 -15.95 -19.19
N ALA A 54 17.05 -16.77 -20.19
CA ALA A 54 16.73 -18.17 -19.98
C ALA A 54 17.78 -18.85 -19.11
N THR A 55 19.05 -18.36 -19.17
CA THR A 55 20.19 -18.95 -18.43
C THR A 55 20.59 -18.19 -17.14
N GLY A 56 19.76 -17.24 -16.70
CA GLY A 56 20.04 -16.51 -15.45
C GLY A 56 20.94 -15.29 -15.60
N ASP A 57 21.07 -14.85 -16.85
CA ASP A 57 21.96 -13.76 -17.22
C ASP A 57 21.17 -12.60 -17.84
N GLY A 58 21.84 -11.50 -18.18
CA GLY A 58 21.20 -10.44 -18.95
C GLY A 58 20.93 -9.21 -18.15
N PRO A 59 20.06 -8.32 -18.66
CA PRO A 59 19.76 -7.03 -18.04
C PRO A 59 18.90 -7.19 -16.79
N ASP A 60 18.95 -6.21 -15.89
CA ASP A 60 18.04 -6.17 -14.72
C ASP A 60 16.66 -5.72 -15.22
N ILE A 61 16.67 -4.75 -16.14
CA ILE A 61 15.46 -4.17 -16.62
C ILE A 61 15.52 -4.17 -18.15
N ILE A 62 14.46 -4.70 -18.80
CA ILE A 62 14.34 -4.67 -20.24
C ILE A 62 13.21 -3.76 -20.68
N PHE A 63 13.44 -3.05 -21.77
CA PHE A 63 12.49 -2.12 -22.36
C PHE A 63 12.10 -2.52 -23.78
N TRP A 64 10.78 -2.59 -24.01
CA TRP A 64 10.30 -2.95 -25.32
C TRP A 64 8.81 -2.78 -25.33
N ALA A 65 8.22 -2.87 -26.54
CA ALA A 65 6.77 -2.82 -26.72
C ALA A 65 6.20 -4.07 -26.08
N HIS A 66 5.01 -3.96 -25.54
CA HIS A 66 4.46 -4.96 -24.67
C HIS A 66 4.18 -6.31 -25.37
N ASP A 67 4.21 -6.34 -26.70
CA ASP A 67 3.88 -7.55 -27.43
C ASP A 67 4.82 -8.75 -27.23
N ARG A 68 6.03 -8.53 -26.71
CA ARG A 68 6.98 -9.64 -26.53
C ARG A 68 7.02 -10.15 -25.10
N PHE A 69 6.42 -9.35 -24.23
CA PHE A 69 6.39 -9.64 -22.83
C PHE A 69 5.55 -10.86 -22.54
N GLY A 70 4.46 -11.03 -23.27
CA GLY A 70 3.68 -12.26 -23.14
C GLY A 70 4.51 -13.53 -23.22
N GLY A 71 5.29 -13.71 -24.28
CA GLY A 71 6.23 -14.79 -24.43
C GLY A 71 7.34 -14.83 -23.40
N TYR A 72 7.87 -13.69 -23.00
CA TYR A 72 8.84 -13.68 -21.89
C TYR A 72 8.24 -14.16 -20.54
N ALA A 73 7.01 -13.78 -20.23
CA ALA A 73 6.42 -14.16 -18.98
C ALA A 73 5.99 -15.65 -19.04
N GLN A 74 5.46 -16.06 -20.20
CA GLN A 74 5.08 -17.45 -20.41
C GLN A 74 6.28 -18.33 -20.06
N SER A 75 7.43 -17.99 -20.62
CA SER A 75 8.65 -18.72 -20.40
C SER A 75 9.26 -18.43 -19.07
N GLY A 76 8.60 -17.68 -18.18
CA GLY A 76 9.08 -17.48 -16.79
C GLY A 76 10.25 -16.54 -16.50
N LEU A 77 10.51 -15.60 -17.41
CA LEU A 77 11.70 -14.79 -17.44
C LEU A 77 11.48 -13.42 -16.87
N LEU A 78 10.21 -13.03 -16.74
CA LEU A 78 9.88 -11.73 -16.12
C LEU A 78 9.31 -11.91 -14.73
N ALA A 79 9.72 -11.06 -13.81
CA ALA A 79 9.22 -11.05 -12.43
C ALA A 79 7.86 -10.35 -12.30
N GLU A 80 7.02 -10.80 -11.42
CA GLU A 80 5.72 -10.17 -11.28
C GLU A 80 5.92 -8.82 -10.63
N ILE A 81 5.36 -7.78 -11.20
CA ILE A 81 5.55 -6.49 -10.57
C ILE A 81 4.36 -6.21 -9.66
N THR A 82 4.60 -5.58 -8.51
CA THR A 82 3.49 -5.20 -7.63
C THR A 82 3.63 -3.72 -7.28
N PRO A 83 2.95 -2.88 -8.08
CA PRO A 83 2.80 -1.48 -7.69
C PRO A 83 1.59 -1.34 -6.81
N ASP A 84 1.60 -0.38 -5.90
CA ASP A 84 0.49 -0.21 -4.96
C ASP A 84 -0.64 0.60 -5.61
N LYS A 85 -1.79 0.70 -4.94
CA LYS A 85 -2.97 1.31 -5.58
C LYS A 85 -2.61 2.69 -6.06
N ALA A 86 -2.06 3.48 -5.16
CA ALA A 86 -1.75 4.86 -5.43
C ALA A 86 -0.96 4.98 -6.71
N PHE A 87 0.06 4.14 -6.87
CA PHE A 87 0.85 4.14 -8.13
C PHE A 87 0.02 3.77 -9.36
N GLN A 88 -0.87 2.79 -9.28
CA GLN A 88 -1.65 2.42 -10.44
C GLN A 88 -2.65 3.48 -10.91
N ASP A 89 -3.08 4.34 -10.01
CA ASP A 89 -3.92 5.47 -10.39
C ASP A 89 -3.13 6.56 -11.17
N LYS A 90 -1.82 6.47 -11.18
CA LYS A 90 -1.02 7.50 -11.81
C LYS A 90 -0.87 7.28 -13.32
N LEU A 91 -1.12 6.05 -13.77
CA LEU A 91 -1.06 5.68 -15.19
C LEU A 91 -2.44 5.28 -15.69
N TYR A 92 -2.67 5.34 -17.00
CA TYR A 92 -3.97 4.97 -17.59
C TYR A 92 -4.35 3.47 -17.49
N PRO A 93 -5.63 3.17 -17.22
CA PRO A 93 -6.07 1.77 -17.22
C PRO A 93 -5.61 0.98 -18.46
N PHE A 94 -5.81 1.53 -19.67
CA PHE A 94 -5.55 0.70 -20.88
C PHE A 94 -4.07 0.34 -21.07
N THR A 95 -3.19 0.99 -20.32
CA THR A 95 -1.77 0.76 -20.44
C THR A 95 -1.39 -0.35 -19.46
N TRP A 96 -2.13 -0.49 -18.36
CA TRP A 96 -1.91 -1.66 -17.51
C TRP A 96 -2.42 -2.89 -18.27
N ASP A 97 -3.58 -2.77 -18.94
CA ASP A 97 -4.09 -3.88 -19.75
C ASP A 97 -3.03 -4.45 -20.66
N ALA A 98 -2.22 -3.62 -21.28
CA ALA A 98 -1.29 -4.17 -22.26
C ALA A 98 -0.17 -4.97 -21.61
N VAL A 99 0.10 -4.70 -20.34
CA VAL A 99 1.17 -5.38 -19.60
C VAL A 99 0.62 -6.49 -18.69
N ARG A 100 -0.59 -6.92 -18.97
CA ARG A 100 -1.17 -7.94 -18.11
C ARG A 100 -1.07 -9.31 -18.82
N TYR A 101 -0.63 -10.34 -18.09
CA TYR A 101 -0.53 -11.69 -18.63
C TYR A 101 -1.00 -12.76 -17.62
N ASN A 102 -2.10 -13.40 -17.94
CA ASN A 102 -2.84 -14.19 -16.98
C ASN A 102 -3.22 -13.44 -15.71
N GLY A 103 -3.65 -12.19 -15.84
CA GLY A 103 -4.12 -11.42 -14.69
C GLY A 103 -3.03 -11.12 -13.68
N LYS A 104 -1.77 -11.23 -14.10
CA LYS A 104 -0.62 -10.71 -13.35
C LYS A 104 0.02 -9.56 -14.12
N LEU A 105 0.40 -8.48 -13.43
CA LEU A 105 1.13 -7.38 -14.06
C LEU A 105 2.57 -7.79 -14.21
N ILE A 106 3.06 -7.81 -15.46
CA ILE A 106 4.41 -8.27 -15.76
C ILE A 106 5.37 -7.20 -16.33
N ALA A 107 4.98 -5.93 -16.27
CA ALA A 107 5.85 -4.84 -16.68
C ALA A 107 5.21 -3.50 -16.39
N TYR A 108 6.02 -2.46 -16.44
CA TYR A 108 5.55 -1.10 -16.25
C TYR A 108 5.34 -0.48 -17.60
N PRO A 109 4.16 0.15 -17.81
CA PRO A 109 3.90 0.89 -19.02
C PRO A 109 4.68 2.21 -19.04
N ILE A 110 5.28 2.55 -20.17
CA ILE A 110 6.00 3.81 -20.25
C ILE A 110 5.32 4.80 -21.20
N ALA A 111 4.96 4.34 -22.40
CA ALA A 111 4.40 5.21 -23.42
C ALA A 111 3.73 4.44 -24.53
N VAL A 112 2.78 5.08 -25.18
CA VAL A 112 2.09 4.50 -26.30
C VAL A 112 2.75 4.99 -27.56
N GLU A 113 2.90 4.10 -28.52
CA GLU A 113 3.61 4.44 -29.76
C GLU A 113 2.86 3.90 -30.97
N ALA A 114 2.57 4.79 -31.91
CA ALA A 114 1.92 4.37 -33.11
C ALA A 114 2.60 5.10 -34.26
N LEU A 115 2.65 4.50 -35.44
CA LEU A 115 3.33 5.10 -36.61
C LEU A 115 2.51 6.21 -37.22
N SER A 116 3.15 7.23 -37.75
CA SER A 116 2.41 8.32 -38.39
C SER A 116 3.03 8.63 -39.73
N LEU A 117 2.28 9.36 -40.56
CA LEU A 117 2.83 9.77 -41.86
C LEU A 117 3.65 11.04 -41.56
N ILE A 118 4.94 10.97 -41.84
CA ILE A 118 5.76 12.14 -41.65
C ILE A 118 6.11 12.71 -43.03
N TYR A 119 5.94 14.00 -43.19
CA TYR A 119 6.05 14.59 -44.49
C TYR A 119 6.70 15.94 -44.41
N ASN A 120 7.26 16.32 -45.56
CA ASN A 120 8.08 17.52 -45.76
C ASN A 120 7.26 18.69 -46.29
N LYS A 121 7.05 19.71 -45.46
CA LYS A 121 6.09 20.74 -45.83
C LYS A 121 6.51 21.58 -47.00
N ASP A 122 7.79 21.52 -47.35
CA ASP A 122 8.27 22.33 -48.46
C ASP A 122 8.12 21.60 -49.77
N LEU A 123 8.11 20.28 -49.72
CA LEU A 123 7.95 19.49 -50.92
C LEU A 123 6.49 19.20 -51.15
N LEU A 124 5.78 19.08 -50.06
CA LEU A 124 4.40 18.67 -50.08
C LEU A 124 3.60 19.52 -49.13
N PRO A 125 3.04 20.63 -49.60
CA PRO A 125 2.26 21.41 -48.63
C PRO A 125 1.10 20.60 -48.12
N ASN A 126 0.47 19.80 -49.00
CA ASN A 126 -0.71 18.98 -48.70
C ASN A 126 -0.47 17.49 -48.82
N PRO A 127 -0.15 16.83 -47.71
CA PRO A 127 0.17 15.41 -47.80
C PRO A 127 -1.03 14.68 -48.37
N PRO A 128 -0.81 13.57 -49.08
CA PRO A 128 -1.97 12.98 -49.70
C PRO A 128 -2.82 12.26 -48.65
N LYS A 129 -4.09 12.07 -49.01
CA LYS A 129 -5.07 11.46 -48.12
C LYS A 129 -5.11 9.93 -48.32
N THR A 130 -4.77 9.50 -49.55
CA THR A 130 -4.85 8.10 -49.95
C THR A 130 -3.54 7.47 -50.50
N TRP A 131 -3.40 6.18 -50.34
CA TRP A 131 -2.25 5.46 -50.84
C TRP A 131 -2.16 5.53 -52.36
N GLU A 132 -3.29 5.35 -52.99
CA GLU A 132 -3.43 5.31 -54.45
C GLU A 132 -2.87 6.55 -55.15
N GLU A 133 -2.92 7.69 -54.44
CA GLU A 133 -2.45 8.98 -54.89
C GLU A 133 -0.92 8.99 -55.03
N ILE A 134 -0.26 8.09 -54.31
CA ILE A 134 1.19 8.06 -54.20
C ILE A 134 1.88 7.81 -55.51
N PRO A 135 1.47 6.80 -56.30
CA PRO A 135 2.11 6.61 -57.61
C PRO A 135 2.16 7.87 -58.47
N ALA A 136 1.08 8.63 -58.57
CA ALA A 136 1.10 9.81 -59.44
C ALA A 136 2.01 10.88 -58.84
N LEU A 137 2.09 10.86 -57.51
CA LEU A 137 2.81 11.86 -56.74
C LEU A 137 4.30 11.65 -56.89
N ASP A 138 4.70 10.40 -57.02
CA ASP A 138 6.07 10.08 -57.14
C ASP A 138 6.51 10.50 -58.51
N LYS A 139 5.63 10.29 -59.49
CA LYS A 139 5.97 10.62 -60.83
C LYS A 139 6.31 12.11 -60.94
N GLU A 140 5.60 12.97 -60.23
CA GLU A 140 5.87 14.42 -60.34
C GLU A 140 6.97 14.91 -59.41
N LEU A 141 7.35 14.09 -58.45
CA LEU A 141 8.47 14.46 -57.60
C LEU A 141 9.78 13.90 -58.12
N LYS A 142 9.74 12.75 -58.83
CA LYS A 142 10.89 12.24 -59.62
C LYS A 142 11.33 13.28 -60.63
N ALA A 143 10.39 14.04 -61.14
CA ALA A 143 10.67 15.15 -62.03
C ALA A 143 11.43 16.29 -61.35
N LYS A 144 11.47 16.27 -60.02
CA LYS A 144 12.18 17.27 -59.25
C LYS A 144 13.42 16.70 -58.55
N GLY A 145 13.82 15.50 -58.97
CA GLY A 145 15.02 14.88 -58.46
C GLY A 145 14.80 14.36 -57.08
N LYS A 146 13.56 14.01 -56.80
CA LYS A 146 13.12 13.71 -55.45
C LYS A 146 12.23 12.50 -55.51
N SER A 147 11.72 12.09 -54.37
CA SER A 147 10.93 10.88 -54.28
C SER A 147 9.70 11.00 -53.29
N ALA A 148 8.63 10.28 -53.56
CA ALA A 148 7.44 10.49 -52.79
C ALA A 148 7.55 9.94 -51.37
N LEU A 149 7.91 8.66 -51.24
CA LEU A 149 7.85 8.01 -49.95
C LEU A 149 8.91 6.94 -49.69
N MET A 150 9.58 7.04 -48.54
CA MET A 150 10.56 6.04 -48.13
C MET A 150 10.30 5.63 -46.70
N PHE A 151 10.21 4.34 -46.47
CA PHE A 151 10.16 3.90 -45.10
C PHE A 151 10.78 2.52 -45.06
N ASN A 152 10.98 2.02 -43.84
CA ASN A 152 11.59 0.74 -43.60
C ASN A 152 10.71 -0.40 -44.09
N LEU A 153 11.21 -1.15 -45.07
CA LEU A 153 10.51 -2.26 -45.70
C LEU A 153 10.96 -3.58 -45.12
N GLN A 154 12.02 -3.52 -44.33
CA GLN A 154 12.57 -4.75 -43.75
C GLN A 154 11.98 -5.10 -42.36
N GLU A 155 11.00 -4.33 -41.85
CA GLU A 155 10.42 -4.65 -40.55
C GLU A 155 8.89 -4.60 -40.71
N PRO A 156 8.19 -5.74 -40.52
CA PRO A 156 6.77 -5.84 -40.82
C PRO A 156 5.90 -4.81 -40.13
N TYR A 157 6.32 -4.35 -38.96
CA TYR A 157 5.67 -3.32 -38.21
C TYR A 157 5.36 -2.10 -39.02
N PHE A 158 6.24 -1.81 -39.97
CA PHE A 158 6.01 -0.67 -40.85
C PHE A 158 5.05 -0.88 -42.02
N THR A 159 4.91 -2.13 -42.48
CA THR A 159 4.09 -2.34 -43.69
C THR A 159 2.70 -2.77 -43.31
N TRP A 160 2.52 -3.03 -42.02
CA TRP A 160 1.31 -3.61 -41.48
C TRP A 160 0.12 -2.67 -41.53
N PRO A 161 0.34 -1.39 -41.20
CA PRO A 161 -0.84 -0.56 -41.24
C PRO A 161 -1.57 -0.63 -42.59
N LEU A 162 -0.81 -0.90 -43.68
CA LEU A 162 -1.35 -0.91 -45.02
C LEU A 162 -1.94 -2.27 -45.37
N ILE A 163 -1.25 -3.34 -45.02
CA ILE A 163 -1.80 -4.70 -45.10
C ILE A 163 -3.02 -4.91 -44.24
N ALA A 164 -3.19 -4.16 -43.16
CA ALA A 164 -4.39 -4.36 -42.32
C ALA A 164 -5.51 -3.47 -42.75
N ALA A 165 -5.18 -2.45 -43.52
CA ALA A 165 -6.16 -1.42 -43.88
C ALA A 165 -7.46 -2.01 -44.35
N ASP A 166 -7.37 -2.97 -45.25
CA ASP A 166 -8.51 -3.38 -46.05
C ASP A 166 -8.96 -4.79 -45.60
N GLY A 167 -8.60 -5.17 -44.37
CA GLY A 167 -9.05 -6.43 -43.79
C GLY A 167 -8.00 -7.41 -43.25
N GLY A 168 -6.73 -7.09 -43.26
CA GLY A 168 -5.77 -8.06 -42.81
C GLY A 168 -5.69 -7.94 -41.32
N TYR A 169 -5.63 -9.07 -40.63
CA TYR A 169 -5.47 -9.04 -39.18
C TYR A 169 -4.53 -10.13 -38.68
N ALA A 170 -3.91 -9.90 -37.52
CA ALA A 170 -3.13 -10.95 -36.86
C ALA A 170 -4.07 -12.07 -36.42
N PHE A 171 -4.54 -12.00 -35.18
CA PHE A 171 -5.43 -13.01 -34.60
C PHE A 171 -6.81 -12.43 -34.31
N LYS A 172 -7.86 -13.09 -34.74
CA LYS A 172 -9.18 -12.54 -34.50
C LYS A 172 -9.53 -12.36 -33.00
N TYR A 173 -10.07 -11.19 -32.62
CA TYR A 173 -10.51 -10.96 -31.22
C TYR A 173 -12.00 -11.21 -31.08
N GLU A 174 -12.37 -12.09 -30.16
CA GLU A 174 -13.74 -12.44 -30.01
C GLU A 174 -14.07 -12.64 -28.55
N ASN A 175 -14.83 -11.66 -28.04
CA ASN A 175 -15.29 -11.62 -26.66
C ASN A 175 -14.20 -11.89 -25.61
N GLY A 176 -13.14 -11.07 -25.61
CA GLY A 176 -12.08 -11.22 -24.58
C GLY A 176 -10.88 -12.07 -24.99
N LYS A 177 -11.10 -13.01 -25.92
CA LYS A 177 -10.04 -13.92 -26.30
C LYS A 177 -9.51 -13.68 -27.72
N TYR A 178 -8.21 -13.83 -27.86
CA TYR A 178 -7.67 -14.04 -29.19
C TYR A 178 -7.86 -15.50 -29.59
N ASP A 179 -8.16 -15.71 -30.86
CA ASP A 179 -8.22 -17.05 -31.39
C ASP A 179 -6.98 -17.36 -32.23
N ILE A 180 -6.01 -18.02 -31.60
CA ILE A 180 -4.80 -18.40 -32.30
C ILE A 180 -5.10 -19.37 -33.45
N LYS A 181 -6.32 -19.90 -33.53
CA LYS A 181 -6.69 -20.74 -34.70
C LYS A 181 -7.33 -19.93 -35.84
N ASP A 182 -7.31 -18.59 -35.73
CA ASP A 182 -7.97 -17.68 -36.69
C ASP A 182 -7.05 -16.51 -36.98
N VAL A 183 -6.36 -16.63 -38.12
CA VAL A 183 -5.24 -15.80 -38.46
C VAL A 183 -5.65 -15.11 -39.75
N GLY A 184 -5.46 -13.79 -39.86
CA GLY A 184 -5.95 -13.06 -41.02
C GLY A 184 -4.84 -12.45 -41.85
N VAL A 185 -3.87 -13.27 -42.24
CA VAL A 185 -2.69 -12.80 -42.92
C VAL A 185 -2.82 -13.06 -44.44
N ASP A 186 -3.65 -14.05 -44.77
CA ASP A 186 -3.79 -14.49 -46.14
C ASP A 186 -5.19 -14.19 -46.62
N ASN A 187 -5.93 -13.35 -45.92
CA ASN A 187 -7.23 -13.02 -46.45
C ASN A 187 -7.15 -12.05 -47.66
N ALA A 188 -8.31 -11.66 -48.20
CA ALA A 188 -8.37 -10.82 -49.39
C ALA A 188 -7.83 -9.46 -49.05
N GLY A 189 -8.10 -8.97 -47.85
CA GLY A 189 -7.58 -7.66 -47.44
C GLY A 189 -6.05 -7.62 -47.38
N ALA A 190 -5.47 -8.61 -46.70
CA ALA A 190 -4.03 -8.72 -46.59
C ALA A 190 -3.40 -8.73 -47.98
N LYS A 191 -3.90 -9.59 -48.85
CA LYS A 191 -3.49 -9.66 -50.24
C LYS A 191 -3.48 -8.35 -51.00
N ALA A 192 -4.54 -7.55 -50.84
CA ALA A 192 -4.69 -6.32 -51.60
C ALA A 192 -3.62 -5.35 -51.18
N GLY A 193 -3.45 -5.26 -49.88
CA GLY A 193 -2.51 -4.30 -49.33
C GLY A 193 -1.09 -4.64 -49.70
N LEU A 194 -0.75 -5.92 -49.68
CA LEU A 194 0.62 -6.29 -49.94
C LEU A 194 0.91 -6.08 -51.39
N THR A 195 -0.10 -6.32 -52.25
CA THR A 195 -0.01 -6.25 -53.71
C THR A 195 0.21 -4.82 -54.10
N PHE A 196 -0.52 -3.94 -53.44
CA PHE A 196 -0.33 -2.55 -53.72
C PHE A 196 1.09 -2.13 -53.39
N LEU A 197 1.57 -2.54 -52.21
CA LEU A 197 2.94 -2.32 -51.85
C LEU A 197 3.98 -2.91 -52.79
N VAL A 198 3.72 -4.09 -53.36
CA VAL A 198 4.64 -4.75 -54.28
C VAL A 198 4.60 -4.06 -55.64
N ASP A 199 3.42 -3.57 -56.02
CA ASP A 199 3.31 -2.80 -57.26
C ASP A 199 4.05 -1.49 -57.26
N LEU A 200 4.13 -0.82 -56.11
CA LEU A 200 4.93 0.40 -56.03
C LEU A 200 6.37 0.07 -56.34
N ILE A 201 6.83 -1.08 -55.87
CA ILE A 201 8.19 -1.48 -56.11
C ILE A 201 8.39 -1.87 -57.59
N LYS A 202 7.59 -2.78 -58.11
CA LYS A 202 7.71 -3.17 -59.52
C LYS A 202 7.75 -1.93 -60.41
N ASN A 203 7.06 -0.88 -59.95
CA ASN A 203 6.90 0.33 -60.73
C ASN A 203 7.93 1.38 -60.32
N LYS A 204 8.90 0.93 -59.53
CA LYS A 204 10.06 1.72 -59.20
C LYS A 204 9.66 2.99 -58.48
N HIS A 205 8.51 2.99 -57.82
CA HIS A 205 8.21 4.09 -56.87
C HIS A 205 8.89 3.88 -55.52
N MET A 206 9.19 2.61 -55.17
CA MET A 206 10.00 2.28 -53.96
C MET A 206 11.01 1.21 -54.31
N ASN A 207 12.11 1.17 -53.57
CA ASN A 207 13.11 0.09 -53.57
C ASN A 207 12.93 -0.99 -52.46
N ALA A 208 12.98 -2.26 -52.85
CA ALA A 208 12.95 -3.37 -51.88
C ALA A 208 14.02 -3.29 -50.79
N ASP A 209 15.20 -2.78 -51.15
CA ASP A 209 16.34 -2.61 -50.24
C ASP A 209 16.10 -1.65 -49.10
N THR A 210 15.20 -0.69 -49.30
CA THR A 210 15.03 0.39 -48.35
C THR A 210 14.77 -0.10 -46.94
N ASP A 211 15.49 0.51 -46.01
CA ASP A 211 15.43 0.10 -44.64
C ASP A 211 15.47 1.33 -43.71
N TYR A 212 15.43 1.08 -42.39
CA TYR A 212 15.27 2.13 -41.42
C TYR A 212 16.21 3.32 -41.64
N SER A 213 17.47 3.03 -41.92
CA SER A 213 18.44 4.05 -41.84
C SER A 213 18.55 4.72 -43.19
N ILE A 214 18.19 3.99 -44.25
CA ILE A 214 18.30 4.61 -45.57
C ILE A 214 17.17 5.60 -45.64
N ALA A 215 15.99 5.19 -45.19
CA ALA A 215 14.80 6.06 -45.14
C ALA A 215 15.00 7.31 -44.28
N GLU A 216 15.47 7.13 -43.04
CA GLU A 216 15.68 8.24 -42.12
C GLU A 216 16.61 9.25 -42.76
N ALA A 217 17.77 8.79 -43.19
CA ALA A 217 18.77 9.60 -43.88
C ALA A 217 18.20 10.35 -45.08
N ALA A 218 17.53 9.58 -45.96
CA ALA A 218 16.89 10.12 -47.14
C ALA A 218 15.83 11.15 -46.79
N PHE A 219 14.98 10.84 -45.80
CA PHE A 219 14.05 11.87 -45.38
C PHE A 219 14.72 13.09 -44.78
N ASN A 220 15.75 12.90 -43.95
CA ASN A 220 16.27 14.02 -43.16
C ASN A 220 17.10 14.97 -44.04
N LYS A 221 17.48 14.46 -45.20
CA LYS A 221 18.28 15.18 -46.15
C LYS A 221 17.38 15.86 -47.22
N GLY A 222 16.06 15.77 -47.05
CA GLY A 222 15.09 16.34 -47.96
C GLY A 222 15.03 15.72 -49.34
N GLU A 223 15.26 14.41 -49.42
CA GLU A 223 15.35 13.69 -50.69
C GLU A 223 14.05 13.00 -51.06
N THR A 224 13.24 12.79 -50.02
CA THR A 224 11.96 12.14 -50.14
C THR A 224 10.95 12.98 -49.35
N ALA A 225 9.72 13.08 -49.85
CA ALA A 225 8.67 13.91 -49.24
C ALA A 225 7.99 13.31 -48.00
N MET A 226 8.04 11.99 -47.86
CA MET A 226 7.25 11.32 -46.85
C MET A 226 7.93 10.12 -46.31
N THR A 227 7.75 9.89 -45.04
CA THR A 227 8.21 8.67 -44.46
C THR A 227 7.12 8.25 -43.51
N ILE A 228 7.30 7.05 -42.97
CA ILE A 228 6.42 6.44 -41.99
C ILE A 228 7.31 6.02 -40.83
N ASN A 229 7.13 6.66 -39.67
CA ASN A 229 7.96 6.35 -38.54
C ASN A 229 7.24 6.72 -37.25
N GLY A 230 7.86 6.48 -36.12
CA GLY A 230 7.23 6.73 -34.86
C GLY A 230 7.77 8.01 -34.24
N PRO A 231 7.37 8.25 -32.98
CA PRO A 231 7.78 9.49 -32.33
C PRO A 231 9.30 9.60 -32.17
N TRP A 232 9.94 8.49 -31.80
CA TRP A 232 11.39 8.49 -31.55
C TRP A 232 12.15 9.15 -32.68
N ALA A 233 11.58 9.08 -33.88
CA ALA A 233 12.21 9.68 -35.04
C ALA A 233 12.13 11.20 -35.14
N TRP A 234 11.33 11.87 -34.32
CA TRP A 234 11.03 13.27 -34.55
C TRP A 234 12.25 14.10 -34.21
N SER A 235 12.99 13.63 -33.22
CA SER A 235 14.17 14.32 -32.75
C SER A 235 15.15 14.56 -33.89
N ASN A 236 15.52 13.48 -34.58
CA ASN A 236 16.48 13.63 -35.67
C ASN A 236 15.97 14.44 -36.82
N ILE A 237 14.66 14.65 -36.87
CA ILE A 237 14.12 15.50 -37.89
C ILE A 237 14.28 16.96 -37.46
N ASP A 238 13.91 17.27 -36.20
CA ASP A 238 14.09 18.62 -35.62
C ASP A 238 15.48 19.12 -35.93
N THR A 239 16.46 18.24 -35.71
CA THR A 239 17.91 18.51 -35.95
C THR A 239 18.31 18.75 -37.40
N SER A 240 17.69 18.01 -38.31
CA SER A 240 17.91 18.19 -39.75
C SER A 240 17.28 19.45 -40.30
N LYS A 241 16.47 20.11 -39.46
CA LYS A 241 15.83 21.37 -39.82
C LYS A 241 14.94 21.27 -41.06
N VAL A 242 14.46 20.07 -41.38
CA VAL A 242 13.41 19.91 -42.38
C VAL A 242 12.11 20.36 -41.77
N ASN A 243 11.42 21.28 -42.41
CA ASN A 243 10.13 21.71 -41.95
C ASN A 243 9.08 20.59 -42.13
N TYR A 244 8.82 19.85 -41.08
CA TYR A 244 8.08 18.60 -41.21
C TYR A 244 6.72 18.66 -40.51
N GLY A 245 5.74 17.92 -41.05
CA GLY A 245 4.47 17.67 -40.37
C GLY A 245 4.29 16.18 -39.99
N VAL A 246 3.40 15.96 -39.01
CA VAL A 246 3.03 14.62 -38.63
C VAL A 246 1.52 14.50 -38.72
N THR A 247 1.05 13.59 -39.56
CA THR A 247 -0.34 13.54 -39.99
C THR A 247 -0.92 12.10 -39.96
N VAL A 248 -2.19 11.99 -40.26
CA VAL A 248 -2.86 10.71 -40.26
C VAL A 248 -2.33 9.88 -41.43
N LEU A 249 -2.17 8.58 -41.20
CA LEU A 249 -1.77 7.69 -42.25
C LEU A 249 -2.77 7.72 -43.38
N PRO A 250 -2.29 7.64 -44.64
CA PRO A 250 -3.22 7.71 -45.73
C PRO A 250 -4.15 6.49 -45.79
N THR A 251 -5.35 6.66 -46.32
CA THR A 251 -6.27 5.56 -46.54
C THR A 251 -5.92 4.56 -47.67
N PHE A 252 -6.43 3.32 -47.58
CA PHE A 252 -6.29 2.36 -48.66
C PHE A 252 -7.63 1.78 -49.04
N LYS A 253 -7.99 1.93 -50.31
CA LYS A 253 -9.29 1.53 -50.80
C LYS A 253 -10.31 2.19 -49.91
N GLY A 254 -10.09 3.47 -49.62
CA GLY A 254 -10.94 4.25 -48.71
C GLY A 254 -10.91 3.94 -47.20
N GLN A 255 -10.16 2.91 -46.81
CA GLN A 255 -10.02 2.48 -45.42
C GLN A 255 -8.81 3.10 -44.71
N PRO A 256 -8.93 3.43 -43.40
CA PRO A 256 -7.79 3.94 -42.68
C PRO A 256 -6.71 2.88 -42.59
N SER A 257 -5.44 3.29 -42.60
CA SER A 257 -4.40 2.33 -42.29
C SER A 257 -4.45 2.10 -40.79
N LYS A 258 -4.04 0.90 -40.39
CA LYS A 258 -4.35 0.39 -39.09
C LYS A 258 -3.08 -0.03 -38.41
N PRO A 259 -2.24 0.93 -38.00
CA PRO A 259 -1.00 0.54 -37.36
C PRO A 259 -1.27 -0.33 -36.14
N PHE A 260 -0.31 -1.16 -35.83
CA PHE A 260 -0.39 -1.91 -34.63
C PHE A 260 0.17 -1.00 -33.57
N VAL A 261 -0.48 -0.91 -32.43
CA VAL A 261 -0.08 0.07 -31.44
C VAL A 261 0.75 -0.62 -30.36
N GLY A 262 1.86 -0.01 -29.97
CA GLY A 262 2.73 -0.60 -28.95
C GLY A 262 2.76 0.20 -27.66
N VAL A 263 2.72 -0.48 -26.52
CA VAL A 263 3.03 0.19 -25.28
C VAL A 263 4.48 -0.16 -24.90
N LEU A 264 5.34 0.84 -24.98
CA LEU A 264 6.69 0.72 -24.46
C LEU A 264 6.62 0.39 -22.96
N SER A 265 7.25 -0.70 -22.58
CA SER A 265 7.15 -1.17 -21.24
C SER A 265 8.51 -1.63 -20.70
N ALA A 266 8.59 -1.67 -19.37
CA ALA A 266 9.79 -2.02 -18.67
C ALA A 266 9.56 -3.25 -17.79
N GLY A 267 10.30 -4.31 -18.09
CA GLY A 267 10.15 -5.56 -17.40
C GLY A 267 11.35 -5.78 -16.53
N ILE A 268 11.16 -6.58 -15.48
CA ILE A 268 12.22 -6.90 -14.57
C ILE A 268 12.58 -8.38 -14.73
N ASN A 269 13.88 -8.65 -14.91
CA ASN A 269 14.39 -9.99 -15.10
C ASN A 269 14.10 -10.83 -13.91
N ALA A 270 13.47 -11.97 -14.16
CA ALA A 270 13.07 -12.85 -13.07
C ALA A 270 14.26 -13.26 -12.22
N ALA A 271 15.42 -13.37 -12.86
CA ALA A 271 16.65 -13.85 -12.24
C ALA A 271 17.53 -12.77 -11.60
N SER A 272 17.09 -11.50 -11.69
CA SER A 272 17.84 -10.37 -11.13
C SER A 272 17.88 -10.40 -9.61
N PRO A 273 19.06 -10.18 -9.02
CA PRO A 273 19.11 -10.04 -7.56
C PRO A 273 18.82 -8.63 -7.08
N ASN A 274 18.31 -7.79 -7.96
CA ASN A 274 18.10 -6.39 -7.63
C ASN A 274 16.68 -5.95 -7.85
N LYS A 275 15.73 -6.85 -7.70
CA LYS A 275 14.35 -6.52 -8.03
C LYS A 275 13.87 -5.24 -7.35
N GLU A 276 14.28 -5.09 -6.10
CA GLU A 276 13.91 -3.95 -5.30
C GLU A 276 14.47 -2.64 -5.81
N LEU A 277 15.72 -2.66 -6.23
CA LEU A 277 16.31 -1.47 -6.84
C LEU A 277 15.61 -1.12 -8.14
N ALA A 278 15.16 -2.14 -8.86
CA ALA A 278 14.54 -1.95 -10.15
C ALA A 278 13.23 -1.22 -9.96
N LYS A 279 12.47 -1.69 -8.98
CA LYS A 279 11.18 -1.10 -8.66
C LYS A 279 11.37 0.36 -8.24
N GLU A 280 12.33 0.64 -7.40
CA GLU A 280 12.45 1.98 -6.90
C GLU A 280 12.86 2.89 -8.06
N PHE A 281 13.72 2.38 -8.92
CA PHE A 281 14.19 3.16 -10.04
C PHE A 281 13.04 3.47 -10.95
N LEU A 282 12.30 2.45 -11.31
CA LEU A 282 11.21 2.62 -12.25
C LEU A 282 10.07 3.48 -11.71
N GLU A 283 9.68 3.23 -10.46
CA GLU A 283 8.57 3.91 -9.77
C GLU A 283 8.90 5.31 -9.34
N ASN A 284 10.07 5.52 -8.72
CA ASN A 284 10.39 6.81 -8.10
C ASN A 284 11.28 7.72 -8.92
N TYR A 285 11.86 7.22 -10.02
CA TYR A 285 12.75 8.04 -10.80
C TYR A 285 12.33 8.19 -12.23
N LEU A 286 12.21 7.08 -12.93
CA LEU A 286 11.68 7.10 -14.31
C LEU A 286 10.21 7.52 -14.44
N LEU A 287 9.29 6.81 -13.79
CA LEU A 287 7.85 7.18 -13.91
C LEU A 287 7.38 8.46 -13.20
N THR A 288 8.05 9.57 -13.50
CA THR A 288 7.81 10.87 -12.92
C THR A 288 8.00 11.91 -14.04
N ASP A 289 7.35 13.05 -13.94
CA ASP A 289 7.54 14.13 -14.91
C ASP A 289 9.00 14.38 -15.20
N GLU A 290 9.76 14.58 -14.13
CA GLU A 290 11.22 14.61 -14.17
C GLU A 290 11.86 13.48 -15.00
N GLY A 291 11.48 12.24 -14.73
CA GLY A 291 12.10 11.10 -15.37
C GLY A 291 11.74 10.97 -16.82
N LEU A 292 10.46 11.16 -17.13
CA LEU A 292 10.00 10.97 -18.48
C LEU A 292 10.46 12.10 -19.38
N GLU A 293 10.46 13.32 -18.85
CA GLU A 293 10.86 14.49 -19.58
C GLU A 293 12.33 14.32 -19.97
N ALA A 294 13.11 13.71 -19.11
CA ALA A 294 14.52 13.49 -19.44
C ALA A 294 14.67 12.60 -20.69
N VAL A 295 13.85 11.56 -20.76
CA VAL A 295 13.88 10.62 -21.89
C VAL A 295 13.15 11.18 -23.11
N ASN A 296 12.08 11.94 -22.88
CA ASN A 296 11.32 12.52 -23.97
C ASN A 296 12.16 13.58 -24.69
N LYS A 297 13.04 14.24 -23.94
CA LYS A 297 13.86 15.29 -24.51
C LYS A 297 15.04 14.72 -25.29
N ASP A 298 15.21 13.40 -25.20
CA ASP A 298 16.21 12.76 -25.97
C ASP A 298 15.57 12.30 -27.30
N LYS A 299 14.63 11.36 -27.22
CA LYS A 299 13.81 10.98 -28.34
C LYS A 299 12.41 10.89 -27.82
N PRO A 300 11.43 11.58 -28.48
CA PRO A 300 10.08 11.59 -27.95
C PRO A 300 9.50 10.17 -27.81
N LEU A 301 8.85 9.94 -26.68
CA LEU A 301 8.23 8.66 -26.36
C LEU A 301 6.87 8.34 -26.97
N GLY A 302 6.15 9.30 -27.53
CA GLY A 302 4.76 9.11 -27.98
C GLY A 302 3.83 9.61 -26.88
N ALA A 303 2.63 9.09 -26.79
CA ALA A 303 1.77 9.42 -25.69
C ALA A 303 2.13 8.64 -24.43
N VAL A 304 2.64 9.32 -23.40
CA VAL A 304 3.12 8.61 -22.22
C VAL A 304 1.97 8.10 -21.40
N ALA A 305 2.26 7.15 -20.51
CA ALA A 305 1.28 6.50 -19.67
C ALA A 305 1.08 7.21 -18.36
N LEU A 306 1.99 8.12 -18.02
CA LEU A 306 1.92 8.79 -16.77
C LEU A 306 0.99 9.90 -17.03
N LYS A 307 -0.21 9.77 -16.46
CA LYS A 307 -1.31 10.73 -16.62
C LYS A 307 -0.89 12.16 -16.53
N SER A 308 -0.17 12.52 -15.47
CA SER A 308 0.15 13.94 -15.19
C SER A 308 1.06 14.63 -16.23
N TYR A 309 2.04 13.89 -16.73
CA TYR A 309 2.88 14.36 -17.82
C TYR A 309 2.13 14.36 -19.14
N GLU A 310 1.24 13.39 -19.36
CA GLU A 310 0.53 13.30 -20.62
C GLU A 310 -0.31 14.55 -20.87
N GLU A 311 -0.80 15.18 -19.80
CA GLU A 311 -1.58 16.40 -19.93
C GLU A 311 -0.81 17.53 -20.61
N GLU A 312 0.51 17.53 -20.47
CA GLU A 312 1.34 18.58 -21.10
C GLU A 312 1.64 18.20 -22.55
N LEU A 313 1.96 16.93 -22.77
CA LEU A 313 2.27 16.40 -24.10
C LEU A 313 1.04 16.30 -25.00
N ALA A 314 -0.14 16.06 -24.43
CA ALA A 314 -1.33 15.92 -25.25
C ALA A 314 -1.59 17.11 -26.20
N LYS A 315 -1.12 18.31 -25.84
CA LYS A 315 -1.33 19.56 -26.60
C LYS A 315 -0.46 19.76 -27.88
N ASP A 316 0.27 18.72 -28.28
CA ASP A 316 1.18 18.76 -29.40
C ASP A 316 0.46 18.10 -30.58
N PRO A 317 0.39 18.81 -31.73
CA PRO A 317 -0.29 18.28 -32.90
C PRO A 317 0.31 16.94 -33.29
N ARG A 318 1.58 16.74 -32.99
CA ARG A 318 2.24 15.53 -33.42
C ARG A 318 1.72 14.38 -32.57
N ILE A 319 1.51 14.64 -31.28
CA ILE A 319 1.03 13.59 -30.36
C ILE A 319 -0.44 13.41 -30.66
N ALA A 320 -1.12 14.52 -30.94
CA ALA A 320 -2.49 14.42 -31.36
C ALA A 320 -2.51 13.43 -32.53
N ALA A 321 -1.71 13.70 -33.60
CA ALA A 321 -1.64 12.79 -34.75
C ALA A 321 -1.21 11.33 -34.39
N THR A 322 -0.26 11.16 -33.49
CA THR A 322 0.05 9.83 -33.01
C THR A 322 -1.23 9.12 -32.58
N MET A 323 -2.00 9.76 -31.67
CA MET A 323 -3.25 9.19 -31.10
C MET A 323 -4.33 8.94 -32.15
N GLU A 324 -4.50 9.87 -33.09
CA GLU A 324 -5.46 9.64 -34.17
C GLU A 324 -5.15 8.35 -34.95
N ASN A 325 -3.87 8.09 -35.29
CA ASN A 325 -3.53 6.83 -35.92
C ASN A 325 -3.64 5.68 -34.94
N ALA A 326 -3.42 5.96 -33.66
CA ALA A 326 -3.61 4.96 -32.63
C ALA A 326 -5.04 4.47 -32.60
N GLN A 327 -6.00 5.40 -32.57
CA GLN A 327 -7.43 5.06 -32.58
C GLN A 327 -7.78 4.16 -33.77
N LYS A 328 -7.35 4.56 -34.96
CA LYS A 328 -7.63 3.83 -36.19
C LYS A 328 -7.03 2.43 -36.19
N GLY A 329 -5.87 2.25 -35.57
CA GLY A 329 -5.28 0.94 -35.40
C GLY A 329 -5.83 0.17 -34.19
N GLU A 330 -4.95 -0.66 -33.62
CA GLU A 330 -5.34 -1.77 -32.77
C GLU A 330 -4.19 -2.04 -31.80
N ILE A 331 -4.47 -2.18 -30.49
CA ILE A 331 -3.34 -2.52 -29.61
C ILE A 331 -2.80 -3.90 -30.02
N MET A 332 -1.50 -4.08 -30.02
CA MET A 332 -0.98 -5.40 -30.29
C MET A 332 -1.41 -6.45 -29.25
N PRO A 333 -1.76 -7.66 -29.68
CA PRO A 333 -1.94 -8.70 -28.66
C PRO A 333 -0.64 -8.90 -27.94
N ASN A 334 -0.64 -9.42 -26.73
CA ASN A 334 0.62 -9.73 -26.09
C ASN A 334 0.87 -11.24 -25.89
N ILE A 335 0.17 -12.05 -26.66
CA ILE A 335 0.19 -13.49 -26.44
C ILE A 335 1.49 -14.06 -26.99
N PRO A 336 1.91 -15.26 -26.58
CA PRO A 336 3.25 -15.67 -26.97
C PRO A 336 3.43 -16.06 -28.42
N GLN A 337 2.35 -16.09 -29.17
CA GLN A 337 2.43 -16.50 -30.56
C GLN A 337 2.80 -15.29 -31.40
N MET A 338 2.90 -14.14 -30.74
CA MET A 338 3.26 -12.93 -31.42
C MET A 338 4.61 -13.03 -32.19
N SER A 339 5.52 -13.78 -31.59
CA SER A 339 6.84 -14.05 -32.08
C SER A 339 6.82 -14.70 -33.44
N ALA A 340 6.12 -15.82 -33.54
CA ALA A 340 5.91 -16.53 -34.79
C ALA A 340 5.16 -15.67 -35.81
N PHE A 341 4.14 -14.98 -35.35
CA PHE A 341 3.44 -14.05 -36.19
C PHE A 341 4.38 -13.10 -36.94
N TRP A 342 5.20 -12.41 -36.16
CA TRP A 342 6.01 -11.36 -36.69
C TRP A 342 7.04 -11.91 -37.66
N TYR A 343 7.58 -13.07 -37.34
CA TYR A 343 8.57 -13.73 -38.16
C TYR A 343 7.97 -14.14 -39.49
N ALA A 344 6.74 -14.62 -39.43
CA ALA A 344 6.04 -15.03 -40.61
C ALA A 344 5.81 -13.85 -41.59
N VAL A 345 5.38 -12.71 -41.07
CA VAL A 345 5.02 -11.56 -41.86
C VAL A 345 6.25 -10.85 -42.41
N ARG A 346 7.29 -10.77 -41.57
CA ARG A 346 8.64 -10.34 -41.97
C ARG A 346 9.11 -11.15 -43.18
N THR A 347 9.07 -12.47 -43.05
CA THR A 347 9.42 -13.32 -44.15
C THR A 347 8.55 -13.01 -45.36
N ALA A 348 7.22 -12.95 -45.18
CA ALA A 348 6.31 -12.77 -46.31
C ALA A 348 6.55 -11.43 -47.02
N VAL A 349 6.68 -10.36 -46.22
CA VAL A 349 6.86 -9.08 -46.84
C VAL A 349 8.14 -9.08 -47.66
N ILE A 350 9.26 -9.49 -47.08
CA ILE A 350 10.50 -9.48 -47.81
C ILE A 350 10.52 -10.31 -49.12
N ASN A 351 10.01 -11.53 -49.08
CA ASN A 351 9.97 -12.34 -50.28
C ASN A 351 9.15 -11.66 -51.36
N ALA A 352 7.97 -11.15 -50.98
CA ALA A 352 7.07 -10.56 -51.93
C ALA A 352 7.73 -9.31 -52.54
N ALA A 353 8.36 -8.52 -51.69
CA ALA A 353 9.17 -7.35 -52.08
C ALA A 353 10.32 -7.61 -53.08
N SER A 354 11.02 -8.72 -52.91
CA SER A 354 12.22 -8.93 -53.65
C SER A 354 11.94 -9.77 -54.88
N GLY A 355 10.67 -10.05 -55.13
CA GLY A 355 10.24 -10.91 -56.22
C GLY A 355 10.51 -12.39 -56.03
N ARG A 356 10.92 -12.83 -54.84
CA ARG A 356 11.17 -14.27 -54.56
C ARG A 356 9.95 -15.18 -54.60
N GLN A 357 8.80 -14.63 -54.20
CA GLN A 357 7.53 -15.31 -54.27
C GLN A 357 6.51 -14.26 -54.69
N THR A 358 5.40 -14.70 -55.27
CA THR A 358 4.28 -13.81 -55.44
C THR A 358 3.59 -13.51 -54.07
N VAL A 359 2.76 -12.46 -54.05
CA VAL A 359 1.99 -12.10 -52.89
C VAL A 359 1.20 -13.33 -52.40
N ASP A 360 0.58 -14.07 -53.33
CA ASP A 360 -0.20 -15.27 -52.98
C ASP A 360 0.64 -16.28 -52.18
N GLU A 361 1.84 -16.55 -52.68
CA GLU A 361 2.74 -17.58 -52.19
C GLU A 361 3.29 -17.15 -50.87
N ALA A 362 3.77 -15.91 -50.79
CA ALA A 362 4.27 -15.39 -49.53
C ALA A 362 3.27 -15.48 -48.38
N LEU A 363 2.03 -15.04 -48.59
CA LEU A 363 1.09 -14.89 -47.50
C LEU A 363 0.56 -16.25 -47.09
N LYS A 364 0.51 -17.14 -48.06
CA LYS A 364 0.08 -18.47 -47.79
C LYS A 364 1.07 -19.11 -46.83
N ASP A 365 2.37 -18.91 -47.06
CA ASP A 365 3.38 -19.41 -46.10
C ASP A 365 3.23 -18.71 -44.75
N ALA A 366 2.81 -17.47 -44.74
CA ALA A 366 2.66 -16.82 -43.47
C ALA A 366 1.47 -17.46 -42.71
N GLN A 367 0.36 -17.62 -43.42
CA GLN A 367 -0.78 -18.46 -43.00
C GLN A 367 -0.30 -19.76 -42.39
N THR A 368 0.40 -20.60 -43.13
CA THR A 368 0.81 -21.93 -42.67
C THR A 368 2.03 -21.94 -41.76
N ASN A 369 2.65 -20.79 -41.55
CA ASN A 369 3.76 -20.66 -40.60
C ASN A 369 5.02 -21.44 -41.03
N ALA A 370 5.22 -21.49 -42.34
CA ALA A 370 6.24 -22.30 -42.97
C ALA A 370 7.65 -21.87 -42.70
N ALA A 371 7.90 -20.57 -42.78
CA ALA A 371 9.19 -20.00 -42.48
C ALA A 371 9.68 -20.41 -41.10
N ALA A 372 8.90 -20.13 -40.06
CA ALA A 372 9.34 -20.42 -38.69
C ALA A 372 9.44 -21.92 -38.42
N GLU A 373 8.77 -22.72 -39.23
CA GLU A 373 8.81 -24.15 -39.07
C GLU A 373 10.04 -24.74 -39.74
N PHE A 374 10.54 -24.06 -40.77
CA PHE A 374 11.75 -24.52 -41.41
C PHE A 374 12.91 -24.17 -40.48
N ALA A 375 12.86 -22.99 -39.91
CA ALA A 375 13.90 -22.56 -39.00
C ALA A 375 14.00 -23.53 -37.81
N ALA A 376 12.86 -24.02 -37.39
CA ALA A 376 12.81 -24.95 -36.28
C ALA A 376 13.29 -26.35 -36.65
N LEU A 377 13.27 -26.68 -37.94
CA LEU A 377 13.76 -27.95 -38.47
C LEU A 377 15.29 -27.94 -38.48
N LEU A 378 15.86 -26.96 -39.16
CA LEU A 378 17.29 -26.86 -39.22
C LEU A 378 17.82 -26.71 -37.79
N HIS A 379 17.12 -25.95 -36.98
CA HIS A 379 17.61 -25.77 -35.62
C HIS A 379 17.62 -27.06 -34.77
N SER A 380 16.57 -27.86 -34.86
CA SER A 380 16.48 -29.03 -34.02
C SER A 380 17.42 -30.14 -34.49
N LEU A 381 17.82 -30.08 -35.77
CA LEU A 381 18.80 -31.02 -36.29
C LEU A 381 20.15 -30.73 -35.65
N LEU A 382 20.50 -29.44 -35.63
CA LEU A 382 21.73 -28.97 -34.99
C LEU A 382 21.70 -29.29 -33.53
N GLU A 383 20.64 -28.92 -32.81
CA GLU A 383 20.51 -29.29 -31.40
C GLU A 383 20.73 -30.76 -31.19
N ALA A 384 20.04 -31.60 -31.93
CA ALA A 384 20.19 -33.05 -31.80
C ALA A 384 21.63 -33.49 -31.95
N ASN A 385 22.33 -32.85 -32.91
CA ASN A 385 23.66 -33.26 -33.32
C ASN A 385 24.66 -32.84 -32.30
N CYS A 386 24.38 -31.74 -31.65
CA CYS A 386 25.26 -31.25 -30.66
C CYS A 386 25.03 -32.04 -29.37
N SER A 387 23.82 -32.50 -29.13
CA SER A 387 23.59 -33.37 -27.97
C SER A 387 24.29 -34.68 -28.11
N LEU A 388 24.40 -35.12 -29.36
CA LEU A 388 24.92 -36.41 -29.63
C LEU A 388 26.40 -36.33 -29.44
N ALA A 389 26.96 -35.17 -29.74
CA ALA A 389 28.38 -35.00 -29.64
C ALA A 389 28.75 -35.01 -28.18
N LEU A 390 27.91 -34.35 -27.39
CA LEU A 390 28.06 -34.36 -25.94
C LEU A 390 27.93 -35.76 -25.36
N ALA A 391 26.97 -36.51 -25.88
CA ALA A 391 26.73 -37.85 -25.43
C ALA A 391 28.00 -38.67 -25.55
N GLU A 392 28.58 -38.65 -26.76
CA GLU A 392 29.79 -39.36 -27.09
C GLU A 392 30.93 -38.97 -26.14
N GLU A 393 31.17 -37.68 -26.04
CA GLU A 393 32.21 -37.15 -25.19
C GLU A 393 32.09 -37.59 -23.73
N LEU A 394 30.90 -37.52 -23.16
CA LEU A 394 30.67 -38.04 -21.82
C LEU A 394 30.87 -39.52 -21.72
N LEU A 395 30.36 -40.26 -22.70
CA LEU A 395 30.42 -41.71 -22.70
C LEU A 395 31.86 -42.20 -22.60
N LEU A 396 32.74 -41.61 -23.42
CA LEU A 396 34.17 -41.83 -23.34
C LEU A 396 34.79 -41.45 -21.99
N ASP A 397 34.61 -40.20 -21.61
CA ASP A 397 35.21 -39.64 -20.41
C ASP A 397 34.75 -40.27 -19.08
N GLY A 398 33.76 -41.15 -19.14
CA GLY A 398 33.31 -41.86 -17.98
C GLY A 398 33.66 -43.34 -18.02
N TRP A 399 33.39 -43.97 -19.15
CA TRP A 399 33.48 -45.42 -19.32
C TRP A 399 34.48 -45.90 -20.37
N GLY A 400 35.15 -44.98 -21.06
CA GLY A 400 36.28 -45.35 -21.91
C GLY A 400 37.46 -45.66 -21.02
N PRO A 401 38.55 -46.22 -21.57
CA PRO A 401 39.71 -46.48 -20.67
C PRO A 401 40.27 -45.16 -20.09
N PRO A 402 40.94 -45.23 -18.90
CA PRO A 402 41.36 -44.00 -18.19
C PRO A 402 42.19 -43.07 -19.07
N LEU A 403 41.77 -41.82 -19.29
CA LEU A 403 42.61 -40.91 -20.08
C LEU A 403 43.95 -40.68 -19.34
N ASP A 404 44.84 -39.86 -19.93
CA ASP A 404 46.21 -39.70 -19.40
C ASP A 404 46.09 -39.48 -17.87
N PRO A 405 46.84 -40.26 -17.06
CA PRO A 405 47.00 -39.81 -15.67
C PRO A 405 47.58 -38.38 -15.54
N GLU A 406 47.66 -37.66 -16.68
CA GLU A 406 48.17 -36.28 -16.75
C GLU A 406 47.55 -35.45 -17.90
N GLY A 407 46.23 -35.37 -17.95
CA GLY A 407 45.53 -34.37 -18.76
C GLY A 407 44.82 -33.49 -17.74
N PRO A 408 43.71 -32.82 -18.12
CA PRO A 408 42.95 -32.00 -17.13
C PRO A 408 41.46 -32.36 -16.83
N TYR A 409 41.05 -32.05 -15.60
CA TYR A 409 39.70 -32.39 -15.07
C TYR A 409 38.68 -31.39 -15.67
N SER A 410 39.25 -30.34 -16.27
CA SER A 410 38.60 -29.04 -16.46
C SER A 410 38.48 -28.67 -17.93
N TYR A 411 37.34 -29.03 -18.51
CA TYR A 411 37.04 -28.78 -19.88
C TYR A 411 35.89 -27.81 -19.94
N CYS A 412 35.73 -27.16 -21.10
CA CYS A 412 34.49 -26.50 -21.44
C CYS A 412 33.72 -27.61 -22.15
N ASN A 413 32.43 -27.77 -21.89
CA ASN A 413 31.72 -28.90 -22.48
C ASN A 413 31.20 -28.52 -23.83
N THR A 414 30.98 -29.55 -24.68
CA THR A 414 30.23 -29.43 -25.92
C THR A 414 28.97 -28.57 -25.77
N THR A 415 28.87 -27.55 -26.64
CA THR A 415 27.86 -26.46 -26.61
C THR A 415 27.47 -26.00 -28.03
N LEU A 416 26.25 -25.50 -28.18
CA LEU A 416 25.74 -25.04 -29.45
C LEU A 416 25.39 -23.58 -29.33
N ASP A 417 26.12 -22.74 -30.06
CA ASP A 417 25.88 -21.31 -29.93
C ASP A 417 24.61 -20.89 -30.65
N GLN A 418 24.27 -19.61 -30.55
CA GLN A 418 23.10 -19.04 -31.21
C GLN A 418 23.21 -18.98 -32.74
N ILE A 419 24.36 -19.31 -33.32
CA ILE A 419 24.45 -19.33 -34.75
C ILE A 419 24.30 -20.75 -35.31
N GLY A 420 24.32 -21.74 -34.43
CA GLY A 420 24.24 -23.14 -34.85
C GLY A 420 25.55 -23.90 -34.82
N THR A 421 26.69 -23.18 -34.66
CA THR A 421 27.99 -23.82 -34.53
C THR A 421 27.99 -24.63 -33.22
N CYS A 422 28.44 -25.87 -33.33
CA CYS A 422 28.55 -26.69 -32.15
C CYS A 422 30.02 -26.60 -31.73
N TRP A 423 30.29 -26.04 -30.55
CA TRP A 423 31.63 -26.00 -30.00
C TRP A 423 31.95 -27.32 -29.27
N PRO A 424 33.05 -27.98 -29.66
CA PRO A 424 33.33 -29.28 -29.04
C PRO A 424 33.98 -29.15 -27.68
N ARG A 425 33.97 -30.22 -26.91
CA ARG A 425 34.53 -30.21 -25.57
C ARG A 425 35.98 -29.88 -25.68
N SER A 426 36.43 -28.90 -24.90
CA SER A 426 37.80 -28.42 -25.02
C SER A 426 38.44 -28.14 -23.67
N ALA A 427 39.76 -28.25 -23.67
CA ALA A 427 40.57 -27.96 -22.50
C ALA A 427 40.61 -26.45 -22.18
N ALA A 428 40.68 -26.16 -20.88
CA ALA A 428 40.74 -24.81 -20.39
C ALA A 428 41.99 -24.10 -20.93
N GLY A 429 41.81 -22.89 -21.46
CA GLY A 429 42.87 -22.19 -22.16
C GLY A 429 42.81 -22.30 -23.67
N ALA A 430 42.11 -23.31 -24.19
CA ALA A 430 42.10 -23.57 -25.62
C ALA A 430 41.44 -22.44 -26.38
N LEU A 431 42.03 -22.09 -27.52
CA LEU A 431 41.36 -21.30 -28.53
C LEU A 431 40.88 -22.27 -29.61
N VAL A 432 39.59 -22.29 -29.86
CA VAL A 432 39.02 -23.38 -30.61
C VAL A 432 38.50 -22.83 -31.92
N GLU A 433 38.89 -23.47 -33.02
CA GLU A 433 38.43 -23.10 -34.35
C GLU A 433 37.30 -24.00 -34.76
N ARG A 434 36.23 -23.45 -35.31
CA ARG A 434 35.25 -24.31 -35.95
C ARG A 434 34.86 -23.68 -37.28
N PRO A 435 34.44 -24.49 -38.28
CA PRO A 435 34.18 -23.82 -39.55
C PRO A 435 32.88 -23.03 -39.49
N CYS A 436 32.86 -21.90 -40.21
CA CYS A 436 31.73 -20.97 -40.32
C CYS A 436 30.49 -21.69 -40.84
N PRO A 437 29.31 -21.36 -40.28
CA PRO A 437 28.08 -21.96 -40.74
C PRO A 437 28.08 -21.97 -42.26
N GLU A 438 27.52 -23.05 -42.81
CA GLU A 438 27.33 -23.14 -44.24
C GLU A 438 26.13 -22.28 -44.61
N TYR A 439 25.20 -22.21 -43.66
CA TYR A 439 23.94 -21.52 -43.86
C TYR A 439 23.55 -20.70 -42.66
N PHE A 440 23.23 -19.42 -42.91
CA PHE A 440 22.72 -18.58 -41.85
C PHE A 440 21.79 -17.50 -42.30
N ASN A 441 20.54 -17.59 -41.83
CA ASN A 441 19.47 -16.66 -42.18
C ASN A 441 19.49 -16.32 -43.65
N GLY A 442 19.30 -17.37 -44.48
CA GLY A 442 19.09 -17.22 -45.92
C GLY A 442 20.34 -16.84 -46.67
N VAL A 443 21.46 -16.98 -45.98
CA VAL A 443 22.73 -16.58 -46.53
C VAL A 443 23.73 -17.71 -46.40
N LYS A 444 24.45 -17.94 -47.50
CA LYS A 444 25.51 -18.97 -47.57
C LYS A 444 26.93 -18.40 -47.40
N TYR A 445 27.70 -19.08 -46.56
CA TYR A 445 29.03 -18.61 -46.14
C TYR A 445 30.14 -19.51 -46.63
N ASN A 446 31.31 -18.93 -46.85
CA ASN A 446 32.48 -19.71 -47.18
C ASN A 446 32.97 -20.52 -45.99
N THR A 447 32.69 -21.83 -46.00
CA THR A 447 32.95 -22.70 -44.84
C THR A 447 34.42 -23.03 -44.62
N THR A 448 35.27 -22.78 -45.61
CA THR A 448 36.72 -22.99 -45.42
C THR A 448 37.43 -21.91 -44.56
N ARG A 449 36.66 -20.92 -44.08
CA ARG A 449 37.10 -19.99 -43.03
C ARG A 449 36.45 -20.43 -41.72
N ASN A 450 36.99 -19.93 -40.62
CA ASN A 450 36.66 -20.40 -39.29
C ASN A 450 36.06 -19.36 -38.37
N ALA A 451 35.28 -19.85 -37.43
CA ALA A 451 34.92 -19.08 -36.26
C ALA A 451 35.93 -19.43 -35.19
N TYR A 452 36.04 -18.57 -34.18
CA TYR A 452 36.95 -18.78 -33.05
C TYR A 452 36.26 -18.54 -31.71
N ARG A 453 36.45 -19.46 -30.78
CA ARG A 453 35.91 -19.26 -29.44
C ARG A 453 36.89 -19.74 -28.40
N GLU A 454 37.08 -18.90 -27.39
CA GLU A 454 38.03 -19.19 -26.34
C GLU A 454 37.38 -19.98 -25.20
N CYS A 455 37.99 -21.10 -24.85
CA CYS A 455 37.67 -21.81 -23.63
C CYS A 455 38.58 -21.25 -22.55
N LEU A 456 37.96 -20.53 -21.61
CA LEU A 456 38.68 -19.77 -20.58
C LEU A 456 39.45 -20.71 -19.63
N GLU A 457 40.49 -20.18 -18.97
CA GLU A 457 41.35 -20.97 -18.07
C GLU A 457 40.65 -21.57 -16.84
N ASN A 458 39.41 -21.15 -16.60
CA ASN A 458 38.63 -21.62 -15.47
C ASN A 458 37.72 -22.79 -15.82
N GLY A 459 37.45 -22.99 -17.11
CA GLY A 459 36.62 -24.12 -17.55
C GLY A 459 35.27 -23.75 -18.13
N THR A 460 35.05 -22.46 -18.37
CA THR A 460 33.84 -21.94 -19.00
C THR A 460 34.11 -21.34 -20.39
N TRP A 461 33.12 -21.43 -21.29
CA TRP A 461 33.25 -20.78 -22.57
C TRP A 461 33.20 -19.26 -22.42
N ALA A 462 34.11 -18.57 -23.09
CA ALA A 462 34.00 -17.13 -23.26
C ALA A 462 32.64 -16.81 -23.90
N SER A 463 32.10 -15.65 -23.56
CA SER A 463 30.73 -15.35 -24.00
C SER A 463 30.71 -14.77 -25.42
N LYS A 464 31.79 -14.11 -25.81
CA LYS A 464 31.90 -13.62 -27.18
C LYS A 464 32.42 -14.70 -28.09
N ILE A 465 31.90 -14.75 -29.29
CA ILE A 465 32.39 -15.65 -30.30
C ILE A 465 32.84 -14.86 -31.55
N ASN A 466 34.01 -15.22 -32.06
CA ASN A 466 34.59 -14.50 -33.21
C ASN A 466 34.09 -15.01 -34.55
N TYR A 467 33.08 -14.34 -35.07
CA TYR A 467 32.62 -14.60 -36.42
C TYR A 467 33.25 -13.67 -37.49
N SER A 468 34.21 -12.85 -37.11
CA SER A 468 34.68 -11.80 -38.01
C SER A 468 35.10 -12.30 -39.40
N GLN A 469 35.49 -13.56 -39.50
CA GLN A 469 36.06 -14.12 -40.72
C GLN A 469 35.04 -14.80 -41.62
N CYS A 470 33.78 -14.83 -41.23
CA CYS A 470 32.82 -15.55 -42.03
C CYS A 470 32.26 -14.64 -43.16
N GLU A 471 32.88 -14.69 -44.34
CA GLU A 471 32.44 -13.92 -45.51
C GLU A 471 31.31 -14.69 -46.23
N PRO A 472 30.16 -14.02 -46.46
CA PRO A 472 29.07 -14.63 -47.23
C PRO A 472 29.44 -14.66 -48.69
N ILE A 473 28.70 -15.43 -49.49
CA ILE A 473 28.93 -15.50 -50.93
C ILE A 473 27.57 -15.79 -51.60
N LEU A 474 26.97 -14.83 -52.30
CA LEU A 474 25.66 -15.11 -52.96
C LEU A 474 25.50 -14.40 -54.32
N ASP A 475 26.62 -13.90 -54.85
CA ASP A 475 26.72 -13.30 -56.20
C ASP A 475 27.78 -12.20 -56.21
N LYS B 3 -13.42 20.64 9.78
CA LYS B 3 -13.74 19.17 9.81
C LYS B 3 -12.56 18.30 9.31
N ILE B 4 -12.58 17.01 9.70
CA ILE B 4 -11.62 15.97 9.29
C ILE B 4 -11.54 15.85 7.74
N GLU B 5 -10.38 15.48 7.18
CA GLU B 5 -10.30 15.43 5.71
C GLU B 5 -10.86 14.13 5.12
N GLU B 6 -11.66 14.27 4.07
CA GLU B 6 -12.28 13.14 3.42
C GLU B 6 -11.21 12.42 2.59
N GLY B 7 -11.10 11.10 2.77
CA GLY B 7 -10.21 10.29 1.95
C GLY B 7 -8.86 10.00 2.56
N LYS B 8 -8.67 10.33 3.83
CA LYS B 8 -7.50 9.89 4.57
C LYS B 8 -7.95 9.40 5.96
N LEU B 9 -7.03 8.81 6.75
CA LEU B 9 -7.36 8.47 8.14
C LEU B 9 -6.32 9.06 9.08
N VAL B 10 -6.75 9.82 10.07
CA VAL B 10 -5.83 10.31 11.08
C VAL B 10 -6.09 9.47 12.31
N ILE B 11 -5.05 9.07 13.00
CA ILE B 11 -5.22 8.17 14.12
C ILE B 11 -4.43 8.70 15.31
N TRP B 12 -5.09 8.83 16.48
CA TRP B 12 -4.45 9.20 17.75
C TRP B 12 -4.25 7.99 18.65
N ILE B 13 -3.00 7.71 18.95
CA ILE B 13 -2.67 6.76 19.93
C ILE B 13 -1.64 7.43 20.86
N ASN B 14 -1.59 6.95 22.11
CA ASN B 14 -0.71 7.45 23.15
C ASN B 14 0.75 7.09 22.88
N GLY B 15 1.64 8.02 23.22
CA GLY B 15 3.09 7.93 22.96
C GLY B 15 3.81 6.71 23.52
N ASP B 16 3.27 6.15 24.59
CA ASP B 16 3.92 4.99 25.21
C ASP B 16 3.64 3.69 24.47
N LYS B 17 2.58 3.68 23.65
CA LYS B 17 2.17 2.50 22.88
C LYS B 17 2.98 2.27 21.61
N GLY B 18 2.57 1.31 20.81
CA GLY B 18 3.35 0.89 19.64
C GLY B 18 3.00 1.60 18.35
N TYR B 19 3.19 2.91 18.32
CA TYR B 19 2.62 3.73 17.28
C TYR B 19 3.31 3.61 15.94
N ASN B 20 4.53 3.08 15.94
CA ASN B 20 5.26 2.83 14.71
C ASN B 20 4.88 1.51 14.10
N GLY B 21 4.53 0.53 14.93
CA GLY B 21 3.97 -0.72 14.42
C GLY B 21 2.65 -0.38 13.77
N LEU B 22 1.85 0.42 14.46
CA LEU B 22 0.57 0.81 13.97
C LEU B 22 0.69 1.50 12.61
N ALA B 23 1.66 2.39 12.45
CA ALA B 23 1.85 3.09 11.17
C ALA B 23 2.29 2.17 10.00
N GLU B 24 2.99 1.06 10.32
CA GLU B 24 3.30 0.04 9.33
C GLU B 24 2.05 -0.68 8.90
N VAL B 25 1.13 -0.91 9.81
CA VAL B 25 -0.18 -1.51 9.44
C VAL B 25 -0.91 -0.53 8.58
N GLY B 26 -0.64 0.74 8.84
CA GLY B 26 -1.21 1.85 8.10
C GLY B 26 -0.60 1.95 6.74
N LYS B 27 0.67 1.60 6.66
CA LYS B 27 1.39 1.63 5.40
C LYS B 27 0.88 0.50 4.51
N LYS B 28 0.49 -0.64 5.10
CA LYS B 28 -0.10 -1.73 4.34
C LYS B 28 -1.47 -1.40 3.78
N PHE B 29 -2.29 -0.71 4.57
CA PHE B 29 -3.63 -0.28 4.19
C PHE B 29 -3.54 0.71 3.03
N GLU B 30 -2.50 1.55 3.05
CA GLU B 30 -2.29 2.51 1.98
C GLU B 30 -1.93 1.78 0.68
N LYS B 31 -0.96 0.88 0.76
CA LYS B 31 -0.52 0.08 -0.38
C LYS B 31 -1.73 -0.48 -1.11
N ASP B 32 -2.71 -0.98 -0.36
CA ASP B 32 -3.83 -1.67 -0.98
C ASP B 32 -4.90 -0.71 -1.53
N THR B 33 -5.18 0.34 -0.79
CA THR B 33 -6.39 1.13 -0.99
C THR B 33 -6.08 2.52 -1.53
N GLY B 34 -4.86 2.98 -1.26
CA GLY B 34 -4.40 4.25 -1.74
C GLY B 34 -4.72 5.36 -0.79
N ILE B 35 -5.15 5.00 0.40
CA ILE B 35 -5.61 5.94 1.40
C ILE B 35 -4.56 6.17 2.48
N LYS B 36 -3.96 7.37 2.41
CA LYS B 36 -3.00 7.85 3.40
C LYS B 36 -3.53 7.67 4.84
N VAL B 37 -2.75 6.98 5.67
CA VAL B 37 -3.08 6.77 7.06
C VAL B 37 -2.07 7.47 7.95
N THR B 38 -2.44 8.54 8.63
CA THR B 38 -1.47 9.19 9.52
C THR B 38 -1.67 8.85 11.01
N VAL B 39 -0.61 8.39 11.64
CA VAL B 39 -0.60 8.13 13.08
C VAL B 39 0.11 9.26 13.86
N GLU B 40 -0.59 9.85 14.81
CA GLU B 40 -0.05 10.90 15.66
C GLU B 40 -0.22 10.53 17.13
N HIS B 41 0.60 11.12 18.00
CA HIS B 41 0.53 10.89 19.46
C HIS B 41 0.61 12.22 20.23
N PRO B 42 -0.47 13.02 20.15
CA PRO B 42 -0.52 14.29 20.87
C PRO B 42 -0.46 14.02 22.36
N ASP B 43 0.02 14.98 23.11
CA ASP B 43 0.03 14.83 24.55
C ASP B 43 -1.36 15.10 25.12
N LYS B 44 -1.66 14.40 26.23
CA LYS B 44 -2.93 14.55 26.95
C LYS B 44 -4.08 14.29 25.97
N LEU B 45 -3.92 13.15 25.33
CA LEU B 45 -4.73 12.75 24.23
C LEU B 45 -6.19 12.69 24.61
N GLU B 46 -6.42 12.09 25.78
CA GLU B 46 -7.74 11.73 26.30
C GLU B 46 -8.50 12.93 26.87
N GLU B 47 -7.82 14.05 26.97
CA GLU B 47 -8.49 15.30 27.25
C GLU B 47 -8.58 16.10 26.01
N LYS B 48 -7.60 15.93 25.12
CA LYS B 48 -7.59 16.72 23.85
C LYS B 48 -8.68 16.25 22.92
N PHE B 49 -8.96 14.96 22.93
CA PHE B 49 -9.93 14.39 22.01
C PHE B 49 -11.38 14.96 22.18
N PRO B 50 -11.92 15.04 23.40
CA PRO B 50 -13.27 15.66 23.51
C PRO B 50 -13.33 17.16 23.34
N GLN B 51 -12.27 17.90 23.66
CA GLN B 51 -12.21 19.32 23.26
C GLN B 51 -12.40 19.48 21.77
N VAL B 52 -11.60 18.76 20.98
CA VAL B 52 -11.56 18.98 19.53
C VAL B 52 -12.66 18.25 18.82
N ALA B 53 -13.03 17.06 19.32
CA ALA B 53 -14.10 16.27 18.67
C ALA B 53 -15.43 16.99 18.79
N ALA B 54 -15.66 17.52 19.99
CA ALA B 54 -16.89 18.31 20.27
C ALA B 54 -17.20 19.27 19.15
N THR B 55 -16.16 19.81 18.47
CA THR B 55 -16.35 20.81 17.38
C THR B 55 -16.32 20.25 15.94
N GLY B 56 -16.34 18.93 15.76
CA GLY B 56 -16.33 18.33 14.41
C GLY B 56 -14.95 18.16 13.79
N ASP B 57 -13.94 18.11 14.67
CA ASP B 57 -12.55 18.07 14.27
C ASP B 57 -11.86 16.89 14.98
N GLY B 58 -10.56 16.68 14.68
CA GLY B 58 -9.76 15.70 15.39
C GLY B 58 -9.59 14.44 14.60
N PRO B 59 -9.21 13.33 15.27
CA PRO B 59 -8.82 12.08 14.60
C PRO B 59 -10.00 11.32 14.06
N ASP B 60 -9.77 10.48 13.06
CA ASP B 60 -10.77 9.55 12.56
C ASP B 60 -10.92 8.44 13.61
N ILE B 61 -9.80 7.95 14.11
CA ILE B 61 -9.81 6.84 15.02
C ILE B 61 -9.04 7.23 16.25
N ILE B 62 -9.59 6.94 17.43
CA ILE B 62 -8.88 7.21 18.66
C ILE B 62 -8.67 5.95 19.44
N PHE B 63 -7.46 5.84 19.99
CA PHE B 63 -7.02 4.69 20.79
C PHE B 63 -6.80 5.05 22.25
N TRP B 64 -7.41 4.29 23.14
CA TRP B 64 -7.25 4.51 24.55
C TRP B 64 -7.92 3.37 25.27
N ALA B 65 -7.65 3.27 26.59
CA ALA B 65 -8.28 2.30 27.47
C ALA B 65 -9.73 2.69 27.48
N HIS B 66 -10.57 1.67 27.59
CA HIS B 66 -11.99 1.81 27.44
C HIS B 66 -12.65 2.73 28.47
N ASP B 67 -12.00 3.02 29.58
CA ASP B 67 -12.66 3.80 30.65
C ASP B 67 -13.11 5.23 30.28
N ARG B 68 -12.57 5.79 29.19
CA ARG B 68 -12.95 7.17 28.80
C ARG B 68 -13.97 7.24 27.68
N PHE B 69 -14.25 6.07 27.12
CA PHE B 69 -15.16 5.95 26.01
C PHE B 69 -16.59 6.19 26.46
N GLY B 70 -16.95 5.68 27.65
CA GLY B 70 -18.20 6.00 28.29
C GLY B 70 -18.56 7.48 28.24
N GLY B 71 -17.70 8.34 28.76
CA GLY B 71 -17.81 9.80 28.62
C GLY B 71 -17.84 10.34 27.20
N TYR B 72 -17.02 9.79 26.30
CA TYR B 72 -17.08 10.20 24.88
C TYR B 72 -18.39 9.85 24.17
N ALA B 73 -18.95 8.66 24.46
CA ALA B 73 -20.20 8.24 23.84
C ALA B 73 -21.38 9.00 24.42
N GLN B 74 -21.42 9.16 25.75
CA GLN B 74 -22.42 9.95 26.43
C GLN B 74 -22.55 11.32 25.75
N SER B 75 -21.41 11.96 25.49
CA SER B 75 -21.35 13.25 24.86
C SER B 75 -21.57 13.17 23.37
N GLY B 76 -21.85 11.98 22.82
CA GLY B 76 -22.13 11.80 21.38
C GLY B 76 -20.99 11.94 20.36
N LEU B 77 -19.76 11.61 20.75
CA LEU B 77 -18.56 11.88 19.96
C LEU B 77 -18.03 10.66 19.28
N LEU B 78 -18.47 9.50 19.76
CA LEU B 78 -18.10 8.24 19.11
C LEU B 78 -19.25 7.70 18.27
N ALA B 79 -18.91 7.19 17.10
CA ALA B 79 -19.86 6.50 16.21
C ALA B 79 -20.14 5.06 16.65
N GLU B 80 -21.37 4.61 16.48
CA GLU B 80 -21.69 3.24 16.86
C GLU B 80 -21.04 2.25 15.91
N ILE B 81 -20.27 1.31 16.43
CA ILE B 81 -19.63 0.40 15.50
C ILE B 81 -20.54 -0.79 15.30
N THR B 82 -20.55 -1.34 14.09
CA THR B 82 -21.38 -2.51 13.82
C THR B 82 -20.53 -3.59 13.15
N PRO B 83 -19.93 -4.45 13.97
CA PRO B 83 -19.27 -5.62 13.40
C PRO B 83 -20.25 -6.73 13.29
N ASP B 84 -20.07 -7.59 12.29
CA ASP B 84 -20.99 -8.69 12.08
C ASP B 84 -20.67 -9.86 13.03
N LYS B 85 -21.54 -10.89 13.03
CA LYS B 85 -21.44 -11.97 14.02
C LYS B 85 -20.07 -12.63 13.91
N ALA B 86 -19.75 -13.06 12.71
CA ALA B 86 -18.48 -13.69 12.43
C ALA B 86 -17.30 -12.92 13.05
N PHE B 87 -17.25 -11.61 12.89
CA PHE B 87 -16.19 -10.81 13.52
C PHE B 87 -16.24 -10.80 15.08
N GLN B 88 -17.42 -10.77 15.67
CA GLN B 88 -17.49 -10.77 17.11
C GLN B 88 -17.02 -12.09 17.77
N ASP B 89 -17.15 -13.19 17.04
CA ASP B 89 -16.64 -14.46 17.53
C ASP B 89 -15.11 -14.51 17.52
N LYS B 90 -14.47 -13.58 16.83
CA LYS B 90 -13.02 -13.57 16.74
C LYS B 90 -12.35 -12.99 17.98
N LEU B 91 -13.11 -12.21 18.75
CA LEU B 91 -12.63 -11.60 19.99
C LEU B 91 -13.38 -12.13 21.21
N TYR B 92 -12.75 -12.06 22.38
CA TYR B 92 -13.37 -12.52 23.65
C TYR B 92 -14.63 -11.73 24.09
N PRO B 93 -15.66 -12.45 24.55
CA PRO B 93 -16.85 -11.79 25.11
C PRO B 93 -16.54 -10.64 26.09
N PHE B 94 -15.62 -10.86 27.04
CA PHE B 94 -15.43 -9.84 28.11
C PHE B 94 -14.79 -8.54 27.62
N THR B 95 -14.25 -8.58 26.40
CA THR B 95 -13.62 -7.41 25.82
C THR B 95 -14.64 -6.57 25.09
N TRP B 96 -15.69 -7.21 24.54
CA TRP B 96 -16.80 -6.44 24.00
C TRP B 96 -17.52 -5.77 25.16
N ASP B 97 -17.71 -6.48 26.28
CA ASP B 97 -18.37 -5.86 27.45
C ASP B 97 -17.78 -4.51 27.78
N ALA B 98 -16.46 -4.43 27.79
CA ALA B 98 -15.84 -3.21 28.25
C ALA B 98 -16.09 -2.04 27.28
N VAL B 99 -16.41 -2.35 26.02
CA VAL B 99 -16.68 -1.33 25.01
C VAL B 99 -18.19 -1.13 24.77
N ARG B 100 -18.98 -1.57 25.73
CA ARG B 100 -20.42 -1.44 25.56
C ARG B 100 -20.94 -0.29 26.43
N TYR B 101 -21.75 0.58 25.82
CA TYR B 101 -22.33 1.73 26.52
C TYR B 101 -23.80 1.92 26.16
N ASN B 102 -24.67 1.72 27.14
CA ASN B 102 -26.10 1.54 26.86
C ASN B 102 -26.46 0.46 25.83
N GLY B 103 -25.86 -0.71 25.94
CA GLY B 103 -26.20 -1.79 25.01
C GLY B 103 -25.80 -1.51 23.57
N LYS B 104 -24.95 -0.49 23.34
CA LYS B 104 -24.40 -0.23 22.02
C LYS B 104 -22.86 -0.40 22.02
N LEU B 105 -22.30 -1.05 21.01
CA LEU B 105 -20.86 -1.16 20.89
C LEU B 105 -20.31 0.14 20.36
N ILE B 106 -19.40 0.74 21.12
CA ILE B 106 -18.89 2.06 20.81
C ILE B 106 -17.39 2.12 20.49
N ALA B 107 -16.74 0.95 20.43
CA ALA B 107 -15.33 0.85 20.05
C ALA B 107 -14.89 -0.59 19.85
N TYR B 108 -13.74 -0.76 19.25
CA TYR B 108 -13.13 -2.08 19.03
C TYR B 108 -12.14 -2.35 20.14
N PRO B 109 -12.26 -3.52 20.78
CA PRO B 109 -11.25 -3.95 21.76
C PRO B 109 -9.96 -4.31 21.04
N ILE B 110 -8.82 -3.97 21.62
CA ILE B 110 -7.55 -4.33 21.02
C ILE B 110 -6.75 -5.27 21.95
N ALA B 111 -6.68 -4.93 23.23
CA ALA B 111 -5.82 -5.66 24.17
C ALA B 111 -6.09 -5.29 25.60
N VAL B 112 -5.75 -6.20 26.48
CA VAL B 112 -5.99 -6.02 27.88
C VAL B 112 -4.66 -5.66 28.46
N GLU B 113 -4.67 -4.65 29.32
CA GLU B 113 -3.44 -4.18 29.96
C GLU B 113 -3.64 -4.07 31.48
N ALA B 114 -2.68 -4.60 32.23
CA ALA B 114 -2.70 -4.52 33.66
C ALA B 114 -1.27 -4.33 34.09
N LEU B 115 -1.05 -3.65 35.20
CA LEU B 115 0.30 -3.35 35.69
C LEU B 115 0.90 -4.57 36.33
N SER B 116 2.21 -4.72 36.22
CA SER B 116 2.90 -5.82 36.90
C SER B 116 4.10 -5.32 37.67
N LEU B 117 4.57 -6.09 38.64
CA LEU B 117 5.85 -5.73 39.27
C LEU B 117 6.96 -6.12 38.29
N ILE B 118 7.77 -5.16 37.89
CA ILE B 118 8.91 -5.49 37.04
C ILE B 118 10.17 -5.31 37.87
N TYR B 119 11.08 -6.26 37.79
CA TYR B 119 12.19 -6.29 38.71
C TYR B 119 13.44 -6.80 37.99
N ASN B 120 14.58 -6.46 38.57
CA ASN B 120 15.92 -6.68 38.05
C ASN B 120 16.55 -7.93 38.65
N LYS B 121 16.72 -8.96 37.84
CA LYS B 121 17.09 -10.28 38.39
C LYS B 121 18.47 -10.32 39.00
N ASP B 122 19.30 -9.35 38.64
CA ASP B 122 20.66 -9.32 39.12
C ASP B 122 20.74 -8.62 40.45
N LEU B 123 19.84 -7.67 40.68
CA LEU B 123 19.81 -6.96 41.94
C LEU B 123 18.95 -7.70 42.93
N LEU B 124 17.91 -8.34 42.43
CA LEU B 124 16.94 -9.00 43.26
C LEU B 124 16.60 -10.32 42.63
N PRO B 125 17.32 -11.39 42.99
CA PRO B 125 16.90 -12.69 42.44
C PRO B 125 15.49 -13.03 42.89
N ASN B 126 15.10 -12.67 44.10
CA ASN B 126 13.77 -12.93 44.65
C ASN B 126 12.95 -11.69 44.98
N PRO B 127 12.09 -11.24 44.06
CA PRO B 127 11.30 -10.04 44.30
C PRO B 127 10.44 -10.23 45.55
N PRO B 128 10.19 -9.16 46.30
CA PRO B 128 9.50 -9.39 47.53
C PRO B 128 8.07 -9.78 47.24
N LYS B 129 7.47 -10.47 48.18
CA LYS B 129 6.06 -10.86 48.10
C LYS B 129 5.14 -9.75 48.63
N THR B 130 5.63 -8.95 49.58
CA THR B 130 4.82 -7.95 50.25
C THR B 130 5.35 -6.52 50.15
N TRP B 131 4.47 -5.54 50.23
CA TRP B 131 4.84 -4.11 50.26
C TRP B 131 5.68 -3.75 51.48
N GLU B 132 5.26 -4.26 52.63
CA GLU B 132 5.92 -4.03 53.91
C GLU B 132 7.44 -4.34 53.88
N GLU B 133 7.81 -5.37 53.12
CA GLU B 133 9.19 -5.81 52.94
C GLU B 133 10.05 -4.71 52.30
N ILE B 134 9.39 -3.82 51.55
CA ILE B 134 10.10 -2.84 50.72
C ILE B 134 10.96 -1.87 51.51
N PRO B 135 10.45 -1.28 52.62
CA PRO B 135 11.33 -0.42 53.43
C PRO B 135 12.68 -1.04 53.81
N ALA B 136 12.67 -2.26 54.29
CA ALA B 136 13.94 -2.89 54.69
C ALA B 136 14.82 -3.16 53.46
N LEU B 137 14.15 -3.45 52.35
CA LEU B 137 14.82 -3.82 51.12
C LEU B 137 15.54 -2.63 50.51
N ASP B 138 14.93 -1.46 50.70
CA ASP B 138 15.50 -0.25 50.20
C ASP B 138 16.74 0.07 51.02
N LYS B 139 16.66 -0.19 52.32
CA LYS B 139 17.78 0.13 53.18
C LYS B 139 19.04 -0.61 52.70
N GLU B 140 18.91 -1.90 52.40
CA GLU B 140 20.06 -2.68 51.93
C GLU B 140 20.48 -2.40 50.50
N LEU B 141 19.61 -1.85 49.69
CA LEU B 141 20.03 -1.51 48.34
C LEU B 141 20.59 -0.08 48.26
N LYS B 142 20.20 0.80 49.19
CA LYS B 142 20.83 2.13 49.35
C LYS B 142 22.30 1.95 49.70
N ALA B 143 22.58 0.90 50.47
CA ALA B 143 23.94 0.52 50.81
C ALA B 143 24.76 0.12 49.60
N LYS B 144 24.11 -0.17 48.49
CA LYS B 144 24.79 -0.56 47.26
C LYS B 144 24.67 0.52 46.18
N GLY B 145 24.29 1.72 46.59
CA GLY B 145 24.23 2.85 45.68
C GLY B 145 23.08 2.69 44.73
N LYS B 146 22.04 2.02 45.21
CA LYS B 146 20.89 1.63 44.38
C LYS B 146 19.64 1.91 45.18
N SER B 147 18.51 1.57 44.59
CA SER B 147 17.21 1.82 45.17
C SER B 147 16.16 0.67 44.96
N ALA B 148 15.25 0.51 45.88
CA ALA B 148 14.36 -0.63 45.80
C ALA B 148 13.33 -0.51 44.68
N LEU B 149 12.67 0.64 44.58
CA LEU B 149 11.50 0.76 43.74
C LEU B 149 11.20 2.18 43.25
N MET B 150 11.04 2.33 41.94
CA MET B 150 10.65 3.60 41.34
C MET B 150 9.52 3.39 40.34
N PHE B 151 8.45 4.15 40.50
CA PHE B 151 7.41 4.14 39.52
C PHE B 151 6.73 5.49 39.49
N ASN B 152 5.91 5.70 38.48
CA ASN B 152 5.25 6.98 38.25
C ASN B 152 4.24 7.34 39.35
N LEU B 153 4.57 8.31 40.19
CA LEU B 153 3.70 8.75 41.28
C LEU B 153 2.73 9.84 40.84
N GLN B 154 2.92 10.34 39.61
CA GLN B 154 2.11 11.46 39.11
C GLN B 154 0.83 11.01 38.35
N GLU B 155 0.58 9.70 38.26
CA GLU B 155 -0.60 9.20 37.56
C GLU B 155 -1.26 8.16 38.44
N PRO B 156 -2.52 8.43 38.89
CA PRO B 156 -3.14 7.62 39.91
C PRO B 156 -3.29 6.14 39.55
N TYR B 157 -3.27 5.84 38.25
CA TYR B 157 -3.36 4.53 37.71
C TYR B 157 -2.33 3.64 38.32
N PHE B 158 -1.17 4.24 38.63
CA PHE B 158 -0.03 3.49 39.16
C PHE B 158 -0.06 3.29 40.65
N THR B 159 -0.73 4.15 41.40
CA THR B 159 -0.74 3.99 42.86
C THR B 159 -2.00 3.28 43.30
N TRP B 160 -2.89 3.09 42.34
CA TRP B 160 -4.18 2.56 42.66
C TRP B 160 -4.14 1.10 43.13
N PRO B 161 -3.28 0.28 42.53
CA PRO B 161 -3.34 -1.10 42.95
C PRO B 161 -3.09 -1.26 44.45
N LEU B 162 -2.44 -0.25 45.03
CA LEU B 162 -2.02 -0.33 46.41
C LEU B 162 -3.08 0.29 47.31
N ILE B 163 -3.67 1.37 46.87
CA ILE B 163 -4.80 1.99 47.52
C ILE B 163 -6.02 1.10 47.52
N ALA B 164 -6.14 0.23 46.52
CA ALA B 164 -7.31 -0.65 46.44
C ALA B 164 -7.08 -1.94 47.20
N ALA B 165 -5.82 -2.24 47.46
CA ALA B 165 -5.43 -3.53 47.99
C ALA B 165 -6.28 -3.91 49.19
N ASP B 166 -6.47 -2.97 50.10
CA ASP B 166 -6.96 -3.26 51.42
C ASP B 166 -8.36 -2.66 51.60
N GLY B 167 -9.06 -2.46 50.48
CA GLY B 167 -10.45 -2.04 50.50
C GLY B 167 -10.83 -0.75 49.80
N GLY B 168 -9.93 -0.06 49.14
CA GLY B 168 -10.33 1.15 48.42
C GLY B 168 -10.97 0.77 47.10
N TYR B 169 -12.02 1.47 46.70
CA TYR B 169 -12.65 1.20 45.42
C TYR B 169 -13.16 2.50 44.76
N ALA B 170 -13.30 2.47 43.44
CA ALA B 170 -13.91 3.57 42.74
C ALA B 170 -15.40 3.66 43.10
N PHE B 171 -16.27 3.01 42.31
CA PHE B 171 -17.70 2.98 42.54
C PHE B 171 -18.17 1.57 42.80
N LYS B 172 -18.98 1.39 43.84
CA LYS B 172 -19.42 0.05 44.23
C LYS B 172 -20.21 -0.62 43.12
N TYR B 173 -19.88 -1.87 42.82
CA TYR B 173 -20.67 -2.66 41.86
C TYR B 173 -21.72 -3.46 42.57
N GLU B 174 -22.97 -3.34 42.13
CA GLU B 174 -24.04 -4.08 42.78
C GLU B 174 -25.10 -4.48 41.77
N ASN B 175 -25.15 -5.79 41.52
CA ASN B 175 -26.07 -6.42 40.59
C ASN B 175 -26.20 -5.71 39.23
N GLY B 176 -25.10 -5.67 38.46
CA GLY B 176 -25.15 -5.07 37.11
C GLY B 176 -24.85 -3.56 37.05
N LYS B 177 -25.17 -2.85 38.14
CA LYS B 177 -25.03 -1.41 38.16
C LYS B 177 -23.91 -0.89 39.05
N TYR B 178 -23.22 0.13 38.56
CA TYR B 178 -22.37 0.93 39.40
C TYR B 178 -23.23 1.94 40.17
N ASP B 179 -22.94 2.11 41.46
CA ASP B 179 -23.57 3.18 42.22
C ASP B 179 -22.67 4.43 42.31
N ILE B 180 -22.99 5.44 41.51
CA ILE B 180 -22.20 6.66 41.52
C ILE B 180 -22.43 7.40 42.83
N LYS B 181 -23.33 6.91 43.66
CA LYS B 181 -23.54 7.53 44.97
C LYS B 181 -22.73 6.86 46.07
N ASP B 182 -21.94 5.86 45.70
CA ASP B 182 -21.16 5.02 46.63
C ASP B 182 -19.72 4.91 46.11
N VAL B 183 -18.86 5.76 46.66
CA VAL B 183 -17.52 5.94 46.21
C VAL B 183 -16.65 5.42 47.34
N GLY B 184 -15.61 4.66 47.04
CA GLY B 184 -14.76 4.11 48.08
C GLY B 184 -13.34 4.65 48.13
N VAL B 185 -13.19 5.96 48.12
CA VAL B 185 -11.89 6.62 48.01
C VAL B 185 -11.38 7.04 49.39
N ASP B 186 -12.31 7.21 50.32
CA ASP B 186 -11.97 7.73 51.62
C ASP B 186 -12.25 6.68 52.68
N ASN B 187 -12.42 5.43 52.30
CA ASN B 187 -12.60 4.41 53.35
C ASN B 187 -11.28 4.05 54.11
N ALA B 188 -11.37 3.11 55.05
CA ALA B 188 -10.23 2.77 55.89
C ALA B 188 -9.15 2.15 55.03
N GLY B 189 -9.56 1.31 54.09
CA GLY B 189 -8.61 0.69 53.15
C GLY B 189 -7.80 1.65 52.27
N ALA B 190 -8.47 2.63 51.69
CA ALA B 190 -7.82 3.63 50.86
C ALA B 190 -6.82 4.38 51.72
N LYS B 191 -7.26 4.82 52.89
CA LYS B 191 -6.38 5.49 53.84
C LYS B 191 -5.08 4.75 54.12
N ALA B 192 -5.18 3.43 54.35
CA ALA B 192 -4.04 2.61 54.76
C ALA B 192 -3.05 2.56 53.61
N GLY B 193 -3.57 2.34 52.42
CA GLY B 193 -2.74 2.20 51.25
C GLY B 193 -2.01 3.49 50.97
N LEU B 194 -2.71 4.62 51.08
CA LEU B 194 -2.10 5.87 50.71
C LEU B 194 -1.06 6.23 51.72
N THR B 195 -1.32 5.86 52.98
CA THR B 195 -0.48 6.24 54.13
C THR B 195 0.82 5.48 53.99
N PHE B 196 0.71 4.25 53.59
CA PHE B 196 1.89 3.45 53.46
C PHE B 196 2.74 4.03 52.33
N LEU B 197 2.11 4.42 51.24
CA LEU B 197 2.82 5.08 50.18
C LEU B 197 3.44 6.44 50.57
N VAL B 198 2.78 7.23 51.42
CA VAL B 198 3.29 8.51 51.87
C VAL B 198 4.40 8.28 52.88
N ASP B 199 4.30 7.24 53.69
CA ASP B 199 5.40 6.90 54.61
C ASP B 199 6.72 6.50 53.92
N LEU B 200 6.66 5.79 52.80
CA LEU B 200 7.85 5.50 52.03
C LEU B 200 8.52 6.79 51.63
N ILE B 201 7.75 7.79 51.25
CA ILE B 201 8.31 9.04 50.84
C ILE B 201 8.89 9.78 52.02
N LYS B 202 8.14 9.96 53.11
CA LYS B 202 8.64 10.63 54.32
C LYS B 202 9.96 10.01 54.75
N ASN B 203 10.06 8.69 54.57
CA ASN B 203 11.25 7.93 54.98
C ASN B 203 12.31 7.82 53.87
N LYS B 204 12.12 8.61 52.82
CA LYS B 204 13.09 8.75 51.75
C LYS B 204 13.39 7.43 51.07
N HIS B 205 12.46 6.48 51.14
CA HIS B 205 12.51 5.32 50.24
C HIS B 205 12.02 5.62 48.80
N MET B 206 11.20 6.67 48.62
CA MET B 206 10.78 7.15 47.31
C MET B 206 10.73 8.66 47.31
N ASN B 207 10.84 9.24 46.11
CA ASN B 207 10.68 10.67 45.87
C ASN B 207 9.30 11.08 45.26
N ALA B 208 8.65 12.08 45.86
CA ALA B 208 7.38 12.61 45.33
C ALA B 208 7.46 13.03 43.87
N ASP B 209 8.59 13.59 43.45
CA ASP B 209 8.84 14.01 42.04
C ASP B 209 8.83 12.89 41.02
N THR B 210 9.13 11.68 41.43
CA THR B 210 9.24 10.59 40.49
C THR B 210 8.06 10.46 39.53
N ASP B 211 8.39 10.38 38.24
CA ASP B 211 7.38 10.26 37.25
C ASP B 211 7.76 9.19 36.21
N TYR B 212 6.91 9.02 35.19
CA TYR B 212 7.06 7.95 34.24
C TYR B 212 8.46 7.84 33.67
N SER B 213 9.05 8.96 33.26
CA SER B 213 10.27 8.88 32.51
C SER B 213 11.48 8.80 33.44
N ILE B 214 11.36 9.38 34.64
CA ILE B 214 12.46 9.23 35.60
C ILE B 214 12.54 7.77 35.99
N ALA B 215 11.41 7.17 36.32
CA ALA B 215 11.36 5.74 36.70
C ALA B 215 11.86 4.81 35.61
N GLU B 216 11.32 4.93 34.40
CA GLU B 216 11.74 4.11 33.26
C GLU B 216 13.24 4.17 33.11
N ALA B 217 13.77 5.39 32.98
CA ALA B 217 15.21 5.63 32.82
C ALA B 217 16.03 5.01 33.94
N ALA B 218 15.65 5.31 35.18
CA ALA B 218 16.26 4.73 36.36
C ALA B 218 16.23 3.20 36.35
N PHE B 219 15.08 2.61 36.11
CA PHE B 219 15.07 1.17 35.99
C PHE B 219 15.98 0.64 34.86
N ASN B 220 15.94 1.27 33.69
CA ASN B 220 16.58 0.68 32.52
C ASN B 220 18.09 0.80 32.60
N LYS B 221 18.53 1.69 33.50
CA LYS B 221 19.93 1.97 33.73
C LYS B 221 20.48 1.12 34.91
N GLY B 222 19.66 0.23 35.43
CA GLY B 222 20.02 -0.61 36.56
C GLY B 222 20.20 0.12 37.88
N GLU B 223 19.45 1.20 38.12
CA GLU B 223 19.66 2.03 39.29
C GLU B 223 18.70 1.68 40.41
N THR B 224 17.57 1.13 40.01
CA THR B 224 16.54 0.75 40.92
C THR B 224 16.19 -0.73 40.63
N ALA B 225 15.87 -1.49 41.68
CA ALA B 225 15.59 -2.92 41.52
C ALA B 225 14.20 -3.24 40.93
N MET B 226 13.23 -2.33 41.11
CA MET B 226 11.85 -2.64 40.78
C MET B 226 11.12 -1.48 40.22
N THR B 227 10.18 -1.76 39.34
CA THR B 227 9.33 -0.74 38.85
C THR B 227 7.98 -1.37 38.71
N ILE B 228 6.97 -0.53 38.50
CA ILE B 228 5.61 -0.93 38.29
C ILE B 228 5.25 -0.32 36.96
N ASN B 229 4.91 -1.14 35.97
CA ASN B 229 4.59 -0.64 34.66
C ASN B 229 3.81 -1.68 33.89
N GLY B 230 3.40 -1.35 32.67
CA GLY B 230 2.60 -2.26 31.90
C GLY B 230 3.43 -2.92 30.83
N PRO B 231 2.76 -3.67 29.94
CA PRO B 231 3.42 -4.37 28.84
C PRO B 231 4.21 -3.43 27.91
N TRP B 232 3.64 -2.27 27.59
CA TRP B 232 4.27 -1.38 26.60
C TRP B 232 5.69 -1.07 27.00
N ALA B 233 5.95 -1.16 28.30
CA ALA B 233 7.27 -0.89 28.83
C ALA B 233 8.30 -1.99 28.64
N TRP B 234 7.90 -3.19 28.22
CA TRP B 234 8.82 -4.32 28.21
C TRP B 234 9.87 -4.16 27.10
N SER B 235 9.43 -3.56 26.00
CA SER B 235 10.31 -3.37 24.87
C SER B 235 11.55 -2.57 25.25
N ASN B 236 11.37 -1.39 25.80
CA ASN B 236 12.52 -0.62 26.25
C ASN B 236 13.40 -1.29 27.29
N ILE B 237 12.87 -2.29 27.97
CA ILE B 237 13.69 -3.03 28.90
C ILE B 237 14.54 -4.04 28.12
N ASP B 238 13.91 -4.78 27.20
CA ASP B 238 14.63 -5.72 26.30
C ASP B 238 15.89 -5.07 25.74
N THR B 239 15.72 -3.82 25.28
CA THR B 239 16.78 -2.99 24.67
C THR B 239 17.87 -2.58 25.64
N SER B 240 17.52 -2.35 26.89
CA SER B 240 18.50 -1.95 27.91
C SER B 240 19.28 -3.13 28.38
N LYS B 241 18.85 -4.33 27.98
CA LYS B 241 19.55 -5.57 28.33
C LYS B 241 19.65 -5.83 29.84
N VAL B 242 18.82 -5.18 30.64
CA VAL B 242 18.65 -5.53 32.04
C VAL B 242 17.96 -6.87 32.08
N ASN B 243 18.54 -7.84 32.77
CA ASN B 243 17.88 -9.11 32.96
C ASN B 243 16.66 -8.97 33.91
N TYR B 244 15.47 -8.85 33.32
CA TYR B 244 14.27 -8.48 34.07
C TYR B 244 13.28 -9.62 34.16
N GLY B 245 12.52 -9.67 35.26
CA GLY B 245 11.34 -10.50 35.38
C GLY B 245 10.06 -9.64 35.45
N VAL B 246 8.92 -10.30 35.17
CA VAL B 246 7.62 -9.72 35.34
C VAL B 246 6.81 -10.63 36.21
N THR B 247 6.37 -10.13 37.36
CA THR B 247 5.81 -10.96 38.42
C THR B 247 4.53 -10.32 39.03
N VAL B 248 3.93 -11.02 39.96
CA VAL B 248 2.71 -10.57 40.62
C VAL B 248 3.05 -9.37 41.52
N LEU B 249 2.17 -8.37 41.53
CA LEU B 249 2.30 -7.25 42.42
C LEU B 249 2.33 -7.71 43.87
N PRO B 250 3.12 -7.00 44.70
CA PRO B 250 3.24 -7.44 46.05
C PRO B 250 1.94 -7.20 46.83
N THR B 251 1.68 -8.03 47.83
CA THR B 251 0.53 -7.85 48.71
C THR B 251 0.63 -6.68 49.68
N PHE B 252 -0.52 -6.17 50.13
CA PHE B 252 -0.52 -5.16 51.18
C PHE B 252 -1.43 -5.59 52.31
N LYS B 253 -0.93 -5.57 53.52
CA LYS B 253 -1.67 -6.10 54.65
C LYS B 253 -2.23 -7.50 54.32
N GLY B 254 -1.39 -8.30 53.65
CA GLY B 254 -1.74 -9.64 53.22
C GLY B 254 -2.67 -9.76 52.01
N GLN B 255 -3.13 -8.61 51.51
CA GLN B 255 -4.08 -8.56 50.40
C GLN B 255 -3.39 -8.31 49.06
N PRO B 256 -3.86 -8.93 47.96
CA PRO B 256 -3.30 -8.66 46.66
C PRO B 256 -3.55 -7.22 46.28
N SER B 257 -2.61 -6.63 45.53
CA SER B 257 -2.84 -5.33 44.96
C SER B 257 -3.80 -5.52 43.80
N LYS B 258 -4.56 -4.47 43.52
CA LYS B 258 -5.73 -4.65 42.69
C LYS B 258 -5.70 -3.64 41.59
N PRO B 259 -4.83 -3.85 40.59
CA PRO B 259 -4.75 -2.89 39.50
C PRO B 259 -6.12 -2.74 38.81
N PHE B 260 -6.37 -1.55 38.32
CA PHE B 260 -7.51 -1.36 37.49
C PHE B 260 -7.10 -1.84 36.11
N VAL B 261 -7.95 -2.64 35.49
CA VAL B 261 -7.57 -3.26 34.24
C VAL B 261 -8.12 -2.41 33.06
N GLY B 262 -7.34 -2.19 32.03
CA GLY B 262 -7.85 -1.44 30.91
C GLY B 262 -7.95 -2.30 29.68
N VAL B 263 -9.04 -2.18 28.93
CA VAL B 263 -9.03 -2.69 27.55
C VAL B 263 -8.66 -1.55 26.57
N LEU B 264 -7.51 -1.69 25.94
CA LEU B 264 -7.12 -0.74 24.90
C LEU B 264 -8.09 -0.90 23.75
N SER B 265 -8.71 0.19 23.35
CA SER B 265 -9.79 0.15 22.40
C SER B 265 -9.65 1.25 21.35
N ALA B 266 -10.33 1.02 20.22
CA ALA B 266 -10.30 1.94 19.09
C ALA B 266 -11.71 2.42 18.76
N GLY B 267 -11.91 3.73 18.86
CA GLY B 267 -13.19 4.35 18.65
C GLY B 267 -13.18 5.13 17.37
N ILE B 268 -14.36 5.32 16.78
CA ILE B 268 -14.45 6.07 15.55
C ILE B 268 -15.18 7.38 15.83
N ASN B 269 -14.53 8.50 15.47
CA ASN B 269 -15.06 9.84 15.64
C ASN B 269 -16.38 9.96 14.95
N ALA B 270 -17.38 10.38 15.70
CA ALA B 270 -18.73 10.49 15.16
C ALA B 270 -18.80 11.44 13.96
N ALA B 271 -17.92 12.44 13.92
CA ALA B 271 -17.96 13.47 12.91
C ALA B 271 -17.08 13.16 11.69
N SER B 272 -16.45 11.99 11.70
CA SER B 272 -15.58 11.58 10.61
C SER B 272 -16.33 11.23 9.33
N PRO B 273 -15.87 11.75 8.18
CA PRO B 273 -16.49 11.35 6.90
C PRO B 273 -15.90 10.06 6.36
N ASN B 274 -15.18 9.33 7.18
CA ASN B 274 -14.46 8.16 6.72
C ASN B 274 -14.79 6.93 7.54
N LYS B 275 -16.01 6.86 8.06
CA LYS B 275 -16.35 5.78 8.95
C LYS B 275 -16.15 4.41 8.33
N GLU B 276 -16.40 4.31 7.03
CA GLU B 276 -16.25 3.07 6.32
C GLU B 276 -14.80 2.66 6.14
N LEU B 277 -13.94 3.62 5.85
CA LEU B 277 -12.51 3.35 5.78
C LEU B 277 -11.98 2.89 7.13
N ALA B 278 -12.46 3.53 8.19
CA ALA B 278 -12.06 3.22 9.56
C ALA B 278 -12.40 1.81 9.93
N LYS B 279 -13.61 1.40 9.59
CA LYS B 279 -14.07 0.04 9.84
C LYS B 279 -13.23 -0.98 9.07
N GLU B 280 -12.90 -0.69 7.82
CA GLU B 280 -12.16 -1.66 7.04
C GLU B 280 -10.76 -1.76 7.59
N PHE B 281 -10.20 -0.61 7.99
CA PHE B 281 -8.86 -0.56 8.53
C PHE B 281 -8.75 -1.38 9.79
N LEU B 282 -9.68 -1.13 10.70
CA LEU B 282 -9.65 -1.79 11.99
C LEU B 282 -9.98 -3.27 11.93
N GLU B 283 -10.95 -3.63 11.07
CA GLU B 283 -11.42 -5.03 10.95
C GLU B 283 -10.52 -5.92 10.13
N ASN B 284 -10.08 -5.40 8.98
CA ASN B 284 -9.34 -6.21 8.00
C ASN B 284 -7.84 -6.05 8.02
N TYR B 285 -7.31 -5.04 8.71
CA TYR B 285 -5.87 -4.84 8.76
C TYR B 285 -5.29 -4.93 10.16
N LEU B 286 -5.74 -4.08 11.06
CA LEU B 286 -5.31 -4.14 12.46
C LEU B 286 -5.73 -5.38 13.24
N LEU B 287 -7.03 -5.65 13.35
CA LEU B 287 -7.46 -6.86 14.09
C LEU B 287 -7.20 -8.22 13.41
N THR B 288 -5.94 -8.48 13.07
CA THR B 288 -5.50 -9.68 12.38
C THR B 288 -4.15 -10.01 12.98
N ASP B 289 -3.75 -11.28 12.95
CA ASP B 289 -2.42 -11.65 13.51
C ASP B 289 -1.32 -10.76 12.93
N GLU B 290 -1.32 -10.66 11.60
CA GLU B 290 -0.48 -9.72 10.86
C GLU B 290 -0.49 -8.27 11.42
N GLY B 291 -1.67 -7.74 11.70
CA GLY B 291 -1.78 -6.36 12.19
C GLY B 291 -1.36 -6.21 13.65
N LEU B 292 -1.78 -7.12 14.50
CA LEU B 292 -1.46 -7.00 15.89
C LEU B 292 0.02 -7.25 16.13
N GLU B 293 0.57 -8.23 15.42
CA GLU B 293 1.97 -8.61 15.56
C GLU B 293 2.86 -7.45 15.17
N ALA B 294 2.47 -6.68 14.16
CA ALA B 294 3.23 -5.48 13.81
C ALA B 294 3.30 -4.48 14.97
N VAL B 295 2.19 -4.30 15.68
CA VAL B 295 2.13 -3.38 16.82
C VAL B 295 2.77 -3.99 18.06
N ASN B 296 2.57 -5.29 18.26
CA ASN B 296 3.15 -5.96 19.42
C ASN B 296 4.67 -5.93 19.41
N LYS B 297 5.22 -5.99 18.19
CA LYS B 297 6.65 -6.08 18.02
C LYS B 297 7.27 -4.72 18.16
N ASP B 298 6.43 -3.70 18.27
CA ASP B 298 6.90 -2.40 18.56
C ASP B 298 6.88 -2.18 20.09
N LYS B 299 5.71 -2.21 20.72
CA LYS B 299 5.58 -2.25 22.17
C LYS B 299 4.48 -3.25 22.48
N PRO B 300 4.77 -4.24 23.35
CA PRO B 300 3.81 -5.29 23.60
C PRO B 300 2.48 -4.73 24.09
N LEU B 301 1.41 -5.30 23.55
CA LEU B 301 0.05 -4.89 23.89
C LEU B 301 -0.52 -5.43 25.24
N GLY B 302 0.08 -6.45 25.82
CA GLY B 302 -0.57 -7.16 26.91
C GLY B 302 -1.28 -8.36 26.32
N ALA B 303 -2.35 -8.79 26.96
CA ALA B 303 -3.21 -9.85 26.44
C ALA B 303 -4.19 -9.36 25.37
N VAL B 304 -3.93 -9.71 24.12
CA VAL B 304 -4.74 -9.20 23.04
C VAL B 304 -6.15 -9.74 23.05
N ALA B 305 -7.06 -9.03 22.41
CA ALA B 305 -8.46 -9.43 22.35
C ALA B 305 -8.77 -10.41 21.23
N LEU B 306 -7.88 -10.50 20.24
CA LEU B 306 -8.06 -11.34 19.09
C LEU B 306 -7.68 -12.72 19.50
N LYS B 307 -8.70 -13.58 19.63
CA LYS B 307 -8.56 -14.95 20.12
C LYS B 307 -7.37 -15.70 19.52
N SER B 308 -7.21 -15.62 18.19
CA SER B 308 -6.25 -16.51 17.47
C SER B 308 -4.77 -16.16 17.73
N TYR B 309 -4.51 -14.86 17.85
CA TYR B 309 -3.20 -14.38 18.21
C TYR B 309 -2.94 -14.56 19.70
N GLU B 310 -3.94 -14.37 20.55
CA GLU B 310 -3.76 -14.53 21.98
C GLU B 310 -3.25 -15.94 22.34
N GLU B 311 -3.69 -16.97 21.61
CA GLU B 311 -3.19 -18.34 21.80
C GLU B 311 -1.66 -18.46 21.73
N GLU B 312 -1.00 -17.63 20.91
CA GLU B 312 0.47 -17.63 20.83
C GLU B 312 1.10 -16.84 21.97
N LEU B 313 0.59 -15.64 22.23
CA LEU B 313 1.06 -14.79 23.32
C LEU B 313 0.79 -15.35 24.72
N ALA B 314 -0.27 -16.12 24.89
CA ALA B 314 -0.60 -16.65 26.23
C ALA B 314 0.53 -17.46 26.86
N LYS B 315 1.38 -18.06 26.02
CA LYS B 315 2.53 -18.89 26.49
C LYS B 315 3.76 -18.14 27.11
N ASP B 316 3.65 -16.82 27.23
CA ASP B 316 4.73 -15.98 27.69
C ASP B 316 4.54 -15.73 29.22
N PRO B 317 5.56 -16.07 30.02
CA PRO B 317 5.47 -15.85 31.46
C PRO B 317 5.05 -14.40 31.78
N ARG B 318 5.50 -13.46 30.97
CA ARG B 318 5.19 -12.07 31.21
C ARG B 318 3.69 -11.84 31.03
N ILE B 319 3.11 -12.41 29.98
CA ILE B 319 1.68 -12.26 29.72
C ILE B 319 0.92 -13.05 30.76
N ALA B 320 1.45 -14.22 31.13
CA ALA B 320 0.83 -14.96 32.21
C ALA B 320 0.76 -14.03 33.43
N ALA B 321 1.88 -13.40 33.80
CA ALA B 321 1.92 -12.44 34.92
C ALA B 321 0.98 -11.22 34.77
N THR B 322 0.89 -10.68 33.57
CA THR B 322 -0.09 -9.66 33.32
C THR B 322 -1.48 -10.16 33.74
N MET B 323 -1.88 -11.34 33.24
CA MET B 323 -3.20 -11.93 33.53
C MET B 323 -3.42 -12.27 35.03
N GLU B 324 -2.40 -12.80 35.67
CA GLU B 324 -2.54 -13.05 37.11
C GLU B 324 -2.89 -11.73 37.88
N ASN B 325 -2.20 -10.61 37.57
CA ASN B 325 -2.52 -9.34 38.19
C ASN B 325 -3.87 -8.79 37.71
N ALA B 326 -4.20 -9.08 36.45
CA ALA B 326 -5.52 -8.76 35.92
C ALA B 326 -6.64 -9.41 36.73
N GLN B 327 -6.56 -10.72 36.97
CA GLN B 327 -7.51 -11.45 37.81
C GLN B 327 -7.70 -10.83 39.21
N LYS B 328 -6.60 -10.47 39.83
CA LYS B 328 -6.64 -9.92 41.19
C LYS B 328 -7.27 -8.56 41.24
N GLY B 329 -7.11 -7.78 40.18
CA GLY B 329 -7.76 -6.49 40.05
C GLY B 329 -9.19 -6.60 39.52
N GLU B 330 -9.58 -5.58 38.74
CA GLU B 330 -10.96 -5.27 38.47
C GLU B 330 -11.03 -4.50 37.16
N ILE B 331 -11.89 -4.90 36.24
CA ILE B 331 -11.97 -4.10 35.00
C ILE B 331 -12.50 -2.71 35.36
N MET B 332 -11.89 -1.67 34.81
CA MET B 332 -12.37 -0.33 35.05
C MET B 332 -13.80 -0.13 34.58
N PRO B 333 -14.62 0.58 35.37
CA PRO B 333 -15.94 0.98 34.89
C PRO B 333 -15.76 1.83 33.65
N ASN B 334 -16.74 1.90 32.78
CA ASN B 334 -16.62 2.82 31.65
C ASN B 334 -17.58 4.04 31.68
N ILE B 335 -18.18 4.25 32.84
CA ILE B 335 -19.19 5.26 32.99
C ILE B 335 -18.60 6.67 32.91
N PRO B 336 -19.40 7.70 32.67
CA PRO B 336 -18.75 8.98 32.39
C PRO B 336 -18.17 9.66 33.61
N GLN B 337 -18.49 9.19 34.80
CA GLN B 337 -17.95 9.79 36.03
C GLN B 337 -16.49 9.36 36.27
N MET B 338 -15.97 8.53 35.36
CA MET B 338 -14.59 8.08 35.47
C MET B 338 -13.60 9.25 35.39
N SER B 339 -13.94 10.24 34.59
CA SER B 339 -13.18 11.42 34.43
C SER B 339 -12.96 12.18 35.71
N ALA B 340 -14.04 12.54 36.38
CA ALA B 340 -14.01 13.13 37.70
C ALA B 340 -13.28 12.25 38.77
N PHE B 341 -13.55 10.94 38.77
CA PHE B 341 -12.86 10.03 39.64
C PHE B 341 -11.35 10.14 39.55
N TRP B 342 -10.82 9.99 38.33
CA TRP B 342 -9.39 10.00 38.10
C TRP B 342 -8.77 11.31 38.47
N TYR B 343 -9.41 12.40 38.14
CA TYR B 343 -8.92 13.74 38.47
C TYR B 343 -8.82 13.92 39.99
N ALA B 344 -9.84 13.41 40.69
CA ALA B 344 -9.87 13.52 42.12
C ALA B 344 -8.71 12.77 42.80
N VAL B 345 -8.44 11.56 42.32
CA VAL B 345 -7.46 10.67 42.92
C VAL B 345 -6.04 11.13 42.57
N ARG B 346 -5.84 11.59 41.33
CA ARG B 346 -4.63 12.29 40.90
C ARG B 346 -4.32 13.44 41.82
N THR B 347 -5.30 14.32 42.03
CA THR B 347 -5.11 15.35 43.02
C THR B 347 -4.76 14.81 44.39
N ALA B 348 -5.50 13.83 44.88
CA ALA B 348 -5.29 13.38 46.28
C ALA B 348 -3.89 12.79 46.46
N VAL B 349 -3.47 11.99 45.49
CA VAL B 349 -2.22 11.33 45.60
C VAL B 349 -1.12 12.38 45.62
N ILE B 350 -1.12 13.32 44.67
CA ILE B 350 -0.06 14.29 44.63
C ILE B 350 0.02 15.18 45.86
N ASN B 351 -1.11 15.68 46.34
CA ASN B 351 -1.11 16.46 47.57
C ASN B 351 -0.54 15.69 48.75
N ALA B 352 -0.98 14.44 48.93
CA ALA B 352 -0.54 13.63 50.05
C ALA B 352 0.96 13.36 49.98
N ALA B 353 1.40 13.03 48.77
CA ALA B 353 2.81 12.84 48.43
C ALA B 353 3.74 14.05 48.65
N SER B 354 3.27 15.27 48.35
CA SER B 354 4.15 16.42 48.42
C SER B 354 4.08 17.05 49.79
N GLY B 355 3.30 16.47 50.68
CA GLY B 355 3.09 17.05 52.02
C GLY B 355 2.10 18.21 52.11
N ARG B 356 1.43 18.56 51.01
CA ARG B 356 0.43 19.66 51.00
C ARG B 356 -0.83 19.42 51.84
N GLN B 357 -1.25 18.16 51.93
CA GLN B 357 -2.37 17.76 52.78
C GLN B 357 -2.00 16.44 53.40
N THR B 358 -2.55 16.15 54.57
CA THR B 358 -2.43 14.81 55.12
C THR B 358 -3.24 13.83 54.25
N VAL B 359 -3.00 12.52 54.45
CA VAL B 359 -3.79 11.48 53.82
C VAL B 359 -5.31 11.69 54.07
N ASP B 360 -5.70 11.95 55.33
CA ASP B 360 -7.11 12.23 55.67
C ASP B 360 -7.76 13.33 54.77
N GLU B 361 -7.08 14.49 54.71
CA GLU B 361 -7.52 15.70 54.03
C GLU B 361 -7.61 15.48 52.52
N ALA B 362 -6.57 14.93 51.95
CA ALA B 362 -6.54 14.59 50.55
C ALA B 362 -7.68 13.70 50.11
N LEU B 363 -7.90 12.61 50.84
CA LEU B 363 -8.88 11.62 50.42
C LEU B 363 -10.29 12.08 50.65
N LYS B 364 -10.47 12.91 51.66
CA LYS B 364 -11.76 13.48 51.93
C LYS B 364 -12.17 14.38 50.77
N ASP B 365 -11.23 15.21 50.29
CA ASP B 365 -11.51 16.01 49.07
C ASP B 365 -11.79 15.13 47.86
N ALA B 366 -11.18 13.98 47.78
CA ALA B 366 -11.46 13.16 46.63
C ALA B 366 -12.87 12.58 46.78
N GLN B 367 -13.16 12.15 47.99
CA GLN B 367 -14.51 11.84 48.40
C GLN B 367 -15.55 12.87 47.94
N THR B 368 -15.39 14.15 48.25
CA THR B 368 -16.36 15.18 47.92
C THR B 368 -16.09 15.89 46.59
N ASN B 369 -15.10 15.44 45.83
CA ASN B 369 -14.88 15.97 44.49
C ASN B 369 -14.52 17.48 44.46
N ALA B 370 -13.83 17.90 45.52
CA ALA B 370 -13.40 19.25 45.76
C ALA B 370 -12.51 19.80 44.66
N ALA B 371 -11.52 19.04 44.25
CA ALA B 371 -10.67 19.44 43.14
C ALA B 371 -11.48 19.79 41.89
N ALA B 372 -12.21 18.81 41.33
CA ALA B 372 -12.96 19.02 40.09
C ALA B 372 -13.93 20.18 40.15
N GLU B 373 -14.49 20.42 41.32
CA GLU B 373 -15.48 21.50 41.49
C GLU B 373 -14.83 22.87 41.54
N PHE B 374 -13.56 22.93 41.96
CA PHE B 374 -12.87 24.20 41.97
C PHE B 374 -12.42 24.52 40.52
N ALA B 375 -11.95 23.53 39.77
CA ALA B 375 -11.49 23.80 38.40
C ALA B 375 -12.68 24.29 37.63
N ALA B 376 -13.81 23.77 38.06
CA ALA B 376 -15.06 24.01 37.41
C ALA B 376 -15.61 25.38 37.77
N LEU B 377 -15.25 25.87 38.95
CA LEU B 377 -15.68 27.16 39.44
C LEU B 377 -14.90 28.24 38.72
N LEU B 378 -13.57 28.12 38.74
CA LEU B 378 -12.74 29.06 38.02
C LEU B 378 -13.09 29.00 36.51
N HIS B 379 -13.37 27.81 36.03
CA HIS B 379 -13.66 27.67 34.62
C HIS B 379 -14.94 28.40 34.19
N SER B 380 -15.99 28.21 34.97
CA SER B 380 -17.24 28.79 34.60
C SER B 380 -17.21 30.31 34.77
N LEU B 381 -16.36 30.81 35.67
CA LEU B 381 -16.22 32.26 35.78
C LEU B 381 -15.64 32.81 34.51
N LEU B 382 -14.58 32.19 34.00
CA LEU B 382 -13.97 32.54 32.73
C LEU B 382 -14.97 32.38 31.58
N GLU B 383 -15.66 31.25 31.48
CA GLU B 383 -16.64 31.10 30.41
C GLU B 383 -17.62 32.27 30.44
N ALA B 384 -18.22 32.52 31.60
CA ALA B 384 -19.16 33.63 31.76
C ALA B 384 -18.59 34.95 31.23
N ASN B 385 -17.32 35.20 31.54
CA ASN B 385 -16.72 36.48 31.29
C ASN B 385 -16.42 36.61 29.85
N CYS B 386 -16.23 35.49 29.19
CA CYS B 386 -15.87 35.52 27.80
C CYS B 386 -17.15 35.63 26.99
N SER B 387 -18.25 35.16 27.55
CA SER B 387 -19.53 35.31 26.87
C SER B 387 -19.96 36.75 26.95
N LEU B 388 -19.62 37.36 28.06
CA LEU B 388 -20.05 38.69 28.30
C LEU B 388 -19.31 39.60 27.37
N ALA B 389 -18.03 39.35 27.18
CA ALA B 389 -17.23 40.12 26.26
C ALA B 389 -17.79 40.00 24.84
N LEU B 390 -18.28 38.80 24.51
CA LEU B 390 -18.90 38.54 23.23
C LEU B 390 -20.17 39.35 23.11
N ALA B 391 -20.96 39.34 24.18
CA ALA B 391 -22.22 40.06 24.22
C ALA B 391 -21.99 41.51 23.88
N GLU B 392 -21.09 42.16 24.60
CA GLU B 392 -20.78 43.55 24.42
C GLU B 392 -20.37 43.83 22.96
N GLU B 393 -19.46 43.04 22.43
CA GLU B 393 -18.95 43.23 21.07
C GLU B 393 -20.06 43.15 20.04
N LEU B 394 -20.89 42.13 20.13
CA LEU B 394 -22.04 42.03 19.24
C LEU B 394 -22.99 43.20 19.39
N LEU B 395 -23.32 43.54 20.63
CA LEU B 395 -24.26 44.62 20.95
C LEU B 395 -23.85 45.92 20.26
N LEU B 396 -22.56 46.23 20.32
CA LEU B 396 -21.99 47.38 19.65
C LEU B 396 -22.06 47.24 18.13
N ASP B 397 -21.50 46.14 17.64
CA ASP B 397 -21.42 45.88 16.21
C ASP B 397 -22.78 45.73 15.47
N GLY B 398 -23.86 45.84 16.19
CA GLY B 398 -25.17 45.74 15.57
C GLY B 398 -26.19 46.81 15.88
N TRP B 399 -26.07 47.47 17.02
CA TRP B 399 -26.91 48.59 17.40
C TRP B 399 -26.17 49.81 17.91
N GLY B 400 -24.84 49.74 17.92
CA GLY B 400 -24.02 50.95 18.14
C GLY B 400 -24.03 51.74 16.85
N PRO B 401 -23.56 53.00 16.87
CA PRO B 401 -23.55 53.77 15.59
C PRO B 401 -22.70 53.05 14.52
N PRO B 402 -23.00 53.29 13.23
CA PRO B 402 -22.30 52.56 12.13
C PRO B 402 -20.77 52.63 12.24
N LEU B 403 -20.05 51.52 12.37
CA LEU B 403 -18.57 51.64 12.37
C LEU B 403 -18.08 52.23 11.01
N ASP B 404 -16.77 52.45 10.88
CA ASP B 404 -16.20 53.18 9.72
C ASP B 404 -16.90 52.59 8.48
N PRO B 405 -17.45 53.45 7.60
CA PRO B 405 -17.76 52.94 6.26
C PRO B 405 -16.56 52.28 5.54
N GLU B 406 -15.46 52.07 6.27
CA GLU B 406 -14.22 51.49 5.74
C GLU B 406 -13.41 50.78 6.83
N GLY B 407 -14.01 49.77 7.46
CA GLY B 407 -13.28 48.80 8.29
C GLY B 407 -13.70 47.50 7.62
N PRO B 408 -13.77 46.39 8.38
CA PRO B 408 -14.10 45.06 7.78
C PRO B 408 -15.24 44.20 8.39
N TYR B 409 -15.83 43.35 7.54
CA TYR B 409 -17.04 42.54 7.86
C TYR B 409 -16.58 41.26 8.59
N SER B 410 -15.24 41.11 8.61
CA SER B 410 -14.53 39.83 8.73
C SER B 410 -13.62 39.80 9.96
N TYR B 411 -14.19 39.46 11.10
CA TYR B 411 -13.45 39.37 12.33
C TYR B 411 -13.32 37.93 12.74
N CYS B 412 -12.38 37.67 13.64
CA CYS B 412 -12.38 36.44 14.43
C CYS B 412 -13.18 36.82 15.67
N ASN B 413 -14.11 35.98 16.10
CA ASN B 413 -14.98 36.38 17.21
C ASN B 413 -14.32 36.08 18.54
N THR B 414 -14.67 36.87 19.55
CA THR B 414 -14.32 36.56 20.93
C THR B 414 -14.46 35.08 21.22
N THR B 415 -13.40 34.48 21.75
CA THR B 415 -13.27 33.04 22.04
C THR B 415 -12.42 32.78 23.28
N LEU B 416 -12.67 31.66 23.96
CA LEU B 416 -11.95 31.28 25.18
C LEU B 416 -11.21 30.00 24.92
N ASP B 417 -9.88 30.04 25.01
CA ASP B 417 -9.09 28.86 24.68
C ASP B 417 -9.09 27.86 25.84
N GLN B 418 -8.45 26.71 25.66
CA GLN B 418 -8.40 25.68 26.71
C GLN B 418 -7.56 26.06 27.92
N ILE B 419 -6.90 27.22 27.87
CA ILE B 419 -6.10 27.66 29.00
C ILE B 419 -6.81 28.76 29.82
N GLY B 420 -7.97 29.22 29.35
CA GLY B 420 -8.72 30.25 30.04
C GLY B 420 -8.50 31.66 29.52
N THR B 421 -7.58 31.83 28.54
CA THR B 421 -7.34 33.14 27.97
C THR B 421 -8.53 33.41 27.09
N CYS B 422 -9.08 34.61 27.21
CA CYS B 422 -10.18 34.98 26.35
C CYS B 422 -9.56 35.81 25.21
N TRP B 423 -9.64 35.32 23.99
CA TRP B 423 -9.18 36.07 22.82
C TRP B 423 -10.28 37.02 22.34
N PRO B 424 -9.98 38.34 22.27
CA PRO B 424 -11.00 39.30 21.92
C PRO B 424 -11.26 39.34 20.43
N ARG B 425 -12.39 39.92 20.04
CA ARG B 425 -12.78 39.97 18.64
C ARG B 425 -11.73 40.79 17.90
N SER B 426 -11.20 40.24 16.82
CA SER B 426 -10.05 40.84 16.14
C SER B 426 -10.21 40.76 14.66
N ALA B 427 -9.58 41.73 13.98
CA ALA B 427 -9.60 41.82 12.52
C ALA B 427 -8.78 40.70 11.87
N ALA B 428 -9.24 40.22 10.74
CA ALA B 428 -8.52 39.23 9.95
C ALA B 428 -7.12 39.74 9.63
N GLY B 429 -6.11 38.91 9.88
CA GLY B 429 -4.72 39.30 9.75
C GLY B 429 -4.04 39.65 11.06
N ALA B 430 -4.82 39.99 12.08
CA ALA B 430 -4.26 40.45 13.36
C ALA B 430 -3.46 39.39 14.07
N LEU B 431 -2.32 39.79 14.61
CA LEU B 431 -1.61 39.01 15.58
C LEU B 431 -1.97 39.61 16.93
N VAL B 432 -2.57 38.82 17.80
CA VAL B 432 -3.18 39.39 18.97
C VAL B 432 -2.39 38.95 20.19
N GLU B 433 -2.06 39.90 21.06
CA GLU B 433 -1.41 39.61 22.32
C GLU B 433 -2.41 39.59 23.45
N ARG B 434 -2.33 38.62 24.33
CA ARG B 434 -3.10 38.69 25.54
C ARG B 434 -2.21 38.27 26.68
N PRO B 435 -2.42 38.81 27.91
CA PRO B 435 -1.49 38.42 28.96
C PRO B 435 -1.67 36.95 29.35
N CYS B 436 -0.56 36.32 29.74
CA CYS B 436 -0.49 34.96 30.22
C CYS B 436 -1.39 34.74 31.42
N PRO B 437 -2.03 33.57 31.51
CA PRO B 437 -2.86 33.24 32.64
C PRO B 437 -2.15 33.59 33.91
N GLU B 438 -2.90 34.06 34.91
CA GLU B 438 -2.30 34.35 36.19
C GLU B 438 -2.17 33.05 36.90
N TYR B 439 -3.06 32.12 36.56
CA TYR B 439 -3.14 30.84 37.23
C TYR B 439 -3.44 29.74 36.25
N PHE B 440 -2.68 28.65 36.36
CA PHE B 440 -2.97 27.49 35.54
C PHE B 440 -2.47 26.21 36.16
N ASN B 441 -3.41 25.29 36.34
CA ASN B 441 -3.14 24.00 36.98
C ASN B 441 -2.17 24.10 38.13
N GLY B 442 -2.57 24.88 39.14
CA GLY B 442 -1.83 24.95 40.40
C GLY B 442 -0.53 25.71 40.30
N VAL B 443 -0.35 26.39 39.17
CA VAL B 443 0.86 27.13 38.94
C VAL B 443 0.55 28.56 38.56
N LYS B 444 1.30 29.47 39.16
CA LYS B 444 1.20 30.91 38.90
C LYS B 444 2.24 31.40 37.89
N TYR B 445 1.78 32.25 36.97
CA TYR B 445 2.63 32.70 35.85
C TYR B 445 2.86 34.20 35.90
N ASN B 446 4.01 34.62 35.39
CA ASN B 446 4.28 36.05 35.27
C ASN B 446 3.40 36.70 34.20
N THR B 447 2.32 37.39 34.63
CA THR B 447 1.31 37.98 33.74
C THR B 447 1.80 39.17 32.91
N THR B 448 2.96 39.73 33.22
CA THR B 448 3.45 40.82 32.39
C THR B 448 4.13 40.37 31.06
N ARG B 449 4.09 39.05 30.80
CA ARG B 449 4.42 38.46 29.51
C ARG B 449 3.12 38.03 28.85
N ASN B 450 3.18 37.78 27.54
CA ASN B 450 2.02 37.63 26.69
C ASN B 450 1.90 36.28 26.01
N ALA B 451 0.67 35.86 25.79
CA ALA B 451 0.40 34.81 24.81
C ALA B 451 0.17 35.49 23.47
N TYR B 452 0.36 34.76 22.38
CA TYR B 452 0.07 35.25 21.02
C TYR B 452 -0.82 34.32 20.18
N ARG B 453 -1.83 34.88 19.54
CA ARG B 453 -2.67 34.09 18.65
C ARG B 453 -2.95 34.86 17.38
N GLU B 454 -2.84 34.16 16.26
CA GLU B 454 -3.08 34.79 14.98
C GLU B 454 -4.54 34.65 14.52
N CYS B 455 -5.15 35.78 14.19
CA CYS B 455 -6.43 35.81 13.50
C CYS B 455 -6.12 35.78 12.00
N LEU B 456 -6.42 34.64 11.39
CA LEU B 456 -6.05 34.38 9.98
C LEU B 456 -6.74 35.35 9.03
N GLU B 457 -6.16 35.53 7.84
CA GLU B 457 -6.74 36.45 6.83
C GLU B 457 -8.16 36.12 6.33
N ASN B 458 -8.62 34.92 6.67
CA ASN B 458 -9.92 34.44 6.24
C ASN B 458 -11.03 34.64 7.27
N GLY B 459 -10.68 35.02 8.50
CA GLY B 459 -11.69 35.31 9.50
C GLY B 459 -11.78 34.29 10.61
N THR B 460 -10.90 33.30 10.60
CA THR B 460 -10.87 32.26 11.64
C THR B 460 -9.62 32.33 12.52
N TRP B 461 -9.75 31.92 13.77
CA TRP B 461 -8.59 31.84 14.63
C TRP B 461 -7.67 30.73 14.18
N ALA B 462 -6.37 31.01 14.08
CA ALA B 462 -5.35 29.96 13.99
C ALA B 462 -5.57 28.95 15.13
N SER B 463 -5.26 27.70 14.87
CA SER B 463 -5.56 26.68 15.87
C SER B 463 -4.45 26.56 16.92
N LYS B 464 -3.23 26.94 16.56
CA LYS B 464 -2.13 26.97 17.53
C LYS B 464 -2.08 28.29 18.25
N ILE B 465 -1.78 28.22 19.53
CA ILE B 465 -1.62 29.40 20.33
C ILE B 465 -0.21 29.44 20.96
N ASN B 466 0.44 30.58 20.87
CA ASN B 466 1.81 30.69 21.33
C ASN B 466 1.89 31.01 22.80
N TYR B 467 2.13 29.97 23.60
CA TYR B 467 2.33 30.17 25.02
C TYR B 467 3.82 30.19 25.43
N SER B 468 4.72 30.19 24.45
CA SER B 468 6.13 29.98 24.72
C SER B 468 6.73 30.91 25.75
N GLN B 469 6.14 32.08 25.95
CA GLN B 469 6.71 33.11 26.83
C GLN B 469 6.13 33.07 28.24
N CYS B 470 5.24 32.15 28.53
CA CYS B 470 4.63 32.20 29.85
C CYS B 470 5.51 31.46 30.90
N GLU B 471 6.43 32.20 31.53
CA GLU B 471 7.31 31.60 32.56
C GLU B 471 6.56 31.51 33.89
N PRO B 472 6.58 30.32 34.54
CA PRO B 472 5.95 30.17 35.85
C PRO B 472 6.84 30.84 36.87
N ILE B 473 6.32 31.15 38.05
CA ILE B 473 7.18 31.67 39.11
C ILE B 473 6.92 31.03 40.49
N LYS C 3 -54.02 13.44 6.12
CA LYS C 3 -52.81 12.97 5.36
C LYS C 3 -52.99 12.97 3.83
N ILE C 4 -51.90 12.74 3.09
CA ILE C 4 -51.93 12.57 1.62
C ILE C 4 -52.74 11.30 1.24
N GLU C 5 -53.35 11.30 0.06
CA GLU C 5 -54.13 10.12 -0.35
C GLU C 5 -53.27 9.02 -0.98
N GLU C 6 -53.50 7.79 -0.52
CA GLU C 6 -52.76 6.63 -0.97
C GLU C 6 -53.23 6.24 -2.38
N GLY C 7 -52.30 6.11 -3.32
CA GLY C 7 -52.63 5.64 -4.67
C GLY C 7 -52.83 6.73 -5.72
N LYS C 8 -52.41 7.95 -5.39
CA LYS C 8 -52.26 9.02 -6.38
C LYS C 8 -51.00 9.81 -6.10
N LEU C 9 -50.55 10.63 -7.06
CA LEU C 9 -49.44 11.54 -6.80
C LEU C 9 -49.92 12.96 -7.00
N VAL C 10 -49.66 13.81 -5.99
CA VAL C 10 -49.88 15.25 -6.12
C VAL C 10 -48.49 15.88 -6.21
N ILE C 11 -48.35 16.83 -7.12
CA ILE C 11 -47.07 17.46 -7.38
C ILE C 11 -47.21 18.97 -7.38
N TRP C 12 -46.33 19.60 -6.61
CA TRP C 12 -46.25 21.06 -6.55
C TRP C 12 -45.05 21.59 -7.33
N ILE C 13 -45.32 22.40 -8.32
CA ILE C 13 -44.25 23.12 -9.00
C ILE C 13 -44.70 24.58 -9.17
N ASN C 14 -43.72 25.46 -9.33
CA ASN C 14 -43.94 26.90 -9.47
C ASN C 14 -44.57 27.23 -10.80
N GLY C 15 -45.56 28.10 -10.76
CA GLY C 15 -46.28 28.55 -11.98
C GLY C 15 -45.46 29.01 -13.19
N ASP C 16 -44.22 29.46 -12.93
CA ASP C 16 -43.39 29.99 -14.01
C ASP C 16 -42.70 28.87 -14.76
N LYS C 17 -42.77 27.67 -14.20
CA LYS C 17 -42.13 26.49 -14.81
C LYS C 17 -43.06 25.77 -15.79
N GLY C 18 -42.58 24.69 -16.37
CA GLY C 18 -43.32 23.96 -17.39
C GLY C 18 -44.27 22.91 -16.84
N TYR C 19 -45.23 23.36 -16.05
CA TYR C 19 -46.14 22.44 -15.35
C TYR C 19 -47.10 21.65 -16.26
N ASN C 20 -47.33 22.12 -17.49
CA ASN C 20 -48.19 21.39 -18.42
C ASN C 20 -47.40 20.30 -19.14
N GLY C 21 -46.12 20.57 -19.38
CA GLY C 21 -45.24 19.54 -19.88
C GLY C 21 -45.21 18.44 -18.83
N LEU C 22 -44.95 18.85 -17.59
CA LEU C 22 -44.89 17.92 -16.47
C LEU C 22 -46.15 17.04 -16.37
N ALA C 23 -47.32 17.65 -16.49
CA ALA C 23 -48.60 16.92 -16.46
C ALA C 23 -48.81 15.93 -17.62
N GLU C 24 -48.22 16.20 -18.78
CA GLU C 24 -48.23 15.21 -19.88
C GLU C 24 -47.35 14.00 -19.52
N VAL C 25 -46.21 14.24 -18.85
CA VAL C 25 -45.37 13.12 -18.34
C VAL C 25 -46.15 12.34 -17.28
N GLY C 26 -46.97 13.09 -16.53
CA GLY C 26 -47.92 12.54 -15.56
C GLY C 26 -49.04 11.76 -16.22
N LYS C 27 -49.44 12.21 -17.42
CA LYS C 27 -50.46 11.51 -18.20
C LYS C 27 -49.87 10.23 -18.80
N LYS C 28 -48.55 10.17 -18.96
CA LYS C 28 -47.86 8.96 -19.42
C LYS C 28 -47.79 7.87 -18.34
N PHE C 29 -47.40 8.31 -17.14
CA PHE C 29 -47.35 7.47 -15.94
C PHE C 29 -48.72 6.84 -15.66
N GLU C 30 -49.77 7.63 -15.82
CA GLU C 30 -51.13 7.20 -15.57
C GLU C 30 -51.59 6.14 -16.57
N LYS C 31 -51.37 6.42 -17.86
CA LYS C 31 -51.60 5.44 -18.92
C LYS C 31 -51.01 4.08 -18.55
N ASP C 32 -49.76 4.09 -18.10
CA ASP C 32 -49.04 2.88 -17.77
C ASP C 32 -49.52 2.20 -16.47
N THR C 33 -49.54 2.96 -15.38
CA THR C 33 -49.66 2.41 -14.02
C THR C 33 -51.07 2.50 -13.44
N GLY C 34 -51.89 3.39 -13.99
CA GLY C 34 -53.26 3.59 -13.54
C GLY C 34 -53.35 4.55 -12.35
N ILE C 35 -52.24 5.23 -12.08
CA ILE C 35 -52.15 6.11 -10.91
C ILE C 35 -52.28 7.54 -11.36
N LYS C 36 -53.40 8.14 -10.97
CA LYS C 36 -53.67 9.54 -11.24
C LYS C 36 -52.53 10.43 -10.70
N VAL C 37 -52.01 11.30 -11.57
CA VAL C 37 -50.95 12.25 -11.20
C VAL C 37 -51.49 13.69 -11.35
N THR C 38 -51.73 14.35 -10.23
CA THR C 38 -52.18 15.75 -10.31
C THR C 38 -51.00 16.73 -10.11
N VAL C 39 -50.88 17.70 -11.02
CA VAL C 39 -49.86 18.75 -10.94
C VAL C 39 -50.50 20.10 -10.62
N GLU C 40 -50.12 20.67 -9.49
CA GLU C 40 -50.63 21.98 -9.10
C GLU C 40 -49.49 22.99 -8.99
N HIS C 41 -49.89 24.27 -8.90
CA HIS C 41 -48.97 25.42 -8.79
C HIS C 41 -49.52 26.47 -7.78
N PRO C 42 -49.57 26.11 -6.47
CA PRO C 42 -50.04 27.06 -5.47
C PRO C 42 -49.10 28.24 -5.35
N ASP C 43 -49.61 29.40 -4.98
CA ASP C 43 -48.72 30.54 -4.86
C ASP C 43 -47.89 30.39 -3.59
N LYS C 44 -46.72 31.04 -3.57
CA LYS C 44 -45.84 31.00 -2.37
C LYS C 44 -45.67 29.53 -1.95
N LEU C 45 -45.38 28.73 -2.97
CA LEU C 45 -45.14 27.30 -2.86
C LEU C 45 -44.12 26.89 -1.79
N GLU C 46 -42.98 27.60 -1.80
CA GLU C 46 -41.83 27.30 -0.96
C GLU C 46 -42.03 27.66 0.52
N GLU C 47 -43.11 28.39 0.81
CA GLU C 47 -43.47 28.69 2.19
C GLU C 47 -44.67 27.85 2.52
N LYS C 48 -45.52 27.58 1.54
CA LYS C 48 -46.71 26.79 1.81
C LYS C 48 -46.33 25.35 2.13
N PHE C 49 -45.24 24.88 1.52
CA PHE C 49 -44.84 23.50 1.66
C PHE C 49 -44.46 23.05 3.08
N PRO C 50 -43.63 23.84 3.81
CA PRO C 50 -43.33 23.44 5.19
C PRO C 50 -44.50 23.64 6.18
N GLN C 51 -45.29 24.71 6.02
CA GLN C 51 -46.55 24.85 6.79
C GLN C 51 -47.36 23.58 6.72
N VAL C 52 -47.72 23.15 5.50
CA VAL C 52 -48.63 22.00 5.34
C VAL C 52 -47.91 20.66 5.54
N ALA C 53 -46.67 20.56 5.04
CA ALA C 53 -45.89 19.33 5.22
C ALA C 53 -45.72 19.01 6.71
N ALA C 54 -45.37 20.03 7.50
CA ALA C 54 -45.19 19.90 8.96
C ALA C 54 -46.25 19.03 9.58
N THR C 55 -47.46 19.08 9.02
CA THR C 55 -48.64 18.40 9.62
C THR C 55 -49.01 17.00 9.04
N GLY C 56 -48.21 16.49 8.11
CA GLY C 56 -48.53 15.22 7.45
C GLY C 56 -49.44 15.36 6.24
N ASP C 57 -49.40 16.54 5.62
CA ASP C 57 -50.27 16.90 4.50
C ASP C 57 -49.45 17.54 3.35
N GLY C 58 -50.13 17.87 2.24
CA GLY C 58 -49.48 18.51 1.10
C GLY C 58 -49.10 17.55 -0.01
N PRO C 59 -48.14 17.95 -0.87
CA PRO C 59 -47.79 17.18 -2.05
C PRO C 59 -46.96 15.95 -1.73
N ASP C 60 -47.07 14.96 -2.62
CA ASP C 60 -46.18 13.81 -2.64
C ASP C 60 -44.76 14.26 -3.02
N ILE C 61 -44.68 15.07 -4.07
CA ILE C 61 -43.41 15.51 -4.65
C ILE C 61 -43.36 17.03 -4.69
N ILE C 62 -42.21 17.60 -4.36
CA ILE C 62 -42.07 19.06 -4.46
C ILE C 62 -40.90 19.54 -5.34
N PHE C 63 -41.21 20.54 -6.17
CA PHE C 63 -40.29 21.15 -7.12
C PHE C 63 -39.86 22.57 -6.75
N TRP C 64 -38.55 22.74 -6.61
CA TRP C 64 -37.96 24.01 -6.33
C TRP C 64 -36.46 23.98 -6.50
N ALA C 65 -35.88 25.17 -6.59
CA ALA C 65 -34.45 25.32 -6.50
C ALA C 65 -34.01 24.73 -5.17
N HIS C 66 -32.82 24.15 -5.18
CA HIS C 66 -32.32 23.33 -4.09
C HIS C 66 -32.09 24.14 -2.83
N ASP C 67 -32.05 25.45 -2.95
CA ASP C 67 -31.64 26.25 -1.81
C ASP C 67 -32.55 26.11 -0.57
N ARG C 68 -33.80 25.70 -0.75
CA ARG C 68 -34.69 25.58 0.42
C ARG C 68 -34.86 24.15 0.94
N PHE C 69 -34.17 23.22 0.29
CA PHE C 69 -34.29 21.83 0.63
C PHE C 69 -33.52 21.56 1.92
N GLY C 70 -32.37 22.21 2.08
CA GLY C 70 -31.66 22.21 3.35
C GLY C 70 -32.58 22.43 4.55
N GLY C 71 -33.28 23.57 4.51
CA GLY C 71 -34.35 23.92 5.44
C GLY C 71 -35.43 22.86 5.62
N TYR C 72 -35.85 22.22 4.53
CA TYR C 72 -36.88 21.17 4.64
C TYR C 72 -36.36 19.87 5.27
N ALA C 73 -35.10 19.54 4.98
CA ALA C 73 -34.54 18.28 5.43
C ALA C 73 -34.21 18.39 6.90
N GLN C 74 -33.72 19.57 7.29
CA GLN C 74 -33.36 19.90 8.66
C GLN C 74 -34.60 19.73 9.54
N SER C 75 -35.75 20.16 9.04
CA SER C 75 -37.03 19.95 9.72
C SER C 75 -37.59 18.52 9.64
N GLY C 76 -36.93 17.64 8.88
CA GLY C 76 -37.37 16.25 8.62
C GLY C 76 -38.58 16.03 7.72
N LEU C 77 -38.77 16.89 6.71
CA LEU C 77 -39.98 16.88 5.84
C LEU C 77 -39.78 16.22 4.51
N LEU C 78 -38.51 16.02 4.14
CA LEU C 78 -38.15 15.34 2.90
C LEU C 78 -37.67 13.95 3.20
N ALA C 79 -38.19 12.98 2.47
CA ALA C 79 -37.73 11.62 2.57
C ALA C 79 -36.39 11.46 1.84
N GLU C 80 -35.50 10.64 2.40
CA GLU C 80 -34.21 10.38 1.78
C GLU C 80 -34.40 9.57 0.51
N ILE C 81 -33.89 10.09 -0.60
CA ILE C 81 -33.95 9.37 -1.85
C ILE C 81 -32.76 8.41 -1.95
N THR C 82 -32.99 7.26 -2.57
CA THR C 82 -31.95 6.25 -2.69
C THR C 82 -31.89 5.70 -4.11
N PRO C 83 -31.31 6.49 -5.03
CA PRO C 83 -31.08 5.97 -6.38
C PRO C 83 -29.85 5.08 -6.36
N ASP C 84 -29.84 4.06 -7.22
CA ASP C 84 -28.70 3.14 -7.32
C ASP C 84 -27.57 3.78 -8.14
N LYS C 85 -26.41 3.12 -8.19
CA LYS C 85 -25.24 3.67 -8.88
C LYS C 85 -25.51 4.04 -10.34
N ALA C 86 -26.01 3.07 -11.12
CA ALA C 86 -26.36 3.25 -12.54
C ALA C 86 -27.15 4.53 -12.85
N PHE C 87 -28.01 4.95 -11.92
CA PHE C 87 -28.83 6.16 -12.09
C PHE C 87 -28.07 7.43 -11.74
N GLN C 88 -27.09 7.31 -10.84
CA GLN C 88 -26.31 8.49 -10.44
C GLN C 88 -25.27 8.86 -11.50
N ASP C 89 -24.83 7.87 -12.27
CA ASP C 89 -23.97 8.15 -13.42
C ASP C 89 -24.70 8.85 -14.57
N LYS C 90 -26.03 8.74 -14.60
CA LYS C 90 -26.86 9.41 -15.61
C LYS C 90 -26.93 10.92 -15.41
N LEU C 91 -26.66 11.39 -14.20
CA LEU C 91 -26.65 12.83 -13.90
C LEU C 91 -25.24 13.34 -13.47
N TYR C 92 -25.00 14.65 -13.68
CA TYR C 92 -23.72 15.31 -13.33
C TYR C 92 -23.41 15.34 -11.83
N PRO C 93 -22.17 14.94 -11.46
CA PRO C 93 -21.73 15.02 -10.06
C PRO C 93 -22.09 16.34 -9.33
N PHE C 94 -21.84 17.51 -9.93
CA PHE C 94 -22.11 18.78 -9.22
C PHE C 94 -23.60 19.06 -8.92
N THR C 95 -24.50 18.32 -9.56
CA THR C 95 -25.93 18.51 -9.31
C THR C 95 -26.36 17.68 -8.11
N TRP C 96 -25.74 16.51 -7.93
CA TRP C 96 -25.99 15.72 -6.72
C TRP C 96 -25.49 16.52 -5.53
N ASP C 97 -24.36 17.22 -5.70
CA ASP C 97 -23.83 18.03 -4.60
C ASP C 97 -24.88 18.96 -4.03
N ALA C 98 -25.54 19.71 -4.91
CA ALA C 98 -26.51 20.69 -4.48
C ALA C 98 -27.70 20.07 -3.72
N VAL C 99 -28.02 18.81 -3.99
CA VAL C 99 -29.10 18.08 -3.28
C VAL C 99 -28.62 17.19 -2.10
N ARG C 100 -27.42 17.46 -1.61
CA ARG C 100 -26.89 16.72 -0.47
C ARG C 100 -26.93 17.53 0.81
N TYR C 101 -27.43 16.92 1.87
CA TYR C 101 -27.53 17.60 3.15
C TYR C 101 -27.16 16.58 4.24
N ASN C 102 -26.06 16.84 4.94
CA ASN C 102 -25.45 15.88 5.87
C ASN C 102 -25.11 14.55 5.23
N GLY C 103 -24.55 14.64 4.02
CA GLY C 103 -24.10 13.49 3.27
C GLY C 103 -25.24 12.63 2.79
N LYS C 104 -26.48 13.08 2.98
CA LYS C 104 -27.66 12.34 2.53
C LYS C 104 -28.28 13.01 1.33
N LEU C 105 -28.58 12.24 0.30
CA LEU C 105 -29.30 12.78 -0.86
C LEU C 105 -30.76 13.05 -0.51
N ILE C 106 -31.19 14.29 -0.63
CA ILE C 106 -32.56 14.63 -0.21
C ILE C 106 -33.56 15.00 -1.34
N ALA C 107 -33.08 14.98 -2.59
CA ALA C 107 -33.92 15.25 -3.77
C ALA C 107 -33.24 14.92 -5.08
N TYR C 108 -34.03 14.89 -6.14
CA TYR C 108 -33.52 14.68 -7.49
C TYR C 108 -33.18 16.01 -8.15
N PRO C 109 -31.98 16.09 -8.72
CA PRO C 109 -31.68 17.25 -9.57
C PRO C 109 -32.47 17.17 -10.87
N ILE C 110 -32.92 18.32 -11.37
CA ILE C 110 -33.60 18.34 -12.65
C ILE C 110 -32.82 19.20 -13.62
N ALA C 111 -32.49 20.42 -13.20
CA ALA C 111 -31.91 21.40 -14.13
C ALA C 111 -31.25 22.54 -13.42
N VAL C 112 -30.30 23.12 -14.12
CA VAL C 112 -29.59 24.26 -13.64
C VAL C 112 -30.22 25.49 -14.29
N GLU C 113 -30.49 26.49 -13.47
CA GLU C 113 -31.05 27.74 -13.94
C GLU C 113 -30.14 28.87 -13.40
N ALA C 114 -29.87 29.84 -14.26
CA ALA C 114 -29.14 31.05 -13.90
C ALA C 114 -29.71 32.21 -14.72
N LEU C 115 -29.76 33.41 -14.15
CA LEU C 115 -30.31 34.53 -14.88
C LEU C 115 -29.40 34.92 -16.05
N SER C 116 -29.97 35.49 -17.10
CA SER C 116 -29.21 36.17 -18.18
C SER C 116 -29.81 37.54 -18.54
N LEU C 117 -29.05 38.34 -19.27
CA LEU C 117 -29.59 39.56 -19.81
C LEU C 117 -30.32 39.16 -21.06
N ILE C 118 -31.58 39.56 -21.18
CA ILE C 118 -32.34 39.24 -22.36
C ILE C 118 -32.73 40.55 -22.99
N TYR C 119 -32.56 40.65 -24.30
CA TYR C 119 -32.59 41.95 -24.95
C TYR C 119 -33.17 41.87 -26.35
N ASN C 120 -33.72 43.01 -26.79
CA ASN C 120 -34.53 43.11 -27.98
C ASN C 120 -33.62 43.54 -29.11
N LYS C 121 -33.42 42.68 -30.11
CA LYS C 121 -32.40 42.92 -31.16
C LYS C 121 -32.74 44.05 -32.10
N ASP C 122 -34.00 44.43 -32.11
CA ASP C 122 -34.41 45.50 -32.98
C ASP C 122 -34.27 46.84 -32.33
N LEU C 123 -34.42 46.91 -31.01
CA LEU C 123 -34.18 48.11 -30.24
C LEU C 123 -32.71 48.25 -29.85
N LEU C 124 -32.00 47.12 -29.68
CA LEU C 124 -30.63 47.15 -29.21
C LEU C 124 -29.84 46.08 -29.90
N PRO C 125 -29.31 46.36 -31.11
CA PRO C 125 -28.51 45.31 -31.73
C PRO C 125 -27.28 44.96 -30.86
N ASN C 126 -26.75 45.95 -30.14
CA ASN C 126 -25.62 45.77 -29.25
C ASN C 126 -25.95 46.07 -27.79
N PRO C 127 -26.36 45.04 -27.05
CA PRO C 127 -26.61 45.20 -25.64
C PRO C 127 -25.40 45.72 -24.90
N PRO C 128 -25.61 46.52 -23.85
CA PRO C 128 -24.45 47.12 -23.24
C PRO C 128 -23.60 46.06 -22.52
N LYS C 129 -22.28 46.24 -22.53
CA LYS C 129 -21.42 45.40 -21.75
C LYS C 129 -21.48 45.69 -20.24
N THR C 130 -21.74 46.95 -19.86
CA THR C 130 -21.61 47.41 -18.45
C THR C 130 -22.88 48.03 -17.88
N TRP C 131 -23.13 47.87 -16.58
CA TRP C 131 -24.31 48.51 -15.89
C TRP C 131 -24.31 50.04 -15.98
N GLU C 132 -23.13 50.62 -15.90
CA GLU C 132 -22.93 52.07 -15.98
C GLU C 132 -23.43 52.69 -17.31
N GLU C 133 -23.35 51.91 -18.40
CA GLU C 133 -23.84 52.33 -19.73
C GLU C 133 -25.37 52.53 -19.71
N ILE C 134 -26.04 51.88 -18.78
CA ILE C 134 -27.51 51.83 -18.77
C ILE C 134 -28.27 53.17 -18.56
N PRO C 135 -27.81 54.03 -17.62
CA PRO C 135 -28.43 55.36 -17.52
C PRO C 135 -28.54 56.10 -18.83
N ALA C 136 -27.43 56.18 -19.55
CA ALA C 136 -27.36 56.96 -20.79
C ALA C 136 -28.26 56.29 -21.84
N LEU C 137 -28.37 54.97 -21.74
CA LEU C 137 -29.03 54.19 -22.76
C LEU C 137 -30.52 54.34 -22.62
N ASP C 138 -30.93 54.58 -21.38
CA ASP C 138 -32.33 54.76 -21.05
C ASP C 138 -32.78 56.12 -21.52
N LYS C 139 -31.88 57.10 -21.37
CA LYS C 139 -32.18 58.44 -21.82
C LYS C 139 -32.55 58.40 -23.30
N GLU C 140 -31.70 57.79 -24.14
CA GLU C 140 -31.98 57.68 -25.60
C GLU C 140 -33.27 56.91 -25.89
N LEU C 141 -33.57 55.88 -25.11
CA LEU C 141 -34.74 55.07 -25.41
C LEU C 141 -36.05 55.71 -24.92
N LYS C 142 -35.96 56.52 -23.86
CA LYS C 142 -37.09 57.37 -23.41
C LYS C 142 -37.52 58.34 -24.49
N ALA C 143 -36.53 58.84 -25.23
CA ALA C 143 -36.78 59.72 -26.35
C ALA C 143 -37.60 59.01 -27.44
N LYS C 144 -37.51 57.69 -27.54
CA LYS C 144 -38.30 56.94 -28.52
C LYS C 144 -39.54 56.29 -27.87
N GLY C 145 -39.95 56.79 -26.70
CA GLY C 145 -41.15 56.27 -26.03
C GLY C 145 -41.01 54.83 -25.53
N LYS C 146 -39.79 54.48 -25.13
CA LYS C 146 -39.44 53.13 -24.78
C LYS C 146 -38.60 53.24 -23.54
N SER C 147 -38.09 52.10 -23.09
CA SER C 147 -37.30 52.05 -21.89
C SER C 147 -36.09 51.06 -22.01
N ALA C 148 -34.99 51.37 -21.32
CA ALA C 148 -33.82 50.51 -21.39
C ALA C 148 -34.00 49.12 -20.74
N LEU C 149 -34.61 49.05 -19.55
CA LEU C 149 -34.55 47.84 -18.76
C LEU C 149 -35.62 47.69 -17.68
N MET C 150 -36.29 46.53 -17.69
CA MET C 150 -37.27 46.25 -16.71
C MET C 150 -37.11 44.81 -16.26
N PHE C 151 -37.01 44.63 -14.95
CA PHE C 151 -37.02 43.33 -14.37
C PHE C 151 -37.56 43.43 -12.97
N ASN C 152 -37.81 42.27 -12.39
CA ASN C 152 -38.56 42.15 -11.16
C ASN C 152 -37.81 42.69 -9.93
N LEU C 153 -38.27 43.78 -9.37
CA LEU C 153 -37.53 44.42 -8.26
C LEU C 153 -37.97 43.91 -6.92
N GLN C 154 -38.98 43.04 -6.92
CA GLN C 154 -39.63 42.60 -5.71
C GLN C 154 -39.02 41.31 -5.20
N GLU C 155 -38.08 40.75 -5.96
CA GLU C 155 -37.52 39.45 -5.61
C GLU C 155 -36.02 39.53 -5.62
N PRO C 156 -35.38 39.33 -4.46
CA PRO C 156 -34.00 39.72 -4.37
C PRO C 156 -33.13 38.89 -5.29
N TYR C 157 -33.67 37.75 -5.75
CA TYR C 157 -32.97 36.88 -6.67
C TYR C 157 -32.51 37.59 -7.93
N PHE C 158 -33.22 38.63 -8.30
CA PHE C 158 -33.00 39.32 -9.54
C PHE C 158 -32.04 40.47 -9.39
N THR C 159 -31.90 41.00 -8.20
CA THR C 159 -31.02 42.15 -7.97
C THR C 159 -29.71 41.66 -7.41
N TRP C 160 -29.73 40.43 -6.94
CA TRP C 160 -28.55 39.83 -6.38
C TRP C 160 -27.33 39.93 -7.30
N PRO C 161 -27.45 39.50 -8.56
CA PRO C 161 -26.21 39.45 -9.34
C PRO C 161 -25.44 40.78 -9.34
N LEU C 162 -26.16 41.89 -9.09
CA LEU C 162 -25.56 43.21 -9.13
C LEU C 162 -25.01 43.61 -7.76
N ILE C 163 -25.73 43.23 -6.69
CA ILE C 163 -25.22 43.40 -5.34
C ILE C 163 -23.99 42.52 -5.14
N ALA C 164 -23.93 41.40 -5.86
CA ALA C 164 -22.82 40.45 -5.65
C ALA C 164 -21.66 40.85 -6.52
N ALA C 165 -21.95 41.64 -7.55
CA ALA C 165 -20.96 41.94 -8.58
C ALA C 165 -19.60 42.35 -8.03
N ASP C 166 -19.64 43.22 -7.03
CA ASP C 166 -18.47 43.93 -6.61
C ASP C 166 -18.21 43.58 -5.14
N GLY C 167 -18.52 42.34 -4.79
CA GLY C 167 -18.09 41.76 -3.51
C GLY C 167 -19.12 41.42 -2.46
N GLY C 168 -20.41 41.60 -2.73
CA GLY C 168 -21.43 41.19 -1.76
C GLY C 168 -21.49 39.68 -1.76
N TYR C 169 -21.82 39.08 -0.62
CA TYR C 169 -22.00 37.63 -0.55
C TYR C 169 -22.95 37.20 0.56
N ALA C 170 -23.46 35.98 0.44
CA ALA C 170 -24.36 35.40 1.41
C ALA C 170 -23.55 34.99 2.62
N PHE C 171 -23.19 33.71 2.66
CA PHE C 171 -22.32 33.20 3.70
C PHE C 171 -20.95 32.81 3.15
N LYS C 172 -19.88 33.25 3.82
CA LYS C 172 -18.53 32.98 3.38
C LYS C 172 -18.26 31.49 3.35
N TYR C 173 -17.84 31.01 2.18
CA TYR C 173 -17.37 29.63 2.03
C TYR C 173 -15.92 29.59 2.50
N GLU C 174 -15.63 28.64 3.39
CA GLU C 174 -14.24 28.38 3.79
C GLU C 174 -13.97 26.94 4.17
N ASN C 175 -13.20 26.27 3.29
CA ASN C 175 -12.84 24.84 3.41
C ASN C 175 -14.03 23.88 3.68
N GLY C 176 -14.82 23.63 2.64
CA GLY C 176 -15.97 22.71 2.75
C GLY C 176 -17.20 23.30 3.43
N LYS C 177 -17.00 24.33 4.28
CA LYS C 177 -17.99 24.81 5.26
C LYS C 177 -18.42 26.27 5.06
N TYR C 178 -19.73 26.50 5.10
CA TYR C 178 -20.30 27.86 5.13
C TYR C 178 -20.30 28.42 6.55
N ASP C 179 -19.75 29.61 6.72
CA ASP C 179 -19.81 30.25 8.02
C ASP C 179 -21.05 31.12 8.15
N ILE C 180 -21.97 30.67 8.99
CA ILE C 180 -23.23 31.40 9.17
C ILE C 180 -23.05 32.59 10.07
N LYS C 181 -21.84 32.75 10.60
CA LYS C 181 -21.50 33.91 11.42
C LYS C 181 -20.88 35.02 10.55
N ASP C 182 -20.64 34.72 9.27
CA ASP C 182 -19.95 35.66 8.40
C ASP C 182 -20.80 35.86 7.14
N VAL C 183 -21.67 36.86 7.22
CA VAL C 183 -22.65 37.19 6.17
C VAL C 183 -21.99 38.26 5.34
N GLY C 184 -22.33 38.44 4.06
CA GLY C 184 -21.65 39.49 3.26
C GLY C 184 -22.60 40.48 2.65
N VAL C 185 -23.52 40.98 3.46
CA VAL C 185 -24.65 41.73 2.93
C VAL C 185 -24.48 43.22 3.18
N ASP C 186 -23.60 43.58 4.08
CA ASP C 186 -23.43 44.98 4.42
C ASP C 186 -21.99 45.44 4.14
N ASN C 187 -21.24 44.71 3.34
CA ASN C 187 -19.91 45.19 2.94
C ASN C 187 -19.90 46.30 1.84
N ALA C 188 -18.72 46.79 1.49
CA ALA C 188 -18.63 47.94 0.60
C ALA C 188 -19.21 47.57 -0.76
N GLY C 189 -19.01 46.30 -1.16
CA GLY C 189 -19.52 45.81 -2.46
C GLY C 189 -21.04 45.82 -2.62
N ALA C 190 -21.70 45.28 -1.62
CA ALA C 190 -23.15 45.27 -1.58
C ALA C 190 -23.67 46.71 -1.63
N LYS C 191 -23.05 47.60 -0.86
CA LYS C 191 -23.50 48.96 -0.79
C LYS C 191 -23.47 49.57 -2.16
N ALA C 192 -22.41 49.26 -2.89
CA ALA C 192 -22.12 49.87 -4.18
C ALA C 192 -23.16 49.42 -5.17
N GLY C 193 -23.41 48.11 -5.19
CA GLY C 193 -24.39 47.48 -6.06
C GLY C 193 -25.74 48.07 -5.85
N LEU C 194 -26.25 47.98 -4.62
CA LEU C 194 -27.57 48.49 -4.26
C LEU C 194 -27.70 49.99 -4.50
N THR C 195 -26.70 50.75 -4.09
CA THR C 195 -26.73 52.19 -4.30
C THR C 195 -26.90 52.49 -5.78
N PHE C 196 -26.16 51.77 -6.65
CA PHE C 196 -26.30 52.00 -8.07
C PHE C 196 -27.73 51.75 -8.52
N LEU C 197 -28.32 50.68 -7.99
CA LEU C 197 -29.67 50.27 -8.36
C LEU C 197 -30.70 51.29 -7.88
N VAL C 198 -30.51 51.78 -6.66
CA VAL C 198 -31.40 52.76 -6.11
C VAL C 198 -31.25 54.06 -6.89
N ASP C 199 -30.06 54.35 -7.39
CA ASP C 199 -29.90 55.59 -8.14
C ASP C 199 -30.68 55.53 -9.45
N LEU C 200 -30.77 54.33 -10.04
CA LEU C 200 -31.52 54.19 -11.30
C LEU C 200 -32.95 54.61 -11.10
N ILE C 201 -33.46 54.28 -9.93
CA ILE C 201 -34.84 54.54 -9.56
C ILE C 201 -35.08 56.03 -9.23
N LYS C 202 -34.22 56.59 -8.39
CA LYS C 202 -34.21 58.02 -8.10
C LYS C 202 -34.23 58.83 -9.36
N ASN C 203 -33.41 58.42 -10.35
CA ASN C 203 -33.33 59.11 -11.64
C ASN C 203 -34.36 58.65 -12.70
N LYS C 204 -35.29 57.79 -12.28
CA LYS C 204 -36.46 57.44 -13.10
C LYS C 204 -36.12 56.61 -14.31
N HIS C 205 -34.96 55.99 -14.25
CA HIS C 205 -34.60 55.00 -15.24
C HIS C 205 -35.28 53.66 -14.95
N MET C 206 -35.82 53.48 -13.73
CA MET C 206 -36.63 52.31 -13.37
C MET C 206 -37.64 52.68 -12.31
N ASN C 207 -38.72 51.90 -12.19
CA ASN C 207 -39.76 52.09 -11.17
C ASN C 207 -39.76 51.03 -10.08
N ALA C 208 -39.81 51.45 -8.81
CA ALA C 208 -39.76 50.54 -7.63
C ALA C 208 -40.87 49.46 -7.56
N ASP C 209 -42.04 49.79 -8.09
CA ASP C 209 -43.17 48.88 -8.29
C ASP C 209 -42.94 47.72 -9.21
N THR C 210 -42.14 47.91 -10.25
CA THR C 210 -41.95 46.87 -11.27
C THR C 210 -41.74 45.45 -10.71
N ASP C 211 -42.58 44.53 -11.18
CA ASP C 211 -42.54 43.17 -10.71
C ASP C 211 -42.51 42.20 -11.88
N TYR C 212 -42.58 40.93 -11.55
CA TYR C 212 -42.36 39.93 -12.57
C TYR C 212 -43.29 40.14 -13.78
N SER C 213 -44.59 40.28 -13.53
CA SER C 213 -45.48 40.29 -14.66
C SER C 213 -45.45 41.62 -15.44
N ILE C 214 -45.24 42.74 -14.75
CA ILE C 214 -45.07 44.00 -15.43
C ILE C 214 -43.82 43.94 -16.33
N ALA C 215 -42.72 43.38 -15.82
CA ALA C 215 -41.52 43.26 -16.63
C ALA C 215 -41.73 42.36 -17.83
N GLU C 216 -42.26 41.16 -17.62
CA GLU C 216 -42.41 40.23 -18.70
C GLU C 216 -43.24 40.86 -19.83
N ALA C 217 -44.41 41.36 -19.45
CA ALA C 217 -45.37 41.99 -20.36
C ALA C 217 -44.74 43.14 -21.15
N ALA C 218 -44.05 44.03 -20.45
CA ALA C 218 -43.46 45.18 -21.10
C ALA C 218 -42.47 44.70 -22.14
N PHE C 219 -41.61 43.76 -21.75
CA PHE C 219 -40.61 43.24 -22.68
C PHE C 219 -41.27 42.59 -23.92
N ASN C 220 -42.23 41.72 -23.68
CA ASN C 220 -42.84 40.96 -24.75
C ASN C 220 -43.67 41.85 -25.68
N LYS C 221 -44.07 43.01 -25.18
CA LYS C 221 -44.75 43.98 -26.04
C LYS C 221 -43.82 44.89 -26.81
N GLY C 222 -42.53 44.76 -26.59
CA GLY C 222 -41.57 45.62 -27.24
C GLY C 222 -41.52 47.01 -26.64
N GLU C 223 -41.65 47.14 -25.32
CA GLU C 223 -41.68 48.45 -24.70
C GLU C 223 -40.39 48.82 -24.01
N THR C 224 -39.65 47.78 -23.62
CA THR C 224 -38.39 47.92 -22.91
C THR C 224 -37.36 47.15 -23.72
N ALA C 225 -36.12 47.61 -23.75
CA ALA C 225 -35.08 46.97 -24.57
C ALA C 225 -34.52 45.72 -23.93
N MET C 226 -34.59 45.63 -22.60
CA MET C 226 -33.90 44.62 -21.85
C MET C 226 -34.64 44.15 -20.66
N THR C 227 -34.44 42.89 -20.35
CA THR C 227 -34.97 42.31 -19.13
C THR C 227 -33.95 41.29 -18.62
N ILE C 228 -34.03 41.03 -17.34
CA ILE C 228 -33.24 40.01 -16.71
C ILE C 228 -34.19 38.92 -16.35
N ASN C 229 -34.02 37.74 -16.91
CA ASN C 229 -34.86 36.59 -16.53
C ASN C 229 -34.12 35.30 -16.72
N GLY C 230 -34.78 34.17 -16.53
CA GLY C 230 -34.13 32.89 -16.70
C GLY C 230 -34.72 32.19 -17.92
N PRO C 231 -34.28 30.95 -18.16
CA PRO C 231 -34.76 30.05 -19.22
C PRO C 231 -36.27 29.85 -19.33
N TRP C 232 -36.98 29.73 -18.21
CA TRP C 232 -38.42 29.52 -18.25
C TRP C 232 -39.08 30.65 -19.06
N ALA C 233 -38.48 31.82 -19.02
CA ALA C 233 -39.02 33.00 -19.67
C ALA C 233 -38.86 33.01 -21.17
N TRP C 234 -38.02 32.15 -21.72
CA TRP C 234 -37.76 32.19 -23.16
C TRP C 234 -38.94 31.79 -24.02
N SER C 235 -39.73 30.86 -23.52
CA SER C 235 -40.87 30.37 -24.27
C SER C 235 -41.86 31.51 -24.62
N ASN C 236 -42.34 32.24 -23.61
CA ASN C 236 -43.19 33.41 -23.84
C ASN C 236 -42.63 34.48 -24.73
N ILE C 237 -41.32 34.50 -24.87
CA ILE C 237 -40.71 35.47 -25.78
C ILE C 237 -40.79 34.96 -27.19
N ASP C 238 -40.58 33.65 -27.37
CA ASP C 238 -40.75 33.01 -28.68
C ASP C 238 -42.09 33.34 -29.23
N THR C 239 -43.10 33.23 -28.38
CA THR C 239 -44.47 33.47 -28.76
C THR C 239 -44.70 34.92 -29.15
N SER C 240 -44.02 35.84 -28.47
CA SER C 240 -44.24 37.27 -28.67
C SER C 240 -43.60 37.73 -29.96
N LYS C 241 -42.72 36.89 -30.49
CA LYS C 241 -42.05 37.14 -31.78
C LYS C 241 -41.13 38.38 -31.78
N VAL C 242 -40.94 38.99 -30.60
CA VAL C 242 -39.81 39.89 -30.34
C VAL C 242 -38.53 39.15 -30.68
N ASN C 243 -37.71 39.78 -31.51
CA ASN C 243 -36.43 39.19 -31.89
C ASN C 243 -35.46 39.39 -30.73
N TYR C 244 -35.23 38.34 -29.95
CA TYR C 244 -34.47 38.46 -28.73
C TYR C 244 -33.14 37.73 -28.78
N GLY C 245 -32.17 38.29 -28.08
CA GLY C 245 -30.95 37.59 -27.74
C GLY C 245 -30.91 37.26 -26.26
N VAL C 246 -30.08 36.27 -25.91
CA VAL C 246 -29.76 35.97 -24.53
C VAL C 246 -28.26 36.09 -24.44
N THR C 247 -27.77 37.03 -23.62
CA THR C 247 -26.33 37.28 -23.48
C THR C 247 -25.85 37.38 -22.05
N VAL C 248 -24.58 37.67 -21.85
CA VAL C 248 -23.99 37.72 -20.50
C VAL C 248 -24.52 38.98 -19.81
N LEU C 249 -24.73 38.89 -18.49
CA LEU C 249 -25.12 40.04 -17.69
C LEU C 249 -24.06 41.13 -17.71
N PRO C 250 -24.47 42.41 -17.69
CA PRO C 250 -23.52 43.52 -17.70
C PRO C 250 -22.61 43.53 -16.50
N THR C 251 -21.42 44.09 -16.65
CA THR C 251 -20.49 44.14 -15.55
C THR C 251 -20.79 45.36 -14.68
N PHE C 252 -20.33 45.32 -13.44
CA PHE C 252 -20.46 46.45 -12.55
C PHE C 252 -19.09 46.73 -11.98
N LYS C 253 -18.72 48.01 -11.92
CA LYS C 253 -17.33 48.39 -11.61
C LYS C 253 -16.26 47.46 -12.22
N GLY C 254 -16.40 47.14 -13.50
CA GLY C 254 -15.51 46.22 -14.17
C GLY C 254 -15.64 44.74 -13.78
N GLN C 255 -16.57 44.41 -12.88
CA GLN C 255 -16.75 43.04 -12.39
C GLN C 255 -18.02 42.38 -12.96
N PRO C 256 -17.91 41.07 -13.25
CA PRO C 256 -19.06 40.32 -13.71
C PRO C 256 -20.17 40.33 -12.64
N SER C 257 -21.42 40.31 -13.11
CA SER C 257 -22.52 40.12 -12.22
C SER C 257 -22.53 38.65 -11.84
N LYS C 258 -23.00 38.35 -10.63
CA LYS C 258 -22.79 37.04 -10.06
C LYS C 258 -24.13 36.40 -9.66
N PRO C 259 -24.89 35.90 -10.62
CA PRO C 259 -26.17 35.36 -10.24
C PRO C 259 -25.99 34.21 -9.28
N PHE C 260 -26.90 34.05 -8.31
CA PHE C 260 -26.92 32.83 -7.57
C PHE C 260 -27.51 31.80 -8.49
N VAL C 261 -26.87 30.64 -8.57
CA VAL C 261 -27.36 29.59 -9.43
C VAL C 261 -28.19 28.53 -8.67
N GLY C 262 -29.31 28.13 -9.26
CA GLY C 262 -30.16 27.15 -8.65
C GLY C 262 -30.17 25.86 -9.41
N VAL C 263 -30.15 24.73 -8.71
CA VAL C 263 -30.49 23.50 -9.33
C VAL C 263 -31.93 23.19 -9.01
N LEU C 264 -32.76 23.13 -10.06
CA LEU C 264 -34.16 22.78 -9.85
C LEU C 264 -34.24 21.30 -9.48
N SER C 265 -35.00 21.00 -8.43
CA SER C 265 -34.93 19.69 -7.79
C SER C 265 -36.26 19.19 -7.31
N ALA C 266 -36.36 17.86 -7.25
CA ALA C 266 -37.59 17.21 -6.81
C ALA C 266 -37.36 16.38 -5.55
N GLY C 267 -38.04 16.77 -4.49
CA GLY C 267 -37.92 16.06 -3.23
C GLY C 267 -39.23 15.37 -2.99
N ILE C 268 -39.17 14.34 -2.15
CA ILE C 268 -40.35 13.56 -1.79
C ILE C 268 -40.71 13.86 -0.34
N ASN C 269 -41.95 14.29 -0.13
CA ASN C 269 -42.54 14.57 1.18
C ASN C 269 -42.45 13.35 2.12
N ALA C 270 -41.90 13.58 3.30
CA ALA C 270 -41.60 12.51 4.26
C ALA C 270 -42.85 11.73 4.69
N ALA C 271 -43.99 12.43 4.72
CA ALA C 271 -45.24 11.88 5.22
C ALA C 271 -46.15 11.20 4.18
N SER C 272 -45.69 11.18 2.92
CA SER C 272 -46.42 10.53 1.81
C SER C 272 -46.41 8.99 1.83
N PRO C 273 -47.60 8.37 1.69
CA PRO C 273 -47.68 6.89 1.57
C PRO C 273 -47.39 6.40 0.14
N ASN C 274 -46.74 7.25 -0.66
CA ASN C 274 -46.48 6.98 -2.07
C ASN C 274 -45.03 7.16 -2.52
N LYS C 275 -44.08 6.91 -1.61
CA LYS C 275 -42.66 7.15 -1.89
C LYS C 275 -42.10 6.27 -3.00
N GLU C 276 -42.75 5.14 -3.22
CA GLU C 276 -42.32 4.20 -4.25
C GLU C 276 -42.86 4.59 -5.64
N LEU C 277 -44.13 4.99 -5.68
CA LEU C 277 -44.72 5.62 -6.86
C LEU C 277 -43.95 6.88 -7.31
N ALA C 278 -43.64 7.77 -6.36
CA ALA C 278 -42.83 8.97 -6.59
C ALA C 278 -41.40 8.68 -7.08
N LYS C 279 -40.78 7.61 -6.57
CA LYS C 279 -39.47 7.18 -7.04
C LYS C 279 -39.52 6.63 -8.49
N GLU C 280 -40.54 5.84 -8.80
CA GLU C 280 -40.70 5.32 -10.16
C GLU C 280 -41.09 6.41 -11.18
N PHE C 281 -41.89 7.37 -10.72
CA PHE C 281 -42.29 8.52 -11.55
C PHE C 281 -41.07 9.37 -11.95
N LEU C 282 -40.25 9.70 -10.97
CA LEU C 282 -39.13 10.59 -11.17
C LEU C 282 -37.95 9.88 -11.82
N GLU C 283 -37.85 8.57 -11.66
CA GLU C 283 -36.69 7.89 -12.22
C GLU C 283 -36.91 7.40 -13.65
N ASN C 284 -38.11 6.86 -13.89
CA ASN C 284 -38.41 6.16 -15.15
C ASN C 284 -39.28 6.95 -16.12
N TYR C 285 -39.83 8.08 -15.67
CA TYR C 285 -40.66 8.90 -16.53
C TYR C 285 -40.12 10.34 -16.70
N LEU C 286 -39.89 11.02 -15.58
CA LEU C 286 -39.41 12.40 -15.66
C LEU C 286 -37.92 12.51 -16.07
N LEU C 287 -37.03 11.84 -15.34
CA LEU C 287 -35.63 11.90 -15.71
C LEU C 287 -35.25 11.00 -16.89
N THR C 288 -35.97 11.18 -17.99
CA THR C 288 -35.66 10.56 -19.28
C THR C 288 -35.71 11.68 -20.33
N ASP C 289 -34.99 11.56 -21.45
CA ASP C 289 -35.10 12.56 -22.52
C ASP C 289 -36.56 12.86 -22.84
N GLU C 290 -37.33 11.79 -23.08
CA GLU C 290 -38.77 11.80 -23.28
C GLU C 290 -39.55 12.57 -22.20
N GLY C 291 -39.11 12.43 -20.94
CA GLY C 291 -39.69 13.16 -19.79
C GLY C 291 -39.27 14.63 -19.72
N LEU C 292 -37.97 14.91 -19.88
CA LEU C 292 -37.48 16.28 -19.82
C LEU C 292 -37.91 17.10 -21.03
N GLU C 293 -37.88 16.46 -22.19
CA GLU C 293 -38.23 17.12 -23.42
C GLU C 293 -39.67 17.63 -23.33
N ALA C 294 -40.58 16.81 -22.81
CA ALA C 294 -41.96 17.26 -22.64
C ALA C 294 -42.08 18.53 -21.78
N VAL C 295 -41.21 18.66 -20.78
CA VAL C 295 -41.23 19.82 -19.90
C VAL C 295 -40.55 20.99 -20.57
N ASN C 296 -39.38 20.71 -21.16
CA ASN C 296 -38.60 21.76 -21.80
C ASN C 296 -39.33 22.45 -22.94
N LYS C 297 -40.14 21.69 -23.65
CA LYS C 297 -40.90 22.22 -24.78
C LYS C 297 -42.12 22.98 -24.29
N ASP C 298 -42.25 23.11 -22.98
CA ASP C 298 -43.29 23.93 -22.40
C ASP C 298 -42.62 25.23 -21.93
N LYS C 299 -41.69 25.13 -20.98
CA LYS C 299 -40.82 26.25 -20.59
C LYS C 299 -39.43 25.69 -20.44
N PRO C 300 -38.47 26.24 -21.15
CA PRO C 300 -37.11 25.71 -21.09
C PRO C 300 -36.53 25.62 -19.67
N LEU C 301 -35.96 24.46 -19.35
CA LEU C 301 -35.40 24.22 -18.02
C LEU C 301 -34.04 24.90 -17.77
N GLY C 302 -33.33 25.27 -18.81
CA GLY C 302 -32.00 25.75 -18.59
C GLY C 302 -31.13 24.56 -18.88
N ALA C 303 -29.98 24.44 -18.20
CA ALA C 303 -29.05 23.32 -18.37
C ALA C 303 -29.50 22.11 -17.58
N VAL C 304 -30.07 21.13 -18.25
CA VAL C 304 -30.61 19.99 -17.55
C VAL C 304 -29.54 19.11 -16.84
N ALA C 305 -29.95 18.42 -15.78
CA ALA C 305 -29.05 17.54 -15.02
C ALA C 305 -28.81 16.17 -15.67
N LEU C 306 -29.67 15.77 -16.62
CA LEU C 306 -29.54 14.48 -17.28
C LEU C 306 -28.48 14.53 -18.39
N LYS C 307 -27.41 13.77 -18.22
CA LYS C 307 -26.25 13.82 -19.11
C LYS C 307 -26.60 13.70 -20.59
N SER C 308 -27.45 12.72 -20.93
CA SER C 308 -27.75 12.40 -22.33
C SER C 308 -28.58 13.46 -23.12
N TYR C 309 -29.47 14.15 -22.42
CA TYR C 309 -30.29 15.22 -23.04
C TYR C 309 -29.57 16.57 -23.03
N GLU C 310 -28.70 16.80 -22.05
CA GLU C 310 -27.93 18.04 -21.99
C GLU C 310 -26.97 18.18 -23.16
N GLU C 311 -26.50 17.04 -23.68
CA GLU C 311 -25.68 17.03 -24.91
C GLU C 311 -26.31 17.78 -26.11
N GLU C 312 -27.61 17.59 -26.33
CA GLU C 312 -28.32 18.30 -27.39
C GLU C 312 -28.47 19.77 -26.97
N LEU C 313 -29.09 20.04 -25.81
CA LEU C 313 -29.34 21.42 -25.35
C LEU C 313 -28.10 22.31 -25.23
N ALA C 314 -26.95 21.69 -25.06
CA ALA C 314 -25.70 22.43 -24.92
C ALA C 314 -25.43 23.29 -26.16
N LYS C 315 -25.93 22.85 -27.31
CA LYS C 315 -25.64 23.53 -28.59
C LYS C 315 -26.39 24.84 -28.81
N ASP C 316 -27.29 25.20 -27.89
CA ASP C 316 -28.13 26.36 -28.05
C ASP C 316 -27.38 27.56 -27.50
N PRO C 317 -27.15 28.59 -28.35
CA PRO C 317 -26.55 29.83 -27.85
C PRO C 317 -27.16 30.32 -26.52
N ARG C 318 -28.48 30.32 -26.41
CA ARG C 318 -29.13 30.70 -25.16
C ARG C 318 -28.62 29.83 -23.98
N ILE C 319 -28.52 28.50 -24.18
CA ILE C 319 -28.02 27.61 -23.11
C ILE C 319 -26.54 27.87 -22.81
N ALA C 320 -25.80 28.22 -23.85
CA ALA C 320 -24.41 28.62 -23.66
C ALA C 320 -24.33 29.84 -22.76
N ALA C 321 -25.22 30.79 -22.97
CA ALA C 321 -25.16 32.02 -22.24
C ALA C 321 -25.60 31.81 -20.76
N THR C 322 -26.63 30.99 -20.59
CA THR C 322 -27.06 30.60 -19.25
C THR C 322 -25.82 30.09 -18.51
N MET C 323 -25.06 29.18 -19.15
CA MET C 323 -23.88 28.52 -18.54
C MET C 323 -22.76 29.50 -18.25
N GLU C 324 -22.63 30.52 -19.12
CA GLU C 324 -21.56 31.50 -18.97
C GLU C 324 -21.78 32.33 -17.72
N ASN C 325 -23.00 32.81 -17.52
CA ASN C 325 -23.41 33.54 -16.33
C ASN C 325 -23.33 32.66 -15.09
N ALA C 326 -23.72 31.41 -15.24
CA ALA C 326 -23.61 30.40 -14.20
C ALA C 326 -22.20 30.26 -13.62
N GLN C 327 -21.21 30.26 -14.50
CA GLN C 327 -19.77 30.19 -14.17
C GLN C 327 -19.34 31.40 -13.34
N LYS C 328 -19.91 32.56 -13.63
CA LYS C 328 -19.43 33.82 -13.06
C LYS C 328 -20.10 34.06 -11.74
N GLY C 329 -21.22 33.38 -11.53
CA GLY C 329 -21.91 33.41 -10.27
C GLY C 329 -21.42 32.27 -9.43
N GLU C 330 -22.32 31.77 -8.58
CA GLU C 330 -21.99 30.85 -7.52
C GLU C 330 -23.21 29.99 -7.25
N ILE C 331 -23.04 28.70 -7.04
CA ILE C 331 -24.19 27.88 -6.64
C ILE C 331 -24.70 28.27 -5.24
N MET C 332 -26.00 28.40 -5.11
CA MET C 332 -26.55 28.75 -3.81
C MET C 332 -26.18 27.73 -2.74
N PRO C 333 -25.85 28.22 -1.54
CA PRO C 333 -25.80 27.30 -0.40
C PRO C 333 -27.20 26.66 -0.19
N ASN C 334 -27.28 25.43 0.32
CA ASN C 334 -28.59 24.86 0.62
C ASN C 334 -28.95 24.81 2.12
N ILE C 335 -28.14 25.46 2.94
CA ILE C 335 -28.28 25.42 4.39
C ILE C 335 -29.59 26.07 4.85
N PRO C 336 -30.01 25.78 6.08
CA PRO C 336 -31.33 26.24 6.47
C PRO C 336 -31.44 27.76 6.62
N GLN C 337 -30.34 28.42 6.95
CA GLN C 337 -30.32 29.87 7.13
C GLN C 337 -30.61 30.64 5.83
N MET C 338 -30.72 29.93 4.70
CA MET C 338 -31.05 30.53 3.42
C MET C 338 -32.40 31.22 3.45
N SER C 339 -33.32 30.66 4.21
CA SER C 339 -34.62 31.26 4.40
C SER C 339 -34.50 32.69 4.91
N ALA C 340 -33.79 32.84 6.03
CA ALA C 340 -33.56 34.12 6.70
C ALA C 340 -32.73 35.12 5.83
N PHE C 341 -31.76 34.60 5.09
CA PHE C 341 -30.98 35.42 4.18
C PHE C 341 -31.83 36.03 3.11
N TRP C 342 -32.68 35.23 2.47
CA TRP C 342 -33.50 35.74 1.39
C TRP C 342 -34.50 36.76 1.85
N TYR C 343 -35.18 36.46 2.97
CA TYR C 343 -36.13 37.37 3.56
C TYR C 343 -35.48 38.72 3.94
N ALA C 344 -34.24 38.67 4.43
CA ALA C 344 -33.56 39.87 4.85
C ALA C 344 -33.21 40.77 3.66
N VAL C 345 -32.69 40.17 2.59
CA VAL C 345 -32.35 40.90 1.38
C VAL C 345 -33.57 41.42 0.59
N ARG C 346 -34.64 40.62 0.52
CA ARG C 346 -35.95 41.07 0.04
C ARG C 346 -36.40 42.35 0.73
N THR C 347 -36.41 42.35 2.05
CA THR C 347 -36.70 43.56 2.81
C THR C 347 -35.79 44.73 2.46
N ALA C 348 -34.49 44.50 2.43
CA ALA C 348 -33.55 45.55 2.27
C ALA C 348 -33.75 46.22 0.94
N VAL C 349 -33.82 45.41 -0.10
CA VAL C 349 -33.95 45.93 -1.43
C VAL C 349 -35.24 46.74 -1.56
N ILE C 350 -36.36 46.23 -1.08
CA ILE C 350 -37.59 46.98 -1.24
C ILE C 350 -37.59 48.33 -0.48
N ASN C 351 -37.11 48.29 0.76
CA ASN C 351 -36.99 49.49 1.55
C ASN C 351 -36.13 50.56 0.91
N ALA C 352 -35.00 50.15 0.37
CA ALA C 352 -34.03 51.05 -0.24
C ALA C 352 -34.65 51.61 -1.48
N ALA C 353 -35.30 50.73 -2.22
CA ALA C 353 -36.02 51.06 -3.43
C ALA C 353 -37.16 52.07 -3.28
N SER C 354 -37.98 51.92 -2.26
CA SER C 354 -39.15 52.77 -2.11
C SER C 354 -38.78 54.08 -1.48
N GLY C 355 -37.54 54.18 -0.98
CA GLY C 355 -37.08 55.35 -0.26
C GLY C 355 -37.32 55.29 1.23
N ARG C 356 -37.90 54.20 1.73
CA ARG C 356 -38.16 54.07 3.18
C ARG C 356 -36.88 54.12 4.04
N GLN C 357 -35.77 53.60 3.53
CA GLN C 357 -34.51 53.59 4.25
C GLN C 357 -33.44 53.80 3.20
N THR C 358 -32.35 54.46 3.59
CA THR C 358 -31.18 54.58 2.75
C THR C 358 -30.57 53.21 2.56
N VAL C 359 -29.67 53.13 1.60
CA VAL C 359 -28.85 51.94 1.37
C VAL C 359 -28.13 51.42 2.65
N ASP C 360 -27.42 52.30 3.37
CA ASP C 360 -26.79 51.94 4.65
C ASP C 360 -27.73 51.26 5.68
N GLU C 361 -28.81 51.95 6.01
CA GLU C 361 -29.81 51.49 6.97
C GLU C 361 -30.37 50.10 6.60
N ALA C 362 -30.75 49.96 5.32
CA ALA C 362 -31.41 48.76 4.82
C ALA C 362 -30.49 47.58 4.93
N LEU C 363 -29.28 47.75 4.42
CA LEU C 363 -28.29 46.70 4.40
C LEU C 363 -27.77 46.33 5.79
N LYS C 364 -27.72 47.31 6.69
CA LYS C 364 -27.40 47.02 8.09
C LYS C 364 -28.44 46.13 8.76
N ASP C 365 -29.71 46.44 8.53
CA ASP C 365 -30.78 45.62 9.06
C ASP C 365 -30.74 44.19 8.50
N ALA C 366 -30.44 44.05 7.22
CA ALA C 366 -30.33 42.75 6.62
C ALA C 366 -29.15 41.98 7.18
N GLN C 367 -28.04 42.67 7.37
CA GLN C 367 -26.89 42.13 8.02
C GLN C 367 -27.31 41.50 9.33
N THR C 368 -27.89 42.33 10.20
CA THR C 368 -28.34 41.92 11.53
C THR C 368 -29.37 40.80 11.46
N ASN C 369 -30.26 40.81 10.48
CA ASN C 369 -31.21 39.71 10.30
C ASN C 369 -30.62 38.41 9.74
N ALA C 370 -29.83 38.53 8.66
CA ALA C 370 -29.24 37.37 7.96
C ALA C 370 -28.44 36.51 8.90
N ALA C 371 -27.43 37.06 9.58
CA ALA C 371 -26.85 36.31 10.69
C ALA C 371 -27.85 36.39 11.83
N ALA C 372 -28.12 35.30 12.51
CA ALA C 372 -29.13 35.37 13.54
C ALA C 372 -28.52 36.18 14.71
N GLU C 373 -28.31 37.47 14.46
CA GLU C 373 -27.44 38.30 15.28
C GLU C 373 -28.01 38.65 16.65
N PHE C 374 -29.29 39.00 16.68
CA PHE C 374 -30.06 39.03 17.90
C PHE C 374 -29.88 37.72 18.65
N ALA C 375 -30.02 36.60 17.97
CA ALA C 375 -29.86 35.29 18.61
C ALA C 375 -28.46 34.99 19.17
N ALA C 376 -27.38 35.46 18.51
CA ALA C 376 -26.03 35.20 18.97
C ALA C 376 -25.78 35.94 20.24
N LEU C 377 -26.44 37.09 20.36
CA LEU C 377 -26.25 38.02 21.46
C LEU C 377 -27.10 37.60 22.63
N LEU C 378 -28.30 37.15 22.35
CA LEU C 378 -29.15 36.56 23.37
C LEU C 378 -28.53 35.26 23.85
N HIS C 379 -27.93 34.54 22.92
CA HIS C 379 -27.37 33.25 23.26
C HIS C 379 -26.24 33.41 24.25
N SER C 380 -25.35 34.37 24.00
CA SER C 380 -24.20 34.49 24.86
C SER C 380 -24.61 35.00 26.23
N LEU C 381 -25.71 35.74 26.29
CA LEU C 381 -26.23 36.22 27.55
C LEU C 381 -26.66 35.05 28.36
N LEU C 382 -27.38 34.17 27.71
CA LEU C 382 -27.87 32.95 28.37
C LEU C 382 -26.71 32.07 28.73
N GLU C 383 -25.69 31.92 27.87
CA GLU C 383 -24.52 31.12 28.28
C GLU C 383 -23.92 31.66 29.57
N ALA C 384 -23.60 32.94 29.58
CA ALA C 384 -23.07 33.62 30.74
C ALA C 384 -23.86 33.31 31.99
N ASN C 385 -25.18 33.40 31.87
CA ASN C 385 -26.05 33.41 33.02
C ASN C 385 -26.06 32.03 33.61
N CYS C 386 -25.75 31.04 32.78
CA CYS C 386 -25.87 29.64 33.11
C CYS C 386 -24.62 29.13 33.74
N SER C 387 -23.53 29.79 33.39
CA SER C 387 -22.26 29.58 33.97
C SER C 387 -22.29 30.19 35.35
N LEU C 388 -22.91 31.37 35.47
CA LEU C 388 -22.96 32.06 36.73
C LEU C 388 -23.76 31.25 37.73
N ALA C 389 -24.81 30.61 37.25
CA ALA C 389 -25.68 29.83 38.11
C ALA C 389 -24.90 28.62 38.56
N LEU C 390 -24.01 28.15 37.68
CA LEU C 390 -23.10 27.06 38.03
C LEU C 390 -22.10 27.51 39.07
N ALA C 391 -21.52 28.69 38.86
CA ALA C 391 -20.58 29.28 39.80
C ALA C 391 -21.15 29.34 41.20
N GLU C 392 -22.33 29.94 41.37
CA GLU C 392 -22.93 30.12 42.68
C GLU C 392 -23.15 28.78 43.33
N GLU C 393 -23.64 27.82 42.57
CA GLU C 393 -23.98 26.52 43.12
C GLU C 393 -22.71 25.84 43.66
N LEU C 394 -21.67 25.78 42.85
CA LEU C 394 -20.43 25.20 43.29
C LEU C 394 -19.88 25.92 44.51
N LEU C 395 -19.97 27.25 44.51
CA LEU C 395 -19.38 28.06 45.57
C LEU C 395 -19.99 27.72 46.93
N LEU C 396 -21.30 27.54 46.95
CA LEU C 396 -22.01 27.13 48.15
C LEU C 396 -21.67 25.68 48.51
N ASP C 397 -21.93 24.78 47.57
CA ASP C 397 -21.68 23.34 47.75
C ASP C 397 -20.22 22.94 48.12
N GLY C 398 -19.35 23.93 48.33
CA GLY C 398 -17.94 23.66 48.65
C GLY C 398 -17.58 24.34 49.93
N TRP C 399 -17.64 25.67 49.93
CA TRP C 399 -17.14 26.49 51.05
C TRP C 399 -18.30 27.12 51.85
N GLY C 400 -19.54 26.82 51.44
CA GLY C 400 -20.71 27.12 52.27
C GLY C 400 -20.67 26.11 53.40
N PRO C 401 -21.42 26.37 54.50
CA PRO C 401 -21.45 25.37 55.60
C PRO C 401 -21.84 23.94 55.07
N PRO C 402 -21.42 22.87 55.79
CA PRO C 402 -21.57 21.47 55.34
C PRO C 402 -22.97 21.12 54.81
N PRO C 408 -25.11 13.27 47.69
CA PRO C 408 -24.60 12.43 46.58
C PRO C 408 -23.42 13.00 45.66
N TYR C 409 -22.60 12.10 45.12
CA TYR C 409 -21.43 12.40 44.23
C TYR C 409 -21.80 12.54 42.74
N SER C 410 -23.10 12.48 42.46
CA SER C 410 -23.67 11.96 41.23
C SER C 410 -24.75 12.89 40.65
N TYR C 411 -24.36 14.09 40.28
CA TYR C 411 -25.29 15.05 39.67
C TYR C 411 -25.28 15.00 38.15
N CYS C 412 -26.34 15.50 37.56
CA CYS C 412 -26.34 16.01 36.19
C CYS C 412 -25.77 17.43 36.28
N ASN C 413 -24.80 17.71 35.45
CA ASN C 413 -24.12 19.00 35.50
C ASN C 413 -24.89 20.09 34.74
N THR C 414 -24.85 21.32 35.26
CA THR C 414 -25.44 22.45 34.58
C THR C 414 -25.12 22.39 33.10
N THR C 415 -26.13 22.60 32.26
CA THR C 415 -26.05 22.48 30.79
C THR C 415 -27.02 23.45 30.16
N LEU C 416 -26.69 23.89 28.95
CA LEU C 416 -27.56 24.79 28.20
C LEU C 416 -28.00 24.06 26.95
N ASP C 417 -29.32 23.82 26.82
CA ASP C 417 -29.84 23.05 25.67
C ASP C 417 -29.89 23.91 24.45
N GLN C 418 -30.30 23.37 23.31
CA GLN C 418 -30.17 24.13 22.06
C GLN C 418 -31.25 25.18 21.91
N ILE C 419 -32.03 25.43 22.99
CA ILE C 419 -33.14 26.38 22.97
C ILE C 419 -32.86 27.53 23.92
N GLY C 420 -31.80 27.41 24.70
CA GLY C 420 -31.43 28.51 25.57
C GLY C 420 -31.95 28.37 27.00
N THR C 421 -32.60 27.23 27.33
CA THR C 421 -32.90 26.90 28.74
C THR C 421 -31.66 26.33 29.38
N CYS C 422 -31.34 26.87 30.53
CA CYS C 422 -30.17 26.45 31.25
C CYS C 422 -30.73 25.46 32.27
N TRP C 423 -30.34 24.19 32.16
CA TRP C 423 -30.70 23.18 33.15
C TRP C 423 -29.68 23.17 34.27
N PRO C 424 -30.16 23.39 35.52
CA PRO C 424 -29.26 23.44 36.66
C PRO C 424 -28.80 22.06 37.11
N ARG C 425 -27.66 22.07 37.76
CA ARG C 425 -27.14 20.90 38.40
C ARG C 425 -28.24 20.21 39.27
N SER C 426 -28.50 18.95 38.96
CA SER C 426 -29.59 18.25 39.60
C SER C 426 -29.19 16.88 40.01
N ALA C 427 -29.88 16.39 41.04
CA ALA C 427 -29.70 15.05 41.57
C ALA C 427 -30.20 13.96 40.63
N ALA C 428 -29.48 12.84 40.57
CA ALA C 428 -29.85 11.67 39.75
C ALA C 428 -31.23 11.27 40.14
N GLY C 429 -32.13 11.14 39.17
CA GLY C 429 -33.51 10.82 39.46
C GLY C 429 -34.44 12.00 39.40
N ALA C 430 -33.90 13.20 39.40
CA ALA C 430 -34.72 14.38 39.42
C ALA C 430 -35.45 14.61 38.10
N LEU C 431 -36.72 14.98 38.18
CA LEU C 431 -37.37 15.55 37.04
C LEU C 431 -37.33 17.05 37.28
N VAL C 432 -36.79 17.79 36.33
CA VAL C 432 -36.51 19.17 36.61
C VAL C 432 -37.39 20.04 35.73
N GLU C 433 -37.99 21.07 36.33
CA GLU C 433 -38.76 22.03 35.59
C GLU C 433 -37.99 23.34 35.48
N ARG C 434 -38.06 23.97 34.32
CA ARG C 434 -37.50 25.31 34.16
C ARG C 434 -38.49 26.05 33.32
N PRO C 435 -38.65 27.36 33.53
CA PRO C 435 -39.64 28.06 32.70
C PRO C 435 -39.26 27.99 31.23
N CYS C 436 -40.27 28.05 30.37
CA CYS C 436 -40.08 28.14 28.92
C CYS C 436 -39.28 29.39 28.56
N PRO C 437 -38.50 29.32 27.46
CA PRO C 437 -37.87 30.49 26.87
C PRO C 437 -38.84 31.64 26.75
N GLU C 438 -38.34 32.84 27.01
CA GLU C 438 -39.16 34.00 26.80
C GLU C 438 -39.12 34.35 25.34
N TYR C 439 -38.05 33.96 24.67
CA TYR C 439 -37.91 34.21 23.27
C TYR C 439 -37.24 33.06 22.59
N PHE C 440 -37.68 32.79 21.37
CA PHE C 440 -37.05 31.75 20.58
C PHE C 440 -37.45 31.90 19.11
N ASN C 441 -36.45 31.93 18.26
CA ASN C 441 -36.67 32.20 16.86
C ASN C 441 -37.76 33.15 16.53
N GLY C 442 -37.61 34.40 16.89
CA GLY C 442 -38.62 35.44 16.55
C GLY C 442 -39.98 35.28 17.20
N VAL C 443 -40.11 34.31 18.10
CA VAL C 443 -41.37 34.13 18.76
C VAL C 443 -41.22 34.22 20.27
N LYS C 444 -42.18 34.92 20.89
CA LYS C 444 -42.31 35.06 22.33
C LYS C 444 -43.20 33.93 22.91
N TYR C 445 -42.81 33.35 24.04
CA TYR C 445 -43.55 32.22 24.65
C TYR C 445 -44.10 32.58 26.02
N ASN C 446 -45.21 32.00 26.41
CA ASN C 446 -45.69 32.25 27.78
C ASN C 446 -44.78 31.59 28.84
N THR C 447 -43.89 32.38 29.44
CA THR C 447 -42.92 31.89 30.44
C THR C 447 -43.48 31.30 31.77
N THR C 448 -44.78 31.41 32.02
CA THR C 448 -45.32 30.84 33.26
C THR C 448 -45.75 29.38 33.05
N ARG C 449 -45.33 28.82 31.92
CA ARG C 449 -45.34 27.37 31.66
C ARG C 449 -43.92 26.84 31.64
N ASN C 450 -43.78 25.53 31.78
CA ASN C 450 -42.50 24.90 32.06
C ASN C 450 -42.05 23.94 31.00
N ALA C 451 -40.73 23.87 30.80
CA ALA C 451 -40.10 22.77 30.11
C ALA C 451 -39.76 21.75 31.17
N TYR C 452 -39.65 20.49 30.77
CA TYR C 452 -39.24 19.41 31.68
C TYR C 452 -38.09 18.55 31.14
N ARG C 453 -37.03 18.36 31.95
CA ARG C 453 -35.97 17.43 31.59
C ARG C 453 -35.62 16.51 32.72
N GLU C 454 -35.46 15.23 32.40
CA GLU C 454 -35.13 14.23 33.40
C GLU C 454 -33.61 14.00 33.59
N CYS C 455 -33.19 14.09 34.85
CA CYS C 455 -31.87 13.69 35.25
C CYS C 455 -31.95 12.21 35.59
N LEU C 456 -31.36 11.39 34.73
CA LEU C 456 -31.48 9.96 34.83
C LEU C 456 -30.79 9.44 36.10
N GLU C 457 -31.17 8.23 36.51
CA GLU C 457 -30.60 7.65 37.72
C GLU C 457 -29.09 7.42 37.65
N ASN C 458 -28.53 7.48 36.44
CA ASN C 458 -27.13 7.17 36.24
C ASN C 458 -26.22 8.39 36.14
N GLY C 459 -26.80 9.58 36.28
CA GLY C 459 -26.00 10.78 36.38
C GLY C 459 -25.94 11.57 35.11
N THR C 460 -26.70 11.19 34.10
CA THR C 460 -26.68 11.91 32.85
C THR C 460 -28.06 12.49 32.55
N TRP C 461 -28.08 13.59 31.79
CA TRP C 461 -29.31 14.17 31.32
C TRP C 461 -29.89 13.27 30.25
N ALA C 462 -31.18 12.97 30.40
CA ALA C 462 -31.96 12.38 29.32
C ALA C 462 -31.81 13.26 28.09
N SER C 463 -31.85 12.62 26.90
CA SER C 463 -31.51 13.38 25.70
C SER C 463 -32.72 14.12 25.16
N LYS C 464 -33.92 13.62 25.42
CA LYS C 464 -35.13 14.35 25.02
C LYS C 464 -35.52 15.35 26.10
N ILE C 465 -35.95 16.53 25.64
CA ILE C 465 -36.47 17.56 26.53
C ILE C 465 -37.90 17.86 26.14
N ASN C 466 -38.78 17.82 27.13
CA ASN C 466 -40.22 18.05 26.96
C ASN C 466 -40.49 19.53 26.88
N TYR C 467 -40.71 20.01 25.66
CA TYR C 467 -41.16 21.38 25.42
C TYR C 467 -42.67 21.48 25.08
N SER C 468 -43.42 20.42 25.35
CA SER C 468 -44.80 20.35 24.91
C SER C 468 -45.71 21.48 25.42
N GLN C 469 -45.35 22.13 26.52
CA GLN C 469 -46.24 23.09 27.16
C GLN C 469 -45.90 24.53 26.82
N CYS C 470 -44.92 24.74 25.98
CA CYS C 470 -44.49 26.10 25.69
C CYS C 470 -45.39 26.67 24.58
N GLU C 471 -46.48 27.33 24.97
CA GLU C 471 -47.42 27.86 23.98
C GLU C 471 -46.89 29.25 23.62
N PRO C 472 -46.84 29.58 22.30
CA PRO C 472 -46.42 30.91 21.86
C PRO C 472 -47.50 31.87 22.28
N ILE C 473 -47.21 33.16 22.36
CA ILE C 473 -48.34 34.09 22.48
C ILE C 473 -48.32 35.16 21.38
N LEU C 474 -49.47 35.26 20.71
CA LEU C 474 -49.58 35.87 19.38
C LEU C 474 -50.32 37.21 19.35
N LYS D 3 1.13 -36.62 11.72
CA LYS D 3 1.84 -35.30 11.84
C LYS D 3 2.56 -35.09 13.21
N ILE D 4 3.29 -33.96 13.34
CA ILE D 4 3.91 -33.56 14.62
C ILE D 4 2.83 -33.14 15.63
N GLU D 5 3.12 -33.29 16.93
CA GLU D 5 2.12 -32.92 17.94
C GLU D 5 2.16 -31.42 18.26
N GLU D 6 0.99 -30.81 18.28
CA GLU D 6 0.83 -29.39 18.53
C GLU D 6 1.03 -29.10 20.04
N GLY D 7 1.91 -28.16 20.36
CA GLY D 7 2.12 -27.77 21.76
C GLY D 7 3.26 -28.46 22.48
N LYS D 8 4.17 -29.07 21.72
CA LYS D 8 5.49 -29.52 22.22
C LYS D 8 6.55 -29.29 21.16
N LEU D 9 7.82 -29.27 21.55
CA LEU D 9 8.92 -29.24 20.57
C LEU D 9 9.71 -30.52 20.67
N VAL D 10 9.91 -31.16 19.51
CA VAL D 10 10.83 -32.30 19.40
C VAL D 10 12.01 -31.79 18.61
N ILE D 11 13.21 -32.12 19.08
CA ILE D 11 14.46 -31.67 18.50
C ILE D 11 15.37 -32.85 18.25
N TRP D 12 15.91 -32.87 17.03
CA TRP D 12 16.91 -33.84 16.60
C TRP D 12 18.26 -33.20 16.50
N ILE D 13 19.21 -33.75 17.23
CA ILE D 13 20.62 -33.36 17.10
C ILE D 13 21.46 -34.63 17.17
N ASN D 14 22.68 -34.54 16.60
CA ASN D 14 23.65 -35.64 16.55
C ASN D 14 24.17 -36.00 17.94
N GLY D 15 24.19 -37.30 18.27
CA GLY D 15 24.70 -37.77 19.58
C GLY D 15 26.11 -37.32 19.99
N ASP D 16 26.91 -36.90 19.01
CA ASP D 16 28.26 -36.44 19.29
C ASP D 16 28.25 -35.01 19.77
N LYS D 17 27.11 -34.35 19.66
CA LYS D 17 26.99 -32.97 20.11
C LYS D 17 26.50 -32.89 21.56
N GLY D 18 26.35 -31.66 22.05
CA GLY D 18 25.96 -31.43 23.45
C GLY D 18 24.47 -31.43 23.71
N TYR D 19 23.85 -32.56 23.42
CA TYR D 19 22.41 -32.69 23.52
C TYR D 19 21.85 -32.57 24.97
N ASN D 20 22.67 -32.82 25.99
CA ASN D 20 22.18 -32.65 27.37
C ASN D 20 22.21 -31.19 27.80
N GLY D 21 23.16 -30.45 27.26
CA GLY D 21 23.19 -29.02 27.48
C GLY D 21 21.96 -28.45 26.84
N LEU D 22 21.77 -28.78 25.57
CA LEU D 22 20.58 -28.37 24.82
C LEU D 22 19.29 -28.64 25.61
N ALA D 23 19.11 -29.85 26.14
CA ALA D 23 17.92 -30.21 26.94
C ALA D 23 17.76 -29.43 28.25
N GLU D 24 18.87 -28.95 28.82
CA GLU D 24 18.79 -28.03 29.96
C GLU D 24 18.21 -26.68 29.49
N VAL D 25 18.61 -26.22 28.29
CA VAL D 25 18.01 -25.00 27.71
C VAL D 25 16.50 -25.20 27.41
N GLY D 26 16.18 -26.45 27.03
CA GLY D 26 14.79 -26.91 26.87
C GLY D 26 14.03 -27.01 28.19
N LYS D 27 14.75 -27.34 29.27
CA LYS D 27 14.16 -27.32 30.60
C LYS D 27 13.94 -25.88 31.09
N LYS D 28 14.64 -24.92 30.49
CA LYS D 28 14.42 -23.50 30.77
C LYS D 28 13.15 -22.94 30.10
N PHE D 29 13.04 -23.23 28.80
CA PHE D 29 11.85 -22.91 28.00
C PHE D 29 10.57 -23.45 28.66
N GLU D 30 10.63 -24.68 29.16
CA GLU D 30 9.48 -25.37 29.73
C GLU D 30 9.05 -24.77 31.07
N LYS D 31 10.02 -24.48 31.93
CA LYS D 31 9.80 -23.73 33.16
C LYS D 31 9.02 -22.47 32.85
N ASP D 32 9.50 -21.75 31.83
CA ASP D 32 8.87 -20.49 31.41
C ASP D 32 7.47 -20.66 30.76
N THR D 33 7.42 -21.39 29.63
CA THR D 33 6.25 -21.40 28.72
C THR D 33 5.26 -22.55 28.96
N GLY D 34 5.71 -23.59 29.64
CA GLY D 34 4.88 -24.77 29.91
C GLY D 34 4.84 -25.74 28.74
N ILE D 35 5.77 -25.56 27.81
CA ILE D 35 5.84 -26.36 26.60
C ILE D 35 6.96 -27.36 26.73
N LYS D 36 6.57 -28.62 26.84
CA LYS D 36 7.53 -29.74 26.90
C LYS D 36 8.46 -29.69 25.67
N VAL D 37 9.77 -29.73 25.91
CA VAL D 37 10.79 -29.81 24.83
C VAL D 37 11.54 -31.13 24.96
N THR D 38 11.33 -32.03 24.01
CA THR D 38 12.08 -33.29 24.01
C THR D 38 13.25 -33.18 23.01
N VAL D 39 14.44 -33.64 23.44
CA VAL D 39 15.63 -33.65 22.60
C VAL D 39 16.10 -35.08 22.34
N GLU D 40 16.12 -35.47 21.08
CA GLU D 40 16.54 -36.83 20.77
C GLU D 40 17.71 -36.80 19.82
N HIS D 41 18.33 -37.97 19.67
CA HIS D 41 19.57 -38.19 18.87
C HIS D 41 19.51 -39.51 18.05
N PRO D 42 18.52 -39.60 17.11
CA PRO D 42 18.45 -40.81 16.28
C PRO D 42 19.73 -41.02 15.44
N ASP D 43 20.04 -42.27 15.14
CA ASP D 43 21.19 -42.54 14.32
C ASP D 43 20.84 -42.13 12.90
N LYS D 44 21.87 -41.81 12.11
CA LYS D 44 21.67 -41.47 10.69
C LYS D 44 20.58 -40.39 10.56
N LEU D 45 20.68 -39.44 11.47
CA LEU D 45 19.82 -38.27 11.57
C LEU D 45 19.59 -37.50 10.28
N GLU D 46 20.66 -37.32 9.52
CA GLU D 46 20.64 -36.49 8.32
C GLU D 46 19.99 -37.21 7.13
N GLU D 47 19.75 -38.50 7.27
CA GLU D 47 19.06 -39.28 6.25
C GLU D 47 17.67 -39.60 6.78
N LYS D 48 17.54 -39.74 8.10
CA LYS D 48 16.22 -40.04 8.66
C LYS D 48 15.31 -38.84 8.54
N PHE D 49 15.89 -37.65 8.57
CA PHE D 49 15.09 -36.44 8.53
C PHE D 49 14.27 -36.21 7.25
N PRO D 50 14.89 -36.37 6.03
CA PRO D 50 14.07 -36.20 4.81
C PRO D 50 13.08 -37.35 4.53
N GLN D 51 13.45 -38.60 4.83
CA GLN D 51 12.50 -39.72 4.86
C GLN D 51 11.22 -39.37 5.63
N VAL D 52 11.34 -39.08 6.94
CA VAL D 52 10.15 -38.83 7.79
C VAL D 52 9.57 -37.44 7.57
N ALA D 53 10.41 -36.41 7.36
CA ALA D 53 9.92 -35.06 7.05
C ALA D 53 9.07 -35.04 5.79
N ALA D 54 9.51 -35.76 4.76
CA ALA D 54 8.78 -35.85 3.47
C ALA D 54 7.29 -36.06 3.68
N THR D 55 6.95 -36.74 4.77
CA THR D 55 5.57 -37.21 5.02
C THR D 55 4.70 -36.33 5.98
N GLY D 56 5.25 -35.23 6.46
CA GLY D 56 4.58 -34.41 7.48
C GLY D 56 4.81 -34.91 8.90
N ASP D 57 5.96 -35.53 9.14
CA ASP D 57 6.32 -36.15 10.43
C ASP D 57 7.77 -35.79 10.85
N GLY D 58 8.18 -36.25 12.04
CA GLY D 58 9.54 -36.03 12.54
C GLY D 58 9.66 -34.81 13.43
N PRO D 59 10.88 -34.23 13.54
CA PRO D 59 11.12 -33.16 14.49
C PRO D 59 10.53 -31.81 14.06
N ASP D 60 10.27 -30.97 15.06
CA ASP D 60 9.98 -29.56 14.88
C ASP D 60 11.24 -28.83 14.36
N ILE D 61 12.37 -29.11 15.01
CA ILE D 61 13.65 -28.45 14.77
C ILE D 61 14.75 -29.48 14.44
N ILE D 62 15.63 -29.13 13.51
CA ILE D 62 16.74 -30.04 13.18
C ILE D 62 18.14 -29.40 13.22
N PHE D 63 19.06 -30.13 13.87
CA PHE D 63 20.45 -29.75 14.00
C PHE D 63 21.43 -30.52 13.14
N TRP D 64 22.16 -29.77 12.33
CA TRP D 64 23.22 -30.33 11.51
C TRP D 64 24.05 -29.25 10.86
N ALA D 65 25.22 -29.66 10.42
CA ALA D 65 26.05 -28.85 9.59
C ALA D 65 25.19 -28.45 8.42
N HIS D 66 25.45 -27.25 7.93
CA HIS D 66 24.63 -26.58 6.96
C HIS D 66 24.62 -27.27 5.61
N ASP D 67 25.61 -28.11 5.36
CA ASP D 67 25.78 -28.61 4.00
C ASP D 67 24.57 -29.39 3.45
N ARG D 68 23.73 -29.97 4.32
CA ARG D 68 22.56 -30.75 3.84
C ARG D 68 21.23 -29.97 3.82
N PHE D 69 21.33 -28.71 4.20
CA PHE D 69 20.15 -27.90 4.35
C PHE D 69 19.71 -27.46 2.95
N GLY D 70 20.66 -27.20 2.07
CA GLY D 70 20.35 -26.96 0.66
C GLY D 70 19.45 -28.06 0.12
N GLY D 71 19.89 -29.31 0.32
CA GLY D 71 19.12 -30.51 -0.03
C GLY D 71 17.72 -30.55 0.58
N TYR D 72 17.58 -30.09 1.82
CA TYR D 72 16.25 -30.09 2.48
C TYR D 72 15.30 -28.95 1.97
N ALA D 73 15.88 -27.81 1.64
CA ALA D 73 15.10 -26.64 1.25
C ALA D 73 14.60 -26.85 -0.15
N GLN D 74 15.45 -27.47 -0.97
CA GLN D 74 15.17 -27.77 -2.37
C GLN D 74 13.95 -28.69 -2.44
N SER D 75 13.87 -29.64 -1.49
CA SER D 75 12.69 -30.51 -1.35
C SER D 75 11.50 -29.82 -0.65
N GLY D 76 11.71 -28.60 -0.16
CA GLY D 76 10.69 -27.84 0.60
C GLY D 76 10.32 -28.33 2.00
N LEU D 77 11.30 -28.86 2.75
CA LEU D 77 11.06 -29.47 4.08
C LEU D 77 11.39 -28.55 5.24
N LEU D 78 12.12 -27.48 4.94
CA LEU D 78 12.52 -26.50 5.93
C LEU D 78 11.70 -25.28 5.76
N ALA D 79 11.11 -24.80 6.86
CA ALA D 79 10.39 -23.56 6.84
C ALA D 79 11.36 -22.38 6.81
N GLU D 80 11.01 -21.34 6.05
CA GLU D 80 11.81 -20.13 5.96
C GLU D 80 11.80 -19.39 7.30
N ILE D 81 12.97 -19.15 7.83
CA ILE D 81 13.12 -18.39 9.05
C ILE D 81 13.12 -16.90 8.70
N THR D 82 12.57 -16.10 9.60
CA THR D 82 12.48 -14.65 9.40
C THR D 82 12.85 -13.90 10.67
N PRO D 83 14.15 -13.92 11.03
CA PRO D 83 14.61 -13.05 12.12
C PRO D 83 14.64 -11.59 11.66
N ASP D 84 14.37 -10.66 12.57
CA ASP D 84 14.43 -9.22 12.25
C ASP D 84 15.89 -8.73 12.25
N LYS D 85 16.10 -7.47 11.84
CA LYS D 85 17.46 -6.92 11.70
C LYS D 85 18.30 -7.02 12.99
N ALA D 86 17.76 -6.50 14.09
CA ALA D 86 18.42 -6.53 15.42
C ALA D 86 19.02 -7.90 15.84
N PHE D 87 18.43 -8.99 15.34
CA PHE D 87 18.89 -10.36 15.62
C PHE D 87 19.97 -10.85 14.66
N GLN D 88 19.99 -10.29 13.46
CA GLN D 88 20.99 -10.68 12.46
C GLN D 88 22.34 -9.99 12.72
N ASP D 89 22.31 -8.82 13.35
CA ASP D 89 23.53 -8.16 13.80
C ASP D 89 24.19 -8.86 15.01
N LYS D 90 23.39 -9.63 15.76
CA LYS D 90 23.90 -10.47 16.85
C LYS D 90 24.80 -11.63 16.37
N LEU D 91 24.67 -12.02 15.10
CA LEU D 91 25.48 -13.11 14.51
C LEU D 91 26.34 -12.65 13.33
N TYR D 92 27.45 -13.35 13.09
CA TYR D 92 28.41 -13.03 12.02
C TYR D 92 27.84 -13.17 10.61
N PRO D 93 28.06 -12.13 9.77
CA PRO D 93 27.63 -12.18 8.36
C PRO D 93 27.96 -13.49 7.62
N PHE D 94 29.19 -14.02 7.75
CA PHE D 94 29.53 -15.26 7.01
C PHE D 94 28.78 -16.52 7.46
N THR D 95 28.13 -16.49 8.62
CA THR D 95 27.38 -17.66 9.08
C THR D 95 25.96 -17.69 8.49
N TRP D 96 25.39 -16.50 8.27
CA TRP D 96 24.11 -16.37 7.57
C TRP D 96 24.32 -16.87 6.15
N ASP D 97 25.48 -16.57 5.56
CA ASP D 97 25.77 -17.01 4.20
C ASP D 97 25.56 -18.51 4.04
N ALA D 98 26.16 -19.28 4.95
CA ALA D 98 26.06 -20.72 4.88
C ALA D 98 24.61 -21.22 4.96
N VAL D 99 23.75 -20.49 5.68
CA VAL D 99 22.31 -20.85 5.79
C VAL D 99 21.35 -20.18 4.79
N ARG D 100 21.91 -19.65 3.70
CA ARG D 100 21.10 -19.04 2.66
C ARG D 100 21.01 -19.95 1.43
N TYR D 101 19.78 -20.13 0.94
CA TYR D 101 19.51 -20.94 -0.25
C TYR D 101 18.47 -20.21 -1.13
N ASN D 102 18.89 -19.82 -2.33
CA ASN D 102 18.08 -18.94 -3.21
C ASN D 102 17.69 -17.63 -2.55
N GLY D 103 18.67 -17.04 -1.87
CA GLY D 103 18.48 -15.76 -1.19
C GLY D 103 17.63 -15.87 0.07
N LYS D 104 17.11 -17.06 0.35
CA LYS D 104 16.23 -17.23 1.51
C LYS D 104 16.96 -17.85 2.67
N LEU D 105 16.81 -17.28 3.85
CA LEU D 105 17.40 -17.85 5.04
C LEU D 105 16.63 -19.11 5.43
N ILE D 106 17.32 -20.25 5.45
CA ILE D 106 16.62 -21.50 5.74
C ILE D 106 16.85 -22.14 7.12
N ALA D 107 17.71 -21.51 7.93
CA ALA D 107 18.08 -22.01 9.29
C ALA D 107 18.90 -21.02 10.12
N TYR D 108 18.98 -21.30 11.42
CA TYR D 108 19.79 -20.52 12.33
C TYR D 108 21.20 -21.07 12.39
N PRO D 109 22.20 -20.19 12.25
CA PRO D 109 23.57 -20.61 12.52
C PRO D 109 23.77 -20.79 14.03
N ILE D 110 24.58 -21.75 14.42
CA ILE D 110 24.88 -21.96 15.84
C ILE D 110 26.39 -21.82 16.03
N ALA D 111 27.16 -22.53 15.22
CA ALA D 111 28.61 -22.65 15.49
C ALA D 111 29.38 -23.20 14.34
N VAL D 112 30.63 -22.78 14.30
CA VAL D 112 31.56 -23.21 13.29
C VAL D 112 32.36 -24.36 13.93
N GLU D 113 32.54 -25.40 13.13
CA GLU D 113 33.30 -26.57 13.51
C GLU D 113 34.23 -26.85 12.34
N ALA D 114 35.47 -27.22 12.66
CA ALA D 114 36.47 -27.61 11.66
C ALA D 114 37.36 -28.61 12.33
N LEU D 115 37.95 -29.55 11.58
CA LEU D 115 38.79 -30.55 12.24
C LEU D 115 40.14 -29.96 12.69
N SER D 116 40.77 -30.55 13.70
CA SER D 116 42.16 -30.26 14.07
C SER D 116 42.93 -31.57 14.38
N LEU D 117 44.25 -31.46 14.41
CA LEU D 117 45.08 -32.53 14.92
C LEU D 117 45.03 -32.44 16.44
N ILE D 118 44.69 -33.55 17.09
CA ILE D 118 44.69 -33.57 18.53
C ILE D 118 45.70 -34.60 18.94
N TYR D 119 46.52 -34.26 19.93
CA TYR D 119 47.70 -35.06 20.20
C TYR D 119 48.06 -35.12 21.67
N ASN D 120 48.68 -36.24 22.05
CA ASN D 120 48.99 -36.57 23.43
C ASN D 120 50.33 -35.94 23.78
N LYS D 121 50.37 -34.99 24.70
CA LYS D 121 51.61 -34.21 24.96
C LYS D 121 52.68 -35.01 25.68
N ASP D 122 52.29 -36.12 26.25
CA ASP D 122 53.21 -36.98 26.96
C ASP D 122 53.86 -37.96 26.05
N LEU D 123 53.12 -38.45 25.05
CA LEU D 123 53.68 -39.28 24.00
C LEU D 123 54.31 -38.45 22.86
N LEU D 124 53.85 -37.22 22.66
CA LEU D 124 54.35 -36.41 21.57
C LEU D 124 54.42 -34.95 21.94
N PRO D 125 55.47 -34.52 22.66
CA PRO D 125 55.52 -33.08 22.97
C PRO D 125 55.57 -32.24 21.67
N ASN D 126 56.19 -32.78 20.62
CA ASN D 126 56.22 -32.11 19.33
C ASN D 126 55.51 -32.91 18.25
N PRO D 127 54.20 -32.67 18.08
CA PRO D 127 53.44 -33.27 17.01
C PRO D 127 54.02 -32.92 15.62
N PRO D 128 53.97 -33.86 14.66
CA PRO D 128 54.64 -33.61 13.41
C PRO D 128 54.01 -32.44 12.63
N LYS D 129 54.87 -31.66 11.97
CA LYS D 129 54.37 -30.66 11.05
C LYS D 129 53.76 -31.24 9.79
N THR D 130 54.23 -32.43 9.34
CA THR D 130 53.88 -32.95 7.98
C THR D 130 53.35 -34.38 8.00
N TRP D 131 52.45 -34.70 7.08
CA TRP D 131 51.91 -36.09 6.97
C TRP D 131 52.99 -37.15 6.70
N GLU D 132 53.98 -36.76 5.91
CA GLU D 132 55.12 -37.61 5.52
C GLU D 132 55.95 -38.04 6.75
N GLU D 133 56.04 -37.18 7.78
CA GLU D 133 56.70 -37.54 9.05
C GLU D 133 56.01 -38.75 9.75
N ILE D 134 54.76 -39.02 9.42
CA ILE D 134 53.95 -39.96 10.21
C ILE D 134 54.30 -41.46 10.16
N PRO D 135 54.62 -42.01 8.96
CA PRO D 135 55.12 -43.38 8.88
C PRO D 135 56.23 -43.66 9.88
N ALA D 136 57.24 -42.79 9.89
CA ALA D 136 58.45 -43.02 10.66
C ALA D 136 58.08 -42.92 12.14
N LEU D 137 57.09 -42.08 12.41
CA LEU D 137 56.75 -41.75 13.77
C LEU D 137 55.97 -42.92 14.40
N ASP D 138 55.33 -43.69 13.53
CA ASP D 138 54.51 -44.81 13.93
C ASP D 138 55.43 -45.97 14.23
N LYS D 139 56.51 -46.06 13.46
CA LYS D 139 57.50 -47.11 13.69
C LYS D 139 58.05 -46.98 15.11
N GLU D 140 58.48 -45.77 15.48
CA GLU D 140 58.95 -45.51 16.85
C GLU D 140 57.89 -45.85 17.92
N LEU D 141 56.65 -45.45 17.67
CA LEU D 141 55.63 -45.63 18.70
C LEU D 141 55.16 -47.09 18.83
N LYS D 142 55.19 -47.82 17.70
CA LYS D 142 54.93 -49.28 17.69
C LYS D 142 55.90 -50.02 18.58
N ALA D 143 57.15 -49.57 18.55
CA ALA D 143 58.17 -50.11 19.41
C ALA D 143 57.81 -49.92 20.89
N LYS D 144 57.05 -48.88 21.26
CA LYS D 144 56.64 -48.70 22.66
C LYS D 144 55.23 -49.25 22.93
N GLY D 145 54.71 -50.09 22.01
CA GLY D 145 53.35 -50.68 22.19
C GLY D 145 52.21 -49.69 22.04
N LYS D 146 52.43 -48.68 21.21
CA LYS D 146 51.50 -47.59 21.02
C LYS D 146 51.41 -47.37 19.55
N SER D 147 50.72 -46.31 19.16
CA SER D 147 50.50 -46.01 17.75
C SER D 147 50.54 -44.51 17.50
N ALA D 148 50.89 -44.13 16.28
CA ALA D 148 50.97 -42.71 15.96
C ALA D 148 49.64 -41.99 15.82
N LEU D 149 48.65 -42.63 15.19
CA LEU D 149 47.45 -41.93 14.74
C LEU D 149 46.26 -42.79 14.42
N MET D 150 45.11 -42.43 14.98
CA MET D 150 43.88 -43.14 14.75
C MET D 150 42.79 -42.10 14.63
N PHE D 151 42.08 -42.18 13.52
CA PHE D 151 40.89 -41.40 13.38
C PHE D 151 39.95 -42.18 12.49
N ASN D 152 38.75 -41.67 12.34
CA ASN D 152 37.66 -42.38 11.74
C ASN D 152 37.82 -42.49 10.21
N LEU D 153 37.94 -43.71 9.70
CA LEU D 153 38.24 -43.92 8.28
C LEU D 153 36.97 -44.18 7.51
N GLN D 154 35.87 -44.24 8.24
CA GLN D 154 34.60 -44.62 7.67
C GLN D 154 33.83 -43.43 7.19
N GLU D 155 34.31 -42.22 7.49
CA GLU D 155 33.53 -41.03 7.20
C GLU D 155 34.37 -40.05 6.42
N PRO D 156 33.95 -39.73 5.19
CA PRO D 156 34.92 -39.12 4.31
C PRO D 156 35.31 -37.73 4.80
N TYR D 157 34.47 -37.13 5.65
CA TYR D 157 34.76 -35.88 6.32
C TYR D 157 36.14 -35.79 6.97
N PHE D 158 36.64 -36.92 7.45
CA PHE D 158 37.87 -36.96 8.21
C PHE D 158 39.10 -37.15 7.33
N THR D 159 38.93 -37.71 6.15
CA THR D 159 40.08 -37.93 5.25
C THR D 159 40.08 -36.84 4.23
N TRP D 160 38.95 -36.17 4.12
CA TRP D 160 38.88 -35.07 3.21
C TRP D 160 40.09 -34.13 3.32
N PRO D 161 40.40 -33.61 4.53
CA PRO D 161 41.44 -32.56 4.54
C PRO D 161 42.75 -32.98 3.85
N LEU D 162 43.01 -34.30 3.80
CA LEU D 162 44.21 -34.83 3.18
C LEU D 162 44.06 -35.03 1.65
N ILE D 163 42.89 -35.47 1.21
CA ILE D 163 42.57 -35.52 -0.20
C ILE D 163 42.51 -34.10 -0.79
N ALA D 164 42.10 -33.13 0.04
CA ALA D 164 41.97 -31.76 -0.42
C ALA D 164 43.30 -31.08 -0.37
N ALA D 165 44.21 -31.62 0.42
CA ALA D 165 45.47 -30.96 0.71
C ALA D 165 46.17 -30.40 -0.53
N ASP D 166 46.24 -31.23 -1.56
CA ASP D 166 47.12 -31.00 -2.65
C ASP D 166 46.26 -31.00 -3.93
N GLY D 167 45.10 -30.37 -3.83
CA GLY D 167 44.33 -29.99 -5.01
C GLY D 167 42.99 -30.63 -5.26
N GLY D 168 42.60 -31.60 -4.41
CA GLY D 168 41.28 -32.21 -4.53
C GLY D 168 40.21 -31.18 -4.17
N TYR D 169 39.04 -31.25 -4.82
CA TYR D 169 37.91 -30.37 -4.47
C TYR D 169 36.55 -30.96 -4.83
N ALA D 170 35.51 -30.43 -4.20
CA ALA D 170 34.15 -30.84 -4.43
C ALA D 170 33.69 -30.27 -5.76
N PHE D 171 32.95 -29.16 -5.70
CA PHE D 171 32.52 -28.45 -6.89
C PHE D 171 33.25 -27.12 -7.05
N LYS D 172 33.71 -26.85 -8.27
CA LYS D 172 34.54 -25.68 -8.49
C LYS D 172 33.68 -24.46 -8.24
N TYR D 173 34.15 -23.60 -7.33
CA TYR D 173 33.61 -22.26 -7.19
C TYR D 173 34.08 -21.39 -8.38
N GLU D 174 33.12 -20.70 -9.02
CA GLU D 174 33.46 -19.66 -10.00
C GLU D 174 32.40 -18.57 -10.14
N ASN D 175 32.79 -17.35 -9.72
CA ASN D 175 31.94 -16.14 -9.67
C ASN D 175 30.56 -16.35 -9.00
N GLY D 176 30.56 -16.42 -7.67
CA GLY D 176 29.32 -16.63 -6.92
C GLY D 176 28.75 -18.04 -6.96
N LYS D 177 29.11 -18.81 -8.01
CA LYS D 177 28.39 -20.03 -8.41
C LYS D 177 29.26 -21.28 -8.43
N TYR D 178 28.73 -22.34 -7.82
CA TYR D 178 29.30 -23.70 -7.86
C TYR D 178 28.94 -24.45 -9.14
N ASP D 179 29.93 -24.90 -9.89
CA ASP D 179 29.65 -25.69 -11.07
C ASP D 179 29.50 -27.17 -10.68
N ILE D 180 28.31 -27.70 -10.88
CA ILE D 180 28.06 -29.10 -10.50
C ILE D 180 28.50 -30.04 -11.60
N LYS D 181 28.99 -29.46 -12.69
CA LYS D 181 29.54 -30.19 -13.83
C LYS D 181 31.05 -30.36 -13.68
N ASP D 182 31.64 -29.65 -12.73
CA ASP D 182 33.09 -29.68 -12.57
C ASP D 182 33.43 -30.09 -11.14
N VAL D 183 33.54 -31.40 -10.94
CA VAL D 183 33.79 -32.07 -9.64
C VAL D 183 35.31 -32.15 -9.50
N GLY D 184 35.88 -32.23 -8.28
CA GLY D 184 37.35 -32.29 -8.19
C GLY D 184 37.88 -33.51 -7.49
N VAL D 185 37.33 -34.67 -7.80
CA VAL D 185 37.53 -35.85 -6.95
C VAL D 185 38.50 -36.84 -7.58
N ASP D 186 38.72 -36.70 -8.88
CA ASP D 186 39.60 -37.64 -9.59
C ASP D 186 40.87 -36.96 -10.14
N ASN D 187 41.19 -35.72 -9.72
CA ASN D 187 42.43 -35.06 -10.17
C ASN D 187 43.73 -35.57 -9.51
N ALA D 188 44.88 -35.08 -9.98
CA ALA D 188 46.15 -35.62 -9.49
C ALA D 188 46.23 -35.47 -7.95
N GLY D 189 45.74 -34.35 -7.45
CA GLY D 189 45.80 -34.04 -6.01
C GLY D 189 45.07 -35.04 -5.13
N ALA D 190 43.83 -35.32 -5.49
CA ALA D 190 43.06 -36.31 -4.79
C ALA D 190 43.76 -37.65 -4.81
N LYS D 191 44.26 -38.05 -5.97
CA LYS D 191 44.92 -39.33 -6.08
C LYS D 191 46.06 -39.40 -5.08
N ALA D 192 46.74 -38.27 -4.93
CA ALA D 192 47.97 -38.21 -4.16
C ALA D 192 47.65 -38.37 -2.74
N GLY D 193 46.64 -37.63 -2.27
CA GLY D 193 46.16 -37.67 -0.91
C GLY D 193 45.76 -39.07 -0.51
N LEU D 194 44.79 -39.60 -1.24
CA LEU D 194 44.24 -40.93 -0.98
C LEU D 194 45.31 -42.01 -1.09
N THR D 195 46.13 -41.94 -2.13
CA THR D 195 47.16 -42.95 -2.27
C THR D 195 48.03 -42.96 -1.02
N PHE D 196 48.34 -41.77 -0.50
CA PHE D 196 49.18 -41.69 0.69
C PHE D 196 48.49 -42.36 1.87
N LEU D 197 47.19 -42.13 1.97
CA LEU D 197 46.42 -42.64 3.05
C LEU D 197 46.33 -44.16 2.94
N VAL D 198 46.14 -44.64 1.72
CA VAL D 198 46.03 -46.07 1.49
C VAL D 198 47.39 -46.73 1.79
N ASP D 199 48.48 -46.05 1.47
CA ASP D 199 49.76 -46.62 1.79
C ASP D 199 49.92 -46.79 3.31
N LEU D 200 49.44 -45.84 4.10
CA LEU D 200 49.55 -45.96 5.56
C LEU D 200 48.97 -47.27 6.01
N ILE D 201 47.89 -47.67 5.34
CA ILE D 201 47.12 -48.87 5.67
C ILE D 201 47.81 -50.16 5.18
N LYS D 202 48.28 -50.15 3.93
CA LYS D 202 49.09 -51.21 3.38
C LYS D 202 50.28 -51.52 4.26
N ASN D 203 50.94 -50.49 4.78
CA ASN D 203 52.10 -50.65 5.67
C ASN D 203 51.76 -50.79 7.16
N LYS D 204 50.48 -50.88 7.48
CA LYS D 204 50.00 -51.22 8.84
C LYS D 204 50.25 -50.13 9.85
N HIS D 205 50.47 -48.91 9.35
CA HIS D 205 50.52 -47.74 10.20
C HIS D 205 49.11 -47.33 10.64
N MET D 206 48.08 -47.81 9.95
CA MET D 206 46.64 -47.68 10.34
C MET D 206 45.81 -48.88 9.84
N ASN D 207 44.67 -49.11 10.49
CA ASN D 207 43.75 -50.18 10.13
C ASN D 207 42.43 -49.68 9.51
N ALA D 208 42.02 -50.25 8.36
CA ALA D 208 40.86 -49.76 7.56
C ALA D 208 39.48 -49.80 8.25
N ASP D 209 39.32 -50.79 9.15
CA ASP D 209 38.23 -50.86 10.14
C ASP D 209 38.05 -49.67 11.03
N THR D 210 39.13 -49.00 11.46
CA THR D 210 39.05 -47.96 12.49
C THR D 210 37.95 -46.91 12.26
N ASP D 211 37.10 -46.75 13.27
CA ASP D 211 35.95 -45.89 13.14
C ASP D 211 35.89 -44.93 14.28
N TYR D 212 34.85 -44.14 14.33
CA TYR D 212 34.81 -43.08 15.33
C TYR D 212 35.02 -43.58 16.77
N SER D 213 34.27 -44.58 17.22
CA SER D 213 34.40 -44.94 18.60
C SER D 213 35.73 -45.66 18.93
N ILE D 214 36.28 -46.42 17.99
CA ILE D 214 37.59 -47.06 18.18
C ILE D 214 38.68 -45.97 18.30
N ALA D 215 38.64 -44.97 17.43
CA ALA D 215 39.58 -43.88 17.53
C ALA D 215 39.46 -43.13 18.85
N GLU D 216 38.32 -42.55 19.15
CA GLU D 216 38.12 -41.85 20.42
C GLU D 216 38.66 -42.61 21.64
N ALA D 217 38.21 -43.86 21.81
CA ALA D 217 38.60 -44.74 22.90
C ALA D 217 40.11 -44.97 22.96
N ALA D 218 40.71 -45.34 21.83
CA ALA D 218 42.15 -45.57 21.79
C ALA D 218 42.89 -44.32 22.26
N PHE D 219 42.54 -43.16 21.70
CA PHE D 219 43.18 -41.91 22.12
C PHE D 219 42.98 -41.61 23.61
N ASN D 220 41.78 -41.77 24.11
CA ASN D 220 41.53 -41.36 25.46
C ASN D 220 42.15 -42.29 26.47
N LYS D 221 42.51 -43.50 26.03
CA LYS D 221 43.23 -44.45 26.91
C LYS D 221 44.76 -44.30 26.81
N GLY D 222 45.20 -43.33 26.03
CA GLY D 222 46.63 -43.10 25.75
C GLY D 222 47.27 -44.20 24.94
N GLU D 223 46.61 -44.66 23.88
CA GLU D 223 47.14 -45.80 23.13
C GLU D 223 47.68 -45.36 21.80
N THR D 224 47.16 -44.24 21.35
CA THR D 224 47.59 -43.64 20.12
C THR D 224 48.06 -42.21 20.46
N ALA D 225 49.05 -41.71 19.73
CA ALA D 225 49.60 -40.37 20.01
C ALA D 225 48.73 -39.26 19.48
N MET D 226 47.96 -39.55 18.43
CA MET D 226 47.24 -38.53 17.69
C MET D 226 45.90 -39.00 17.20
N THR D 227 45.00 -38.05 17.09
CA THR D 227 43.70 -38.24 16.49
C THR D 227 43.30 -36.95 15.81
N ILE D 228 42.38 -37.09 14.87
CA ILE D 228 41.85 -35.95 14.16
C ILE D 228 40.41 -35.91 14.54
N ASN D 229 39.99 -34.85 15.19
CA ASN D 229 38.58 -34.74 15.57
C ASN D 229 38.19 -33.27 15.66
N GLY D 230 37.00 -32.98 16.12
CA GLY D 230 36.56 -31.61 16.21
C GLY D 230 36.28 -31.26 17.66
N PRO D 231 35.87 -30.02 17.91
CA PRO D 231 35.54 -29.44 19.21
C PRO D 231 34.66 -30.25 20.16
N TRP D 232 33.62 -30.89 19.65
CA TRP D 232 32.78 -31.77 20.45
C TRP D 232 33.59 -32.85 21.19
N ALA D 233 34.69 -33.26 20.58
CA ALA D 233 35.53 -34.31 21.11
C ALA D 233 36.37 -33.87 22.31
N TRP D 234 36.52 -32.57 22.54
CA TRP D 234 37.44 -32.09 23.55
C TRP D 234 36.99 -32.40 24.94
N SER D 235 35.68 -32.42 25.14
CA SER D 235 35.11 -32.63 26.44
C SER D 235 35.49 -34.02 27.01
N ASN D 236 35.32 -35.09 26.22
CA ASN D 236 35.74 -36.46 26.65
C ASN D 236 37.22 -36.66 26.91
N ILE D 237 38.03 -35.79 26.34
CA ILE D 237 39.44 -35.85 26.52
C ILE D 237 39.74 -35.19 27.84
N ASP D 238 39.00 -34.14 28.17
CA ASP D 238 39.15 -33.46 29.45
C ASP D 238 38.98 -34.46 30.50
N THR D 239 37.96 -35.27 30.32
CA THR D 239 37.60 -36.26 31.31
C THR D 239 38.68 -37.34 31.43
N SER D 240 39.30 -37.68 30.29
CA SER D 240 40.27 -38.78 30.25
C SER D 240 41.57 -38.39 30.93
N LYS D 241 41.80 -37.08 31.03
CA LYS D 241 42.95 -36.48 31.72
C LYS D 241 44.28 -36.68 30.99
N VAL D 242 44.20 -37.33 29.81
CA VAL D 242 45.25 -37.29 28.78
C VAL D 242 45.62 -35.84 28.54
N ASN D 243 46.90 -35.53 28.59
CA ASN D 243 47.33 -34.14 28.45
C ASN D 243 47.40 -33.88 26.96
N TYR D 244 46.40 -33.18 26.44
CA TYR D 244 46.26 -33.02 25.02
C TYR D 244 46.49 -31.59 24.57
N GLY D 245 47.03 -31.48 23.35
CA GLY D 245 47.08 -30.22 22.66
C GLY D 245 46.10 -30.30 21.51
N VAL D 246 45.72 -29.14 21.00
CA VAL D 246 44.98 -29.07 19.75
C VAL D 246 45.79 -28.17 18.88
N THR D 247 46.32 -28.70 17.78
CA THR D 247 47.11 -27.89 16.85
C THR D 247 46.72 -28.00 15.40
N VAL D 248 47.47 -27.33 14.51
CA VAL D 248 47.15 -27.33 13.09
C VAL D 248 47.38 -28.73 12.53
N LEU D 249 46.55 -29.11 11.55
CA LEU D 249 46.72 -30.36 10.81
C LEU D 249 48.05 -30.38 10.05
N PRO D 250 48.69 -31.57 9.95
CA PRO D 250 49.91 -31.73 9.19
C PRO D 250 49.77 -31.33 7.74
N THR D 251 50.87 -30.90 7.13
CA THR D 251 50.83 -30.55 5.72
C THR D 251 51.04 -31.79 4.85
N PHE D 252 50.60 -31.73 3.61
CA PHE D 252 50.88 -32.80 2.68
C PHE D 252 51.47 -32.20 1.43
N LYS D 253 52.47 -32.84 0.86
CA LYS D 253 53.31 -32.21 -0.19
C LYS D 253 53.55 -30.71 0.01
N GLY D 254 53.87 -30.33 1.24
CA GLY D 254 54.10 -28.93 1.60
C GLY D 254 52.85 -28.07 1.63
N GLN D 255 51.67 -28.69 1.47
CA GLN D 255 50.43 -27.94 1.44
C GLN D 255 49.61 -28.21 2.72
N PRO D 256 48.97 -27.14 3.23
CA PRO D 256 48.09 -27.30 4.36
C PRO D 256 46.99 -28.31 4.02
N SER D 257 46.54 -29.05 5.04
CA SER D 257 45.37 -29.85 4.89
C SER D 257 44.18 -28.90 4.90
N LYS D 258 43.12 -29.23 4.16
CA LYS D 258 42.01 -28.33 3.94
C LYS D 258 40.67 -28.90 4.41
N PRO D 259 40.40 -28.92 5.73
CA PRO D 259 39.13 -29.47 6.18
C PRO D 259 37.94 -28.76 5.55
N PHE D 260 36.86 -29.47 5.27
CA PHE D 260 35.64 -28.78 4.95
C PHE D 260 35.07 -28.28 6.25
N VAL D 261 34.68 -27.00 6.27
CA VAL D 261 34.20 -26.37 7.47
C VAL D 261 32.67 -26.33 7.52
N GLY D 262 32.11 -26.70 8.65
CA GLY D 262 30.67 -26.75 8.80
C GLY D 262 30.17 -25.68 9.73
N VAL D 263 29.06 -25.04 9.38
CA VAL D 263 28.36 -24.24 10.32
C VAL D 263 27.22 -25.07 10.87
N LEU D 264 27.29 -25.38 12.16
CA LEU D 264 26.17 -26.10 12.78
C LEU D 264 24.94 -25.18 12.85
N SER D 265 23.77 -25.73 12.49
CA SER D 265 22.61 -24.92 12.17
C SER D 265 21.29 -25.57 12.52
N ALA D 266 20.32 -24.73 12.83
CA ALA D 266 19.00 -25.18 13.23
C ALA D 266 17.91 -24.71 12.28
N GLY D 267 17.32 -25.66 11.58
CA GLY D 267 16.24 -25.32 10.68
C GLY D 267 14.97 -25.83 11.31
N ILE D 268 13.86 -25.31 10.80
CA ILE D 268 12.54 -25.68 11.28
C ILE D 268 11.78 -26.45 10.18
N ASN D 269 11.36 -27.67 10.55
CA ASN D 269 10.57 -28.56 9.72
C ASN D 269 9.30 -27.89 9.19
N ALA D 270 9.11 -27.93 7.87
CA ALA D 270 8.04 -27.19 7.19
C ALA D 270 6.63 -27.58 7.65
N ALA D 271 6.47 -28.85 8.02
CA ALA D 271 5.16 -29.40 8.36
C ALA D 271 4.77 -29.33 9.87
N SER D 272 5.63 -28.72 10.69
CA SER D 272 5.36 -28.54 12.13
C SER D 272 4.39 -27.42 12.47
N PRO D 273 3.36 -27.73 13.30
CA PRO D 273 2.37 -26.73 13.75
C PRO D 273 2.91 -25.87 14.91
N ASN D 274 4.25 -25.82 15.02
CA ASN D 274 4.93 -25.16 16.14
C ASN D 274 6.07 -24.20 15.75
N LYS D 275 5.96 -23.57 14.58
CA LYS D 275 7.02 -22.71 14.02
C LYS D 275 7.30 -21.43 14.83
N GLU D 276 6.33 -21.07 15.66
CA GLU D 276 6.43 -19.88 16.50
C GLU D 276 7.09 -20.22 17.85
N LEU D 277 6.70 -21.34 18.43
CA LEU D 277 7.39 -21.94 19.58
C LEU D 277 8.88 -22.21 19.29
N ALA D 278 9.17 -22.85 18.15
CA ALA D 278 10.54 -23.06 17.64
C ALA D 278 11.34 -21.77 17.36
N LYS D 279 10.67 -20.72 16.88
CA LYS D 279 11.31 -19.42 16.67
C LYS D 279 11.67 -18.74 18.01
N GLU D 280 10.76 -18.79 18.98
CA GLU D 280 11.00 -18.23 20.32
C GLU D 280 12.03 -19.03 21.14
N PHE D 281 12.09 -20.34 20.90
CA PHE D 281 13.07 -21.23 21.53
C PHE D 281 14.50 -20.92 21.09
N LEU D 282 14.66 -20.83 19.77
CA LEU D 282 15.96 -20.63 19.17
C LEU D 282 16.40 -19.18 19.22
N GLU D 283 15.48 -18.25 19.41
CA GLU D 283 15.90 -16.86 19.43
C GLU D 283 16.19 -16.33 20.82
N ASN D 284 15.33 -16.70 21.76
CA ASN D 284 15.35 -16.15 23.12
C ASN D 284 15.90 -17.07 24.19
N TYR D 285 16.18 -18.32 23.82
CA TYR D 285 16.72 -19.29 24.78
C TYR D 285 18.03 -19.91 24.33
N LEU D 286 18.07 -20.44 23.10
CA LEU D 286 19.30 -21.08 22.60
C LEU D 286 20.37 -20.08 22.14
N LEU D 287 20.04 -19.16 21.23
CA LEU D 287 21.04 -18.17 20.83
C LEU D 287 21.19 -17.00 21.82
N THR D 288 21.47 -17.36 23.07
CA THR D 288 21.89 -16.43 24.11
C THR D 288 23.18 -17.00 24.73
N ASP D 289 24.05 -16.18 25.29
CA ASP D 289 25.21 -16.74 26.02
C ASP D 289 24.79 -17.85 26.98
N GLU D 290 23.77 -17.55 27.79
CA GLU D 290 23.13 -18.46 28.75
C GLU D 290 22.70 -19.78 28.09
N GLY D 291 22.18 -19.68 26.87
CA GLY D 291 21.80 -20.82 26.05
C GLY D 291 22.97 -21.61 25.47
N LEU D 292 23.93 -20.90 24.85
CA LEU D 292 25.08 -21.55 24.21
C LEU D 292 26.02 -22.14 25.26
N GLU D 293 26.19 -21.40 26.34
CA GLU D 293 27.09 -21.80 27.39
C GLU D 293 26.67 -23.13 27.94
N ALA D 294 25.38 -23.30 28.20
CA ALA D 294 24.89 -24.60 28.68
C ALA D 294 25.23 -25.75 27.73
N VAL D 295 25.21 -25.49 26.42
CA VAL D 295 25.53 -26.51 25.42
C VAL D 295 27.04 -26.72 25.35
N ASN D 296 27.78 -25.63 25.26
CA ASN D 296 29.24 -25.69 25.13
C ASN D 296 29.91 -26.38 26.34
N LYS D 297 29.32 -26.21 27.52
CA LYS D 297 29.84 -26.85 28.72
C LYS D 297 29.49 -28.32 28.77
N ASP D 298 28.90 -28.81 27.70
CA ASP D 298 28.57 -30.22 27.59
C ASP D 298 29.50 -30.80 26.52
N LYS D 299 29.48 -30.27 25.30
CA LYS D 299 30.49 -30.58 24.29
C LYS D 299 30.77 -29.30 23.58
N PRO D 300 32.02 -28.89 23.55
CA PRO D 300 32.34 -27.61 22.96
C PRO D 300 31.86 -27.45 21.50
N LEU D 301 31.19 -26.35 21.23
CA LEU D 301 30.64 -26.08 19.91
C LEU D 301 31.69 -25.76 18.85
N GLY D 302 32.83 -25.26 19.26
CA GLY D 302 33.75 -24.77 18.26
C GLY D 302 33.56 -23.28 18.32
N ALA D 303 33.72 -22.59 17.18
CA ALA D 303 33.62 -21.13 17.12
C ALA D 303 32.18 -20.74 16.96
N VAL D 304 31.54 -20.31 18.03
CA VAL D 304 30.11 -20.04 17.99
C VAL D 304 29.70 -18.88 17.03
N ALA D 305 28.48 -18.94 16.51
CA ALA D 305 27.96 -17.87 15.65
C ALA D 305 27.54 -16.58 16.38
N LEU D 306 27.31 -16.64 17.69
CA LEU D 306 26.83 -15.48 18.46
C LEU D 306 27.99 -14.52 18.81
N LYS D 307 27.91 -13.30 18.29
CA LYS D 307 28.99 -12.33 18.42
C LYS D 307 29.49 -12.15 19.88
N SER D 308 28.55 -12.03 20.82
CA SER D 308 28.88 -11.67 22.20
C SER D 308 29.54 -12.75 23.09
N TYR D 309 29.26 -14.02 22.80
CA TYR D 309 29.88 -15.18 23.52
C TYR D 309 31.17 -15.67 22.83
N GLU D 310 31.28 -15.48 21.51
CA GLU D 310 32.49 -15.85 20.76
C GLU D 310 33.67 -15.01 21.19
N GLU D 311 33.39 -13.78 21.65
CA GLU D 311 34.44 -12.91 22.24
C GLU D 311 35.28 -13.58 23.37
N GLU D 312 34.59 -14.25 24.29
CA GLU D 312 35.26 -15.01 25.36
C GLU D 312 35.95 -16.23 24.71
N LEU D 313 35.17 -17.12 24.08
CA LEU D 313 35.71 -18.37 23.48
C LEU D 313 36.92 -18.20 22.53
N ALA D 314 37.04 -17.02 21.94
CA ALA D 314 38.14 -16.72 21.03
C ALA D 314 39.50 -16.85 21.74
N LYS D 315 39.52 -16.62 23.06
CA LYS D 315 40.77 -16.64 23.83
C LYS D 315 41.37 -18.03 24.13
N ASP D 316 40.64 -19.09 23.81
CA ASP D 316 41.09 -20.45 24.05
C ASP D 316 42.01 -20.88 22.92
N PRO D 317 43.25 -21.26 23.26
CA PRO D 317 44.16 -21.79 22.25
C PRO D 317 43.46 -22.84 21.35
N ARG D 318 42.73 -23.78 21.95
CA ARG D 318 42.00 -24.77 21.17
C ARG D 318 41.14 -24.06 20.09
N ILE D 319 40.38 -23.03 20.50
CA ILE D 319 39.48 -22.32 19.58
C ILE D 319 40.29 -21.58 18.52
N ALA D 320 41.48 -21.12 18.90
CA ALA D 320 42.37 -20.47 17.94
C ALA D 320 42.81 -21.47 16.87
N ALA D 321 43.05 -22.71 17.29
CA ALA D 321 43.54 -23.71 16.38
C ALA D 321 42.41 -24.19 15.46
N THR D 322 41.21 -24.30 16.03
CA THR D 322 40.05 -24.61 15.22
C THR D 322 40.03 -23.58 14.11
N MET D 323 40.08 -22.29 14.47
CA MET D 323 39.98 -21.16 13.50
C MET D 323 41.10 -21.15 12.45
N GLU D 324 42.28 -21.64 12.82
CA GLU D 324 43.42 -21.64 11.92
C GLU D 324 43.21 -22.65 10.80
N ASN D 325 42.85 -23.88 11.17
CA ASN D 325 42.49 -24.93 10.23
C ASN D 325 41.33 -24.50 9.36
N ALA D 326 40.33 -23.87 9.98
CA ALA D 326 39.17 -23.34 9.28
C ALA D 326 39.54 -22.45 8.12
N GLN D 327 40.56 -21.62 8.35
CA GLN D 327 41.05 -20.65 7.37
C GLN D 327 41.69 -21.31 6.17
N LYS D 328 42.26 -22.50 6.40
CA LYS D 328 43.10 -23.18 5.40
C LYS D 328 42.26 -24.14 4.58
N GLY D 329 41.11 -24.51 5.15
CA GLY D 329 40.11 -25.25 4.43
C GLY D 329 39.14 -24.28 3.81
N GLU D 330 37.90 -24.74 3.68
CA GLU D 330 36.89 -24.09 2.84
C GLU D 330 35.53 -24.40 3.45
N ILE D 331 34.65 -23.40 3.49
CA ILE D 331 33.27 -23.67 3.90
C ILE D 331 32.54 -24.57 2.89
N MET D 332 31.87 -25.61 3.40
CA MET D 332 31.15 -26.52 2.54
C MET D 332 30.11 -25.80 1.71
N PRO D 333 30.00 -26.15 0.41
CA PRO D 333 28.82 -25.74 -0.35
C PRO D 333 27.54 -26.31 0.33
N ASN D 334 26.41 -25.62 0.25
CA ASN D 334 25.16 -26.20 0.80
C ASN D 334 24.17 -26.72 -0.23
N ILE D 335 24.61 -26.80 -1.47
CA ILE D 335 23.78 -27.22 -2.59
C ILE D 335 23.31 -28.66 -2.44
N PRO D 336 22.24 -29.02 -3.18
CA PRO D 336 21.64 -30.33 -2.98
C PRO D 336 22.56 -31.50 -3.37
N GLN D 337 23.42 -31.29 -4.35
CA GLN D 337 24.33 -32.33 -4.84
C GLN D 337 25.36 -32.78 -3.80
N MET D 338 25.38 -32.13 -2.64
CA MET D 338 26.28 -32.46 -1.55
C MET D 338 26.00 -33.86 -1.04
N SER D 339 24.73 -34.23 -1.02
CA SER D 339 24.39 -35.59 -0.68
C SER D 339 25.14 -36.62 -1.52
N ALA D 340 25.15 -36.41 -2.84
CA ALA D 340 25.78 -37.31 -3.81
C ALA D 340 27.33 -37.28 -3.76
N PHE D 341 27.89 -36.12 -3.48
CA PHE D 341 29.32 -35.98 -3.34
C PHE D 341 29.81 -36.74 -2.12
N TRP D 342 29.11 -36.65 -1.00
CA TRP D 342 29.60 -37.29 0.21
C TRP D 342 29.51 -38.78 0.14
N TYR D 343 28.39 -39.29 -0.39
CA TYR D 343 28.21 -40.71 -0.60
C TYR D 343 29.24 -41.27 -1.59
N ALA D 344 29.57 -40.53 -2.64
CA ALA D 344 30.55 -40.98 -3.59
C ALA D 344 31.95 -41.12 -2.98
N VAL D 345 32.38 -40.11 -2.24
CA VAL D 345 33.67 -40.13 -1.57
C VAL D 345 33.78 -41.15 -0.43
N ARG D 346 32.72 -41.31 0.38
CA ARG D 346 32.63 -42.39 1.38
C ARG D 346 32.91 -43.75 0.73
N THR D 347 32.25 -44.03 -0.37
CA THR D 347 32.47 -45.26 -1.11
C THR D 347 33.91 -45.40 -1.57
N ALA D 348 34.46 -44.36 -2.15
CA ALA D 348 35.76 -44.41 -2.78
C ALA D 348 36.81 -44.73 -1.72
N VAL D 349 36.79 -43.95 -0.65
CA VAL D 349 37.68 -44.13 0.46
C VAL D 349 37.57 -45.54 1.04
N ILE D 350 36.39 -46.05 1.29
CA ILE D 350 36.37 -47.38 1.92
C ILE D 350 36.89 -48.47 0.96
N ASN D 351 36.51 -48.38 -0.29
CA ASN D 351 36.93 -49.32 -1.29
C ASN D 351 38.44 -49.35 -1.46
N ALA D 352 39.05 -48.17 -1.41
CA ALA D 352 40.48 -48.01 -1.64
C ALA D 352 41.18 -48.56 -0.44
N ALA D 353 40.60 -48.25 0.71
CA ALA D 353 41.05 -48.67 2.03
C ALA D 353 41.01 -50.18 2.24
N SER D 354 39.95 -50.85 1.83
CA SER D 354 39.86 -52.27 2.11
C SER D 354 40.68 -53.07 1.15
N GLY D 355 41.07 -52.43 0.05
CA GLY D 355 41.80 -53.08 -1.03
C GLY D 355 40.92 -53.53 -2.16
N ARG D 356 39.60 -53.34 -2.03
CA ARG D 356 38.63 -53.72 -3.09
C ARG D 356 38.93 -53.06 -4.44
N GLN D 357 39.45 -51.84 -4.43
CA GLN D 357 39.69 -51.10 -5.65
C GLN D 357 40.92 -50.28 -5.42
N THR D 358 41.75 -50.14 -6.44
CA THR D 358 42.88 -49.23 -6.40
C THR D 358 42.36 -47.81 -6.23
N VAL D 359 43.27 -46.91 -5.89
CA VAL D 359 43.01 -45.48 -5.86
C VAL D 359 42.40 -44.93 -7.19
N ASP D 360 43.01 -45.25 -8.34
CA ASP D 360 42.44 -44.81 -9.63
C ASP D 360 40.97 -45.20 -9.82
N GLU D 361 40.70 -46.50 -9.78
CA GLU D 361 39.36 -47.08 -9.90
C GLU D 361 38.32 -46.41 -9.00
N ALA D 362 38.64 -46.33 -7.70
CA ALA D 362 37.73 -45.81 -6.68
C ALA D 362 37.37 -44.37 -6.95
N LEU D 363 38.40 -43.57 -7.19
CA LEU D 363 38.24 -42.15 -7.43
C LEU D 363 37.56 -41.85 -8.75
N LYS D 364 37.78 -42.70 -9.77
CA LYS D 364 37.02 -42.62 -11.03
C LYS D 364 35.51 -42.83 -10.85
N ASP D 365 35.14 -43.86 -10.08
CA ASP D 365 33.74 -44.11 -9.78
C ASP D 365 33.08 -42.99 -9.00
N ALA D 366 33.78 -42.47 -7.99
CA ALA D 366 33.27 -41.32 -7.26
C ALA D 366 33.13 -40.11 -8.18
N GLN D 367 34.12 -39.93 -9.03
CA GLN D 367 34.08 -38.94 -10.09
C GLN D 367 32.74 -39.07 -10.81
N THR D 368 32.54 -40.24 -11.42
CA THR D 368 31.35 -40.57 -12.17
C THR D 368 30.03 -40.37 -11.39
N ASN D 369 29.99 -40.79 -10.13
CA ASN D 369 28.81 -40.65 -9.29
C ASN D 369 28.52 -39.23 -8.82
N ALA D 370 29.56 -38.57 -8.30
CA ALA D 370 29.48 -37.22 -7.78
C ALA D 370 28.95 -36.24 -8.80
N ALA D 371 29.49 -36.25 -10.01
CA ALA D 371 29.01 -35.37 -11.06
C ALA D 371 27.68 -35.77 -11.65
N ALA D 372 27.15 -36.92 -11.26
CA ALA D 372 25.90 -37.50 -11.81
C ALA D 372 25.98 -37.67 -13.33
N GLU D 373 27.13 -38.18 -13.78
CA GLU D 373 27.48 -38.27 -15.19
C GLU D 373 26.51 -39.12 -16.00
N PHE D 374 26.01 -40.19 -15.38
CA PHE D 374 25.01 -41.06 -15.95
C PHE D 374 23.80 -40.24 -16.36
N ALA D 375 23.28 -39.45 -15.44
CA ALA D 375 22.21 -38.54 -15.77
C ALA D 375 22.56 -37.57 -16.93
N ALA D 376 23.77 -37.00 -16.95
CA ALA D 376 24.09 -35.99 -17.96
C ALA D 376 24.05 -36.57 -19.36
N LEU D 377 24.36 -37.87 -19.42
CA LEU D 377 24.52 -38.62 -20.65
C LEU D 377 23.17 -39.12 -21.11
N LEU D 378 22.35 -39.50 -20.15
CA LEU D 378 20.97 -39.89 -20.44
C LEU D 378 20.19 -38.66 -20.87
N HIS D 379 20.45 -37.55 -20.21
CA HIS D 379 19.77 -36.33 -20.53
C HIS D 379 20.05 -35.91 -21.96
N SER D 380 21.30 -35.97 -22.39
CA SER D 380 21.61 -35.50 -23.71
C SER D 380 21.00 -36.39 -24.78
N LEU D 381 20.84 -37.69 -24.46
CA LEU D 381 20.24 -38.64 -25.35
C LEU D 381 18.78 -38.27 -25.55
N LEU D 382 18.13 -38.01 -24.42
CA LEU D 382 16.74 -37.60 -24.41
C LEU D 382 16.60 -36.24 -25.10
N GLU D 383 17.52 -35.30 -24.92
CA GLU D 383 17.38 -34.05 -25.68
C GLU D 383 17.36 -34.37 -27.14
N ALA D 384 18.42 -35.02 -27.63
CA ALA D 384 18.55 -35.40 -29.02
C ALA D 384 17.26 -35.96 -29.55
N ASN D 385 16.64 -36.87 -28.77
CA ASN D 385 15.62 -37.74 -29.31
C ASN D 385 14.38 -36.91 -29.52
N CYS D 386 14.32 -35.81 -28.77
CA CYS D 386 13.17 -34.94 -28.65
C CYS D 386 13.20 -33.86 -29.71
N SER D 387 14.41 -33.56 -30.12
CA SER D 387 14.65 -32.71 -31.24
C SER D 387 14.31 -33.51 -32.47
N LEU D 388 14.59 -34.82 -32.45
CA LEU D 388 14.42 -35.64 -33.63
C LEU D 388 12.95 -35.83 -33.92
N ALA D 389 12.19 -35.88 -32.84
CA ALA D 389 10.77 -36.11 -32.95
C ALA D 389 10.19 -34.83 -33.45
N LEU D 390 10.75 -33.71 -33.01
CA LEU D 390 10.37 -32.41 -33.59
C LEU D 390 10.71 -32.32 -35.08
N ALA D 391 11.90 -32.77 -35.43
CA ALA D 391 12.31 -32.85 -36.82
C ALA D 391 11.31 -33.58 -37.70
N GLU D 392 10.97 -34.82 -37.34
CA GLU D 392 10.11 -35.65 -38.20
C GLU D 392 8.75 -35.02 -38.34
N GLU D 393 8.23 -34.50 -37.24
CA GLU D 393 6.92 -33.87 -37.22
C GLU D 393 6.88 -32.67 -38.19
N LEU D 394 7.85 -31.76 -38.10
CA LEU D 394 7.88 -30.63 -38.98
C LEU D 394 8.07 -31.02 -40.43
N LEU D 395 8.82 -32.08 -40.65
CA LEU D 395 9.14 -32.53 -42.01
C LEU D 395 7.89 -32.99 -42.73
N LEU D 396 7.03 -33.68 -42.01
CA LEU D 396 5.76 -34.15 -42.51
C LEU D 396 4.78 -32.98 -42.67
N ASP D 397 4.53 -32.27 -41.56
CA ASP D 397 3.61 -31.13 -41.55
C ASP D 397 3.94 -29.99 -42.55
N GLY D 398 4.93 -30.18 -43.42
CA GLY D 398 5.33 -29.14 -44.35
C GLY D 398 5.30 -29.67 -45.77
N TRP D 399 6.22 -30.59 -46.06
CA TRP D 399 6.41 -31.12 -47.43
C TRP D 399 5.77 -32.52 -47.59
N GLY D 400 5.20 -33.04 -46.49
CA GLY D 400 4.30 -34.19 -46.57
C GLY D 400 3.08 -33.69 -47.35
N PRO D 401 2.29 -34.63 -47.94
CA PRO D 401 1.00 -34.18 -48.57
C PRO D 401 0.11 -33.28 -47.62
N PRO D 402 -0.76 -32.42 -48.22
CA PRO D 402 -1.49 -31.37 -47.47
C PRO D 402 -2.15 -31.83 -46.18
N PRO D 408 -4.84 -26.28 -37.71
CA PRO D 408 -4.54 -25.13 -36.79
C PRO D 408 -3.02 -24.54 -36.72
N TYR D 409 -2.88 -23.23 -36.46
CA TYR D 409 -1.61 -22.45 -36.31
C TYR D 409 -1.02 -22.42 -34.88
N SER D 410 -1.55 -23.27 -34.01
CA SER D 410 -1.73 -23.01 -32.61
C SER D 410 -1.40 -24.24 -31.76
N TYR D 411 -0.19 -24.77 -31.90
CA TYR D 411 0.24 -25.93 -31.12
C TYR D 411 0.97 -25.56 -29.83
N CYS D 412 1.06 -26.53 -28.95
CA CYS D 412 2.10 -26.56 -27.92
C CYS D 412 3.34 -27.17 -28.57
N ASN D 413 4.48 -26.53 -28.38
CA ASN D 413 5.68 -26.93 -29.11
C ASN D 413 6.42 -28.02 -28.32
N THR D 414 6.99 -28.98 -29.07
CA THR D 414 7.81 -30.02 -28.47
C THR D 414 8.70 -29.46 -27.34
N THR D 415 8.69 -30.12 -26.18
CA THR D 415 9.38 -29.66 -24.96
C THR D 415 9.88 -30.89 -24.20
N LEU D 416 10.98 -30.70 -23.49
CA LEU D 416 11.48 -31.74 -22.61
C LEU D 416 11.39 -31.20 -21.18
N ASP D 417 10.60 -31.90 -20.34
CA ASP D 417 10.40 -31.45 -18.96
C ASP D 417 11.59 -31.83 -18.17
N GLN D 418 11.58 -31.50 -16.88
CA GLN D 418 12.78 -31.68 -16.06
C GLN D 418 13.02 -33.12 -15.62
N ILE D 419 12.23 -34.05 -16.17
CA ILE D 419 12.32 -35.44 -15.78
C ILE D 419 12.75 -36.29 -16.96
N GLY D 420 12.74 -35.69 -18.14
CA GLY D 420 13.25 -36.36 -19.31
C GLY D 420 12.17 -36.93 -20.21
N THR D 421 10.90 -36.59 -19.94
CA THR D 421 9.79 -36.90 -20.87
C THR D 421 9.74 -35.78 -21.92
N CYS D 422 9.66 -36.22 -23.16
CA CYS D 422 9.63 -35.31 -24.27
C CYS D 422 8.17 -35.24 -24.59
N TRP D 423 7.58 -34.06 -24.44
CA TRP D 423 6.21 -33.85 -24.82
C TRP D 423 6.16 -33.37 -26.26
N PRO D 424 5.45 -34.13 -27.12
CA PRO D 424 5.36 -33.78 -28.53
C PRO D 424 4.43 -32.62 -28.78
N ARG D 425 4.72 -31.94 -29.87
CA ARG D 425 3.84 -30.97 -30.43
C ARG D 425 2.39 -31.47 -30.41
N SER D 426 1.52 -30.70 -29.78
CA SER D 426 0.15 -31.10 -29.61
C SER D 426 -0.79 -29.96 -29.84
N ALA D 427 -2.02 -30.33 -30.16
CA ALA D 427 -3.07 -29.38 -30.43
C ALA D 427 -3.58 -28.71 -29.13
N ALA D 428 -3.93 -27.43 -29.23
CA ALA D 428 -4.51 -26.67 -28.11
C ALA D 428 -5.74 -27.43 -27.65
N GLY D 429 -5.80 -27.78 -26.37
CA GLY D 429 -6.91 -28.55 -25.86
C GLY D 429 -6.58 -30.00 -25.62
N ALA D 430 -5.45 -30.44 -26.15
CA ALA D 430 -5.07 -31.81 -25.99
C ALA D 430 -4.64 -32.13 -24.56
N LEU D 431 -5.09 -33.27 -24.06
CA LEU D 431 -4.47 -33.84 -22.90
C LEU D 431 -3.58 -34.95 -23.44
N VAL D 432 -2.31 -34.93 -23.08
CA VAL D 432 -1.34 -35.76 -23.79
C VAL D 432 -0.77 -36.76 -22.82
N GLU D 433 -0.67 -38.01 -23.24
CA GLU D 433 -0.06 -39.01 -22.42
C GLU D 433 1.26 -39.39 -23.04
N ARG D 434 2.25 -39.64 -22.20
CA ARG D 434 3.54 -40.15 -22.66
C ARG D 434 3.94 -41.16 -21.61
N PRO D 435 4.63 -42.25 -22.01
CA PRO D 435 4.93 -43.23 -20.96
C PRO D 435 5.83 -42.61 -19.90
N CYS D 436 5.79 -43.13 -18.69
CA CYS D 436 6.71 -42.71 -17.64
C CYS D 436 8.19 -42.93 -18.03
N PRO D 437 9.11 -42.07 -17.55
CA PRO D 437 10.55 -42.33 -17.62
C PRO D 437 10.87 -43.76 -17.29
N GLU D 438 11.85 -44.32 -18.00
CA GLU D 438 12.34 -45.65 -17.67
C GLU D 438 13.34 -45.53 -16.54
N TYR D 439 13.92 -44.35 -16.42
CA TYR D 439 14.88 -44.12 -15.38
C TYR D 439 14.77 -42.70 -14.93
N PHE D 440 14.96 -42.53 -13.64
CA PHE D 440 15.02 -41.21 -13.08
C PHE D 440 15.68 -41.24 -11.68
N ASN D 441 16.62 -40.36 -11.47
CA ASN D 441 17.46 -40.46 -10.33
C ASN D 441 17.90 -41.67 -9.58
N GLY D 442 18.40 -42.63 -10.32
CA GLY D 442 18.77 -43.92 -9.72
C GLY D 442 17.66 -44.94 -9.63
N VAL D 443 16.46 -44.55 -10.03
CA VAL D 443 15.35 -45.43 -9.88
C VAL D 443 14.72 -45.70 -11.25
N LYS D 444 14.44 -46.99 -11.47
CA LYS D 444 13.65 -47.52 -12.59
C LYS D 444 12.14 -47.47 -12.29
N TYR D 445 11.35 -47.04 -13.29
CA TYR D 445 9.88 -46.88 -13.16
C TYR D 445 9.16 -47.84 -14.10
N ASN D 446 7.95 -48.26 -13.76
CA ASN D 446 7.19 -49.06 -14.70
C ASN D 446 6.70 -48.20 -15.87
N THR D 447 7.35 -48.32 -17.03
CA THR D 447 7.01 -47.54 -18.23
C THR D 447 5.66 -47.79 -18.93
N THR D 448 4.88 -48.78 -18.48
CA THR D 448 3.58 -49.03 -19.10
C THR D 448 2.47 -48.29 -18.34
N ARG D 449 2.90 -47.33 -17.53
CA ARG D 449 2.01 -46.31 -16.97
C ARG D 449 2.42 -44.99 -17.57
N ASN D 450 1.57 -43.99 -17.43
CA ASN D 450 1.69 -42.76 -18.19
C ASN D 450 1.81 -41.54 -17.36
N ALA D 451 2.50 -40.55 -17.92
CA ALA D 451 2.46 -39.20 -17.39
C ALA D 451 1.43 -38.52 -18.22
N TYR D 452 0.84 -37.45 -17.68
CA TYR D 452 -0.14 -36.64 -18.40
C TYR D 452 0.17 -35.13 -18.34
N ARG D 453 0.10 -34.45 -19.48
CA ARG D 453 0.26 -33.00 -19.50
C ARG D 453 -0.73 -32.34 -20.44
N GLU D 454 -1.33 -31.25 -19.98
CA GLU D 454 -2.34 -30.60 -20.76
C GLU D 454 -1.81 -29.44 -21.65
N CYS D 455 -2.16 -29.51 -22.93
CA CYS D 455 -1.94 -28.45 -23.85
C CYS D 455 -3.15 -27.55 -23.74
N LEU D 456 -2.91 -26.36 -23.18
CA LEU D 456 -4.00 -25.45 -22.86
C LEU D 456 -4.66 -24.92 -24.13
N GLU D 457 -5.90 -24.45 -24.01
CA GLU D 457 -6.61 -23.92 -25.16
C GLU D 457 -5.92 -22.72 -25.80
N ASN D 458 -4.99 -22.10 -25.08
CA ASN D 458 -4.35 -20.88 -25.54
C ASN D 458 -2.99 -21.08 -26.16
N GLY D 459 -2.61 -22.36 -26.27
CA GLY D 459 -1.43 -22.75 -27.01
C GLY D 459 -0.20 -22.98 -26.16
N THR D 460 -0.34 -22.99 -24.85
CA THR D 460 0.81 -23.20 -24.02
C THR D 460 0.63 -24.46 -23.16
N TRP D 461 1.75 -25.06 -22.80
CA TRP D 461 1.73 -26.18 -21.90
C TRP D 461 1.36 -25.72 -20.52
N ALA D 462 0.45 -26.46 -19.89
CA ALA D 462 0.16 -26.27 -18.49
C ALA D 462 1.48 -26.49 -17.74
N SER D 463 1.61 -25.83 -16.59
CA SER D 463 2.92 -25.82 -15.97
C SER D 463 3.06 -27.04 -15.09
N LYS D 464 1.95 -27.54 -14.54
CA LYS D 464 2.06 -28.77 -13.77
C LYS D 464 2.01 -29.95 -14.73
N ILE D 465 2.75 -30.99 -14.37
CA ILE D 465 2.66 -32.27 -15.06
C ILE D 465 2.31 -33.34 -14.06
N ASN D 466 1.32 -34.13 -14.41
CA ASN D 466 0.84 -35.22 -13.60
C ASN D 466 1.74 -36.41 -13.74
N TYR D 467 2.61 -36.59 -12.76
CA TYR D 467 3.41 -37.80 -12.65
C TYR D 467 2.84 -38.83 -11.66
N SER D 468 1.58 -38.69 -11.26
CA SER D 468 1.02 -39.47 -10.16
C SER D 468 1.08 -41.00 -10.33
N GLN D 469 1.15 -41.49 -11.57
CA GLN D 469 1.00 -42.91 -11.90
C GLN D 469 2.31 -43.63 -12.11
N CYS D 470 3.41 -42.90 -12.00
CA CYS D 470 4.71 -43.49 -12.21
C CYS D 470 5.13 -44.18 -10.92
N GLU D 471 4.85 -45.48 -10.84
CA GLU D 471 5.21 -46.26 -9.66
C GLU D 471 6.60 -46.79 -9.95
N PRO D 472 7.55 -46.69 -8.98
CA PRO D 472 8.88 -47.29 -9.13
C PRO D 472 8.72 -48.81 -9.16
N ILE D 473 9.70 -49.55 -9.66
CA ILE D 473 9.65 -51.00 -9.40
C ILE D 473 10.90 -51.48 -8.68
N LEU D 474 10.69 -52.21 -7.58
CA LEU D 474 11.74 -52.47 -6.59
C LEU D 474 11.93 -53.95 -6.21
N ASP D 475 11.12 -54.40 -5.24
CA ASP D 475 11.09 -55.77 -4.64
C ASP D 475 10.70 -55.70 -3.16
N SER E 1 -44.88 36.94 9.75
CA SER E 1 -44.60 35.49 9.89
C SER E 1 -44.72 35.05 11.35
N GLN E 2 -45.38 35.88 12.15
CA GLN E 2 -45.51 35.68 13.59
C GLN E 2 -46.29 34.39 13.90
N ARG E 3 -47.32 34.12 13.10
CA ARG E 3 -48.10 32.88 13.23
C ARG E 3 -47.37 31.69 12.54
N GLU E 4 -46.34 31.94 11.73
CA GLU E 4 -45.65 30.85 11.00
C GLU E 4 -44.34 30.36 11.63
N ARG E 5 -43.52 31.29 12.14
CA ARG E 5 -42.28 30.90 12.79
C ARG E 5 -42.64 29.98 13.95
N ALA E 6 -43.76 30.28 14.61
CA ALA E 6 -44.17 29.50 15.76
C ALA E 6 -44.45 28.06 15.35
N GLU E 7 -44.93 27.87 14.12
CA GLU E 7 -45.29 26.57 13.56
C GLU E 7 -44.06 25.74 13.26
N GLN E 8 -42.95 26.39 12.94
CA GLN E 8 -41.67 25.70 12.78
C GLN E 8 -41.07 25.40 14.14
N ASN E 9 -41.14 26.35 15.06
CA ASN E 9 -40.62 26.16 16.41
C ASN E 9 -41.18 24.92 17.09
N ARG E 10 -42.47 24.65 16.87
CA ARG E 10 -43.11 23.43 17.34
C ARG E 10 -42.37 22.16 16.90
N ILE E 11 -41.89 22.11 15.65
CA ILE E 11 -41.10 20.98 15.12
C ILE E 11 -39.78 20.84 15.87
N ILE E 12 -39.07 21.95 15.99
CA ILE E 12 -37.80 21.99 16.71
C ILE E 12 -37.99 21.51 18.14
N PHE E 13 -38.98 22.07 18.83
CA PHE E 13 -39.43 21.60 20.15
C PHE E 13 -39.75 20.11 20.20
N ASP E 14 -40.51 19.62 19.22
CA ASP E 14 -40.91 18.19 19.12
C ASP E 14 -39.70 17.28 19.02
N SER E 15 -38.66 17.77 18.36
CA SER E 15 -37.43 17.02 18.16
C SER E 15 -36.55 17.03 19.41
N VAL E 16 -36.25 18.22 19.92
CA VAL E 16 -35.31 18.42 21.01
C VAL E 16 -35.77 17.79 22.32
N NH2 E 17 -37.00 18.01 22.74
N SER F 1 18.78 -46.04 0.50
CA SER F 1 19.21 -46.47 -0.87
C SER F 1 18.04 -46.36 -1.86
N GLN F 2 17.67 -47.44 -2.53
CA GLN F 2 16.65 -47.35 -3.59
C GLN F 2 15.18 -47.22 -3.13
N ARG F 3 14.82 -47.85 -2.01
CA ARG F 3 13.47 -47.66 -1.46
C ARG F 3 13.30 -46.20 -1.03
N GLU F 4 14.42 -45.56 -0.67
CA GLU F 4 14.42 -44.18 -0.18
C GLU F 4 14.73 -43.10 -1.23
N ARG F 5 15.51 -43.46 -2.24
CA ARG F 5 15.80 -42.54 -3.35
C ARG F 5 14.48 -42.28 -4.04
N ALA F 6 13.77 -43.37 -4.33
CA ALA F 6 12.46 -43.33 -4.98
C ALA F 6 11.48 -42.48 -4.20
N GLU F 7 11.67 -42.43 -2.88
CA GLU F 7 10.82 -41.69 -1.95
C GLU F 7 11.04 -40.18 -2.09
N GLN F 8 12.23 -39.79 -2.54
CA GLN F 8 12.49 -38.38 -2.83
C GLN F 8 11.96 -38.02 -4.21
N ASN F 9 12.15 -38.90 -5.20
CA ASN F 9 11.62 -38.69 -6.54
C ASN F 9 10.12 -38.39 -6.56
N ARG F 10 9.37 -39.08 -5.71
CA ARG F 10 7.94 -38.83 -5.51
C ARG F 10 7.64 -37.35 -5.20
N ILE F 11 8.47 -36.73 -4.34
CA ILE F 11 8.34 -35.30 -4.00
C ILE F 11 8.57 -34.42 -5.21
N ILE F 12 9.64 -34.72 -5.96
CA ILE F 12 9.97 -34.00 -7.18
C ILE F 12 8.82 -34.12 -8.17
N PHE F 13 8.39 -35.35 -8.46
CA PHE F 13 7.21 -35.64 -9.26
C PHE F 13 5.96 -34.87 -8.81
N ASP F 14 5.71 -34.85 -7.51
CA ASP F 14 4.57 -34.13 -6.92
C ASP F 14 4.60 -32.64 -7.20
N SER F 15 5.80 -32.09 -7.25
CA SER F 15 5.99 -30.67 -7.48
C SER F 15 5.89 -30.31 -8.95
N VAL F 16 6.63 -31.05 -9.78
CA VAL F 16 6.77 -30.77 -11.20
C VAL F 16 5.46 -30.95 -11.95
N NH2 F 17 4.76 -32.04 -11.72
N ARG G 3 23.87 -9.47 -50.19
CA ARG G 3 24.39 -8.10 -50.46
C ARG G 3 23.83 -7.21 -49.35
N GLU G 4 22.52 -7.04 -49.39
CA GLU G 4 21.78 -6.12 -48.53
C GLU G 4 21.12 -6.87 -47.37
N ARG G 5 21.41 -8.15 -47.26
CA ARG G 5 21.00 -8.95 -46.10
C ARG G 5 22.18 -9.69 -45.47
N ALA G 6 23.29 -9.81 -46.24
CA ALA G 6 24.61 -10.23 -45.73
C ALA G 6 25.26 -9.13 -44.87
N GLU G 7 24.88 -7.89 -45.18
CA GLU G 7 25.25 -6.70 -44.43
C GLU G 7 24.56 -6.63 -43.04
N GLN G 8 23.42 -7.32 -42.89
CA GLN G 8 22.75 -7.41 -41.59
C GLN G 8 23.38 -8.52 -40.72
N ASN G 9 23.68 -9.67 -41.32
CA ASN G 9 24.33 -10.77 -40.62
C ASN G 9 25.65 -10.36 -39.98
N ARG G 10 26.40 -9.49 -40.67
CA ARG G 10 27.64 -8.92 -40.12
C ARG G 10 27.40 -8.24 -38.77
N ILE G 11 26.27 -7.53 -38.62
CA ILE G 11 25.88 -6.92 -37.33
C ILE G 11 25.61 -7.99 -36.26
N ILE G 12 24.88 -9.04 -36.66
CA ILE G 12 24.57 -10.17 -35.78
C ILE G 12 25.85 -10.90 -35.36
N PHE G 13 26.71 -11.22 -36.34
CA PHE G 13 28.02 -11.82 -36.07
C PHE G 13 28.84 -10.96 -35.10
N ASP G 14 28.80 -9.64 -35.30
CA ASP G 14 29.54 -8.67 -34.49
C ASP G 14 29.10 -8.66 -33.03
N SER G 15 27.80 -8.85 -32.82
CA SER G 15 27.24 -8.87 -31.47
C SER G 15 27.44 -10.21 -30.76
N VAL G 16 27.16 -11.30 -31.47
CA VAL G 16 27.18 -12.68 -30.94
C VAL G 16 28.59 -13.13 -30.56
N NH2 G 17 29.52 -13.01 -31.48
N GLU H 7 6.22 23.35 34.55
CA GLU H 7 7.14 22.35 33.96
C GLU H 7 6.39 21.29 33.13
N GLN H 8 5.34 20.70 33.71
CA GLN H 8 4.37 19.93 32.93
C GLN H 8 3.54 20.89 32.05
N ASN H 9 3.24 22.07 32.59
CA ASN H 9 2.52 23.11 31.85
C ASN H 9 3.20 23.50 30.54
N ARG H 10 4.53 23.48 30.53
CA ARG H 10 5.32 23.75 29.31
C ARG H 10 4.95 22.78 28.19
N ILE H 11 4.70 21.51 28.54
CA ILE H 11 4.21 20.49 27.57
C ILE H 11 2.82 20.85 27.05
N ILE H 12 1.93 21.27 27.97
CA ILE H 12 0.57 21.71 27.64
C ILE H 12 0.59 22.96 26.76
N PHE H 13 1.37 23.96 27.16
CA PHE H 13 1.57 25.19 26.37
C PHE H 13 2.08 24.88 24.95
N ASP H 14 2.99 23.91 24.86
CA ASP H 14 3.61 23.48 23.60
C ASP H 14 2.61 22.85 22.66
N SER H 15 1.68 22.08 23.21
CA SER H 15 0.64 21.41 22.41
C SER H 15 -0.51 22.36 22.00
N VAL H 16 -0.99 23.14 22.96
CA VAL H 16 -2.13 24.06 22.81
C VAL H 16 -1.86 25.22 21.85
N NH2 H 17 -0.85 26.00 22.18
C1 GLC I . 10.25 0.12 -32.55
C2 GLC I . 9.00 -0.13 -31.76
C3 GLC I . 8.73 -1.62 -31.66
C4 GLC I . 8.71 -2.24 -33.06
C5 GLC I . 10.04 -1.90 -33.75
C6 GLC I . 10.09 -2.42 -35.18
O1 GLC I . 11.35 -0.45 -31.90
O2 GLC I . 9.21 0.36 -30.47
O3 GLC I . 7.53 -1.92 -30.99
O4 GLC I . 8.60 -3.64 -32.95
O5 GLC I . 10.21 -0.51 -33.80
O6 GLC I . 11.35 -2.09 -35.69
C1 GLC I . 7.37 -4.24 -33.18
C2 GLC I . 7.17 -5.25 -32.09
C3 GLC I . 8.29 -6.26 -32.19
C4 GLC I . 8.29 -6.91 -33.59
C5 GLC I . 8.39 -5.83 -34.67
C6 GLC I . 8.19 -6.36 -36.07
O2 GLC I . 7.23 -4.59 -30.87
O3 GLC I . 8.08 -7.18 -31.16
O4 GLC I . 9.41 -7.75 -33.79
O5 GLC I . 7.42 -4.83 -34.46
O6 GLC I . 8.62 -5.40 -36.99
C1 GLC J . -1.48 3.89 29.83
C2 GLC J . -2.76 3.07 29.83
C3 GLC J . -3.92 3.91 30.34
C4 GLC J . -3.65 4.61 31.65
C5 GLC J . -2.31 5.37 31.56
C6 GLC J . -1.88 5.99 32.88
O1 GLC J . -1.56 4.86 28.82
O2 GLC J . -3.02 2.66 28.52
O3 GLC J . -5.06 3.12 30.51
O4 GLC J . -4.69 5.54 31.93
O5 GLC J . -1.26 4.55 31.07
O6 GLC J . -1.11 7.11 32.48
C1 GLC J . -5.63 5.22 32.91
C2 GLC J . -6.99 5.61 32.38
C3 GLC J . -7.07 7.10 32.10
C4 GLC J . -6.68 7.89 33.36
C5 GLC J . -5.35 7.37 33.97
C6 GLC J . -5.07 7.97 35.36
O2 GLC J . -7.26 4.92 31.18
O3 GLC J . -8.39 7.34 31.71
O4 GLC J . -6.56 9.26 33.04
O5 GLC J . -5.31 5.94 34.08
O6 GLC J . -3.73 7.73 35.74
C1 GLC K . -37.40 31.12 -10.16
C2 GLC K . -36.30 30.15 -9.71
C3 GLC K . -35.82 30.32 -8.27
C4 GLC K . -35.96 31.75 -7.69
C5 GLC K . -37.20 32.49 -8.21
C6 GLC K . -37.27 33.96 -7.75
O1 GLC K . -38.64 30.58 -9.80
O2 GLC K . -36.76 28.83 -9.94
O3 GLC K . -34.47 29.83 -8.20
O4 GLC K . -36.02 31.74 -6.27
O5 GLC K . -37.22 32.43 -9.63
O6 GLC K . -38.59 34.48 -7.80
C1 GLC K . -34.79 31.95 -5.65
C2 GLC K . -34.68 30.92 -4.53
C3 GLC K . -35.69 31.21 -3.44
C4 GLC K . -35.65 32.67 -3.02
C5 GLC K . -35.75 33.62 -4.22
C6 GLC K . -35.51 35.05 -3.76
O2 GLC K . -34.97 29.66 -5.08
O3 GLC K . -35.36 30.40 -2.35
O4 GLC K . -36.72 32.93 -2.14
O5 GLC K . -34.77 33.28 -5.19
O6 GLC K . -36.26 35.96 -4.51
C1 GLC L . 30.37 -34.32 12.71
C2 GLC L . 30.25 -32.97 12.02
C3 GLC L . 29.67 -33.03 10.60
C4 GLC L . 30.25 -34.20 9.78
C5 GLC L . 30.16 -35.49 10.57
C6 GLC L . 30.77 -36.68 9.83
O1 GLC L . 29.16 -34.56 13.34
O2 GLC L . 29.47 -32.17 12.88
O3 GLC L . 29.88 -31.77 9.94
O4 GLC L . 29.48 -34.44 8.63
O5 GLC L . 30.77 -35.36 11.84
O6 GLC L . 30.62 -37.83 10.65
C1 GLC L . 29.96 -33.90 7.42
C2 GLC L . 28.76 -33.30 6.70
C3 GLC L . 27.85 -34.42 6.22
C4 GLC L . 28.60 -35.46 5.42
C5 GLC L . 29.68 -36.02 6.33
C6 GLC L . 30.39 -37.19 5.65
O2 GLC L . 28.02 -32.50 7.61
O3 GLC L . 26.81 -33.89 5.47
O4 GLC L . 27.73 -36.50 5.06
O5 GLC L . 30.54 -34.94 6.65
O6 GLC L . 31.43 -37.68 6.46
#